data_7UQT
#
_entry.id   7UQT
#
_entity_poly.entity_id   1
_entity_poly.type   'polypeptide(L)'
_entity_poly.pdbx_seq_one_letter_code
;MRGSHHHHHHGSKRKVQDEVPWSDSLTAYDNEHFTIYMRLLDASADDASEDEMAQLVLGIDPMREPERARMAVRSHLDRA
NWMVTTGYKELFAR
;
_entity_poly.pdbx_strand_id   A
#
# COMPACT_ATOMS: atom_id res chain seq x y z
N GLY A 11 -10.85 -1.64 -20.50
CA GLY A 11 -11.88 -1.50 -19.48
C GLY A 11 -12.35 -0.08 -19.42
N SER A 12 -13.41 0.18 -18.68
CA SER A 12 -13.96 1.51 -18.53
C SER A 12 -13.18 2.29 -17.49
N LYS A 13 -12.49 1.59 -16.64
CA LYS A 13 -11.63 2.19 -15.65
C LYS A 13 -10.26 1.60 -15.83
N ARG A 14 -9.24 2.30 -15.44
CA ARG A 14 -7.92 1.76 -15.56
C ARG A 14 -7.51 1.04 -14.31
N LYS A 15 -7.24 -0.22 -14.44
CA LYS A 15 -6.72 -0.99 -13.38
C LYS A 15 -5.24 -1.10 -13.64
N VAL A 16 -4.48 -0.26 -13.00
CA VAL A 16 -3.06 -0.20 -13.23
C VAL A 16 -2.38 -1.34 -12.49
N GLN A 17 -2.98 -1.65 -11.38
CA GLN A 17 -2.55 -2.70 -10.50
C GLN A 17 -3.59 -2.77 -9.42
N ASP A 18 -3.54 -1.80 -8.52
CA ASP A 18 -4.55 -1.58 -7.47
C ASP A 18 -4.70 -2.80 -6.54
N GLU A 19 -3.69 -3.64 -6.49
CA GLU A 19 -3.67 -4.79 -5.63
C GLU A 19 -2.24 -5.19 -5.37
N VAL A 20 -2.03 -6.00 -4.39
CA VAL A 20 -0.70 -6.46 -4.08
C VAL A 20 -0.60 -7.95 -4.47
N PRO A 21 0.49 -8.36 -5.12
CA PRO A 21 0.71 -9.76 -5.45
C PRO A 21 0.90 -10.59 -4.18
N TRP A 22 -0.08 -11.39 -3.86
CA TRP A 22 -0.10 -12.11 -2.63
C TRP A 22 -0.55 -13.53 -2.87
N SER A 23 -1.72 -13.66 -3.46
CA SER A 23 -2.36 -14.92 -3.67
C SER A 23 -1.55 -15.87 -4.57
N ASP A 24 -1.11 -15.38 -5.71
CA ASP A 24 -0.41 -16.24 -6.66
C ASP A 24 1.05 -16.38 -6.27
N SER A 25 1.68 -15.25 -6.03
CA SER A 25 3.09 -15.15 -5.65
C SER A 25 3.43 -13.67 -5.72
N LEU A 26 4.63 -13.28 -5.35
CA LEU A 26 5.05 -11.91 -5.50
C LEU A 26 5.44 -11.78 -6.98
N THR A 27 5.09 -10.71 -7.62
CA THR A 27 5.28 -10.62 -9.05
C THR A 27 6.31 -9.59 -9.45
N ALA A 28 6.82 -9.75 -10.66
CA ALA A 28 7.90 -8.95 -11.18
C ALA A 28 7.55 -7.48 -11.30
N TYR A 29 6.32 -7.19 -11.71
CA TYR A 29 5.93 -5.81 -11.97
C TYR A 29 5.86 -5.01 -10.68
N ASP A 30 5.24 -5.58 -9.68
CA ASP A 30 5.08 -4.88 -8.44
C ASP A 30 6.36 -4.88 -7.64
N ASN A 31 7.20 -5.88 -7.90
CA ASN A 31 8.49 -6.00 -7.23
C ASN A 31 9.39 -4.77 -7.52
N GLU A 32 9.04 -4.03 -8.58
CA GLU A 32 9.79 -2.85 -9.00
C GLU A 32 9.29 -1.65 -8.21
N HIS A 33 8.18 -1.84 -7.52
CA HIS A 33 7.51 -0.79 -6.81
C HIS A 33 7.84 -0.82 -5.34
N PHE A 34 8.45 -1.89 -4.86
CA PHE A 34 8.70 -2.07 -3.44
C PHE A 34 9.44 -0.95 -2.72
N THR A 35 10.14 -0.14 -3.46
CA THR A 35 10.77 1.02 -2.91
C THR A 35 9.70 2.00 -2.36
N ILE A 36 8.56 2.10 -3.06
CA ILE A 36 7.48 2.99 -2.63
C ILE A 36 6.72 2.40 -1.45
N TYR A 37 6.81 1.09 -1.28
CA TYR A 37 6.19 0.39 -0.16
C TYR A 37 6.75 0.89 1.16
N MET A 38 8.04 1.09 1.16
CA MET A 38 8.76 1.62 2.30
C MET A 38 8.32 3.08 2.56
N ARG A 39 7.85 3.72 1.53
CA ARG A 39 7.36 5.08 1.63
C ARG A 39 5.93 5.06 2.21
N LEU A 40 5.15 4.06 1.81
CA LEU A 40 3.75 3.94 2.19
C LEU A 40 3.55 3.64 3.68
N LEU A 41 4.29 2.67 4.21
CA LEU A 41 4.11 2.25 5.61
C LEU A 41 4.46 3.36 6.59
N ASP A 42 5.35 4.24 6.15
CA ASP A 42 5.75 5.39 6.94
C ASP A 42 4.53 6.26 7.26
N ALA A 43 3.61 6.36 6.30
CA ALA A 43 2.40 7.14 6.46
C ALA A 43 1.43 6.44 7.41
N SER A 44 1.37 5.11 7.36
CA SER A 44 0.49 4.38 8.25
C SER A 44 0.99 4.43 9.69
N ALA A 45 2.32 4.51 9.84
CA ALA A 45 2.97 4.62 11.17
C ALA A 45 2.77 6.02 11.75
N ASP A 46 2.28 6.92 10.92
CA ASP A 46 1.99 8.28 11.34
C ASP A 46 0.54 8.32 11.85
N ASP A 47 -0.11 7.16 11.78
CA ASP A 47 -1.51 6.91 12.20
C ASP A 47 -2.47 7.65 11.27
N ALA A 48 -2.06 7.78 10.04
CA ALA A 48 -2.86 8.41 9.04
C ALA A 48 -3.94 7.44 8.56
N SER A 49 -5.08 7.98 8.18
CA SER A 49 -6.16 7.17 7.66
C SER A 49 -5.87 6.84 6.20
N GLU A 50 -6.58 5.89 5.64
CA GLU A 50 -6.36 5.48 4.26
C GLU A 50 -6.59 6.62 3.29
N ASP A 51 -7.65 7.38 3.54
CA ASP A 51 -8.00 8.56 2.73
C ASP A 51 -6.85 9.55 2.70
N GLU A 52 -6.28 9.79 3.88
CA GLU A 52 -5.18 10.68 4.07
C GLU A 52 -3.97 10.20 3.32
N MET A 53 -3.62 8.96 3.56
CA MET A 53 -2.42 8.39 2.99
C MET A 53 -2.51 8.33 1.50
N ALA A 54 -3.59 7.76 1.00
CA ALA A 54 -3.81 7.61 -0.43
C ALA A 54 -3.64 8.90 -1.18
N GLN A 55 -4.06 9.98 -0.58
CA GLN A 55 -3.98 11.28 -1.19
C GLN A 55 -2.54 11.80 -1.20
N LEU A 56 -1.77 11.37 -0.26
CA LEU A 56 -0.42 11.86 -0.10
C LEU A 56 0.58 10.96 -0.80
N VAL A 57 0.56 9.69 -0.44
CA VAL A 57 1.49 8.72 -0.95
C VAL A 57 1.11 8.20 -2.33
N LEU A 58 -0.17 7.92 -2.56
CA LEU A 58 -0.60 7.48 -3.89
C LEU A 58 -1.08 8.66 -4.73
N GLY A 59 -1.22 9.83 -4.10
CA GLY A 59 -1.64 11.02 -4.84
C GLY A 59 -3.11 10.96 -5.24
N ILE A 60 -3.85 10.13 -4.58
CA ILE A 60 -5.20 9.87 -4.94
C ILE A 60 -6.14 10.51 -3.97
N ASP A 61 -6.85 11.52 -4.40
CA ASP A 61 -7.81 12.12 -3.57
C ASP A 61 -9.00 11.22 -3.47
N PRO A 62 -9.47 10.98 -2.26
CA PRO A 62 -10.59 10.08 -2.02
C PRO A 62 -11.93 10.67 -2.44
N MET A 63 -11.90 11.87 -2.95
CA MET A 63 -13.07 12.47 -3.55
C MET A 63 -13.14 12.00 -4.98
N ARG A 64 -11.98 11.86 -5.58
CA ARG A 64 -11.83 11.45 -6.96
C ARG A 64 -12.06 9.96 -7.06
N GLU A 65 -11.25 9.21 -6.34
CA GLU A 65 -11.26 7.76 -6.42
C GLU A 65 -11.02 7.14 -5.04
N PRO A 66 -12.04 7.13 -4.16
CA PRO A 66 -11.90 6.56 -2.80
C PRO A 66 -11.70 5.05 -2.81
N GLU A 67 -12.24 4.38 -3.83
CA GLU A 67 -12.19 2.95 -3.91
C GLU A 67 -10.76 2.47 -4.07
N ARG A 68 -10.06 2.93 -5.10
CA ARG A 68 -8.70 2.46 -5.30
C ARG A 68 -7.77 3.06 -4.28
N ALA A 69 -8.15 4.22 -3.75
CA ALA A 69 -7.38 4.91 -2.72
C ALA A 69 -7.15 4.00 -1.53
N ARG A 70 -8.22 3.43 -1.02
CA ARG A 70 -8.10 2.56 0.12
C ARG A 70 -7.48 1.23 -0.27
N MET A 71 -7.70 0.81 -1.52
CA MET A 71 -7.15 -0.45 -2.03
C MET A 71 -5.65 -0.39 -2.06
N ALA A 72 -5.13 0.63 -2.69
CA ALA A 72 -3.71 0.80 -2.85
C ALA A 72 -3.03 1.08 -1.53
N VAL A 73 -3.72 1.70 -0.63
CA VAL A 73 -3.16 1.93 0.67
C VAL A 73 -3.09 0.65 1.48
N ARG A 74 -4.24 0.04 1.73
CA ARG A 74 -4.31 -1.13 2.60
C ARG A 74 -3.54 -2.32 2.04
N SER A 75 -3.73 -2.59 0.77
CA SER A 75 -3.10 -3.73 0.13
C SER A 75 -1.60 -3.56 0.02
N HIS A 76 -1.16 -2.38 -0.32
CA HIS A 76 0.26 -2.19 -0.50
C HIS A 76 0.96 -2.09 0.85
N LEU A 77 0.31 -1.47 1.86
CA LEU A 77 0.90 -1.42 3.19
C LEU A 77 1.03 -2.83 3.71
N ASP A 78 0.09 -3.70 3.31
CA ASP A 78 0.15 -5.10 3.69
C ASP A 78 1.50 -5.70 3.35
N ARG A 79 1.98 -5.53 2.15
CA ARG A 79 3.28 -6.15 1.88
C ARG A 79 4.40 -5.31 2.45
N ALA A 80 4.21 -4.01 2.55
CA ALA A 80 5.22 -3.11 3.09
C ALA A 80 5.54 -3.47 4.54
N ASN A 81 4.53 -3.59 5.36
CA ASN A 81 4.71 -3.93 6.78
C ASN A 81 5.08 -5.38 6.95
N TRP A 82 4.46 -6.26 6.19
CA TRP A 82 4.72 -7.70 6.27
C TRP A 82 6.15 -8.06 5.84
N MET A 83 6.74 -7.24 4.98
CA MET A 83 8.12 -7.44 4.53
C MET A 83 9.13 -7.26 5.70
N VAL A 84 8.71 -6.57 6.75
CA VAL A 84 9.54 -6.46 7.94
C VAL A 84 9.08 -7.44 9.02
N THR A 85 9.60 -8.65 8.94
CA THR A 85 9.20 -9.79 9.76
C THR A 85 9.10 -9.48 11.28
N THR A 86 10.05 -8.75 11.80
CA THR A 86 10.06 -8.44 13.20
C THR A 86 9.67 -6.94 13.42
N GLY A 87 9.05 -6.37 12.42
CA GLY A 87 8.60 -4.99 12.52
C GLY A 87 7.19 -4.91 13.06
N TYR A 88 6.32 -5.71 12.51
CA TYR A 88 4.93 -5.74 12.93
C TYR A 88 4.74 -6.66 14.14
N LYS A 89 4.96 -6.12 15.31
CA LYS A 89 4.80 -6.89 16.52
C LYS A 89 3.35 -6.91 16.95
N GLU A 90 2.57 -7.59 16.17
CA GLU A 90 1.19 -7.80 16.41
C GLU A 90 0.91 -9.22 16.01
N LEU A 91 1.28 -9.56 14.78
CA LEU A 91 1.23 -10.93 14.34
C LEU A 91 2.41 -11.66 14.97
N PHE A 92 3.56 -11.00 14.95
CA PHE A 92 4.71 -11.48 15.66
C PHE A 92 4.72 -10.84 17.03
N ALA A 93 3.88 -11.34 17.88
CA ALA A 93 3.74 -10.82 19.20
C ALA A 93 3.67 -11.95 20.17
N ARG A 94 4.77 -12.20 20.80
CA ARG A 94 4.89 -13.18 21.83
C ARG A 94 5.62 -12.55 22.97
N GLY A 11 0.67 -14.58 -12.56
CA GLY A 11 -0.41 -13.63 -12.63
C GLY A 11 0.05 -12.29 -12.22
N SER A 12 -0.88 -11.38 -11.99
CA SER A 12 -0.60 -10.03 -11.54
C SER A 12 0.17 -9.21 -12.56
N LYS A 13 -0.58 -8.72 -13.53
CA LYS A 13 -0.17 -7.74 -14.53
C LYS A 13 -1.43 -6.96 -14.84
N ARG A 14 -2.28 -6.94 -13.85
CA ARG A 14 -3.61 -6.46 -13.95
C ARG A 14 -3.68 -4.99 -13.58
N LYS A 15 -4.34 -4.19 -14.45
CA LYS A 15 -4.57 -2.76 -14.22
C LYS A 15 -3.23 -2.01 -14.05
N VAL A 16 -3.29 -0.82 -13.47
CA VAL A 16 -2.08 -0.10 -13.11
C VAL A 16 -1.39 -0.93 -12.02
N GLN A 17 -2.15 -1.20 -10.98
CA GLN A 17 -1.77 -2.09 -9.91
C GLN A 17 -2.93 -2.19 -8.93
N ASP A 18 -2.90 -1.28 -7.91
CA ASP A 18 -3.92 -1.18 -6.82
C ASP A 18 -4.31 -2.49 -6.14
N GLU A 19 -3.45 -3.48 -6.26
CA GLU A 19 -3.61 -4.76 -5.67
C GLU A 19 -2.24 -5.35 -5.42
N VAL A 20 -2.17 -6.31 -4.54
CA VAL A 20 -0.91 -6.92 -4.20
C VAL A 20 -0.92 -8.41 -4.63
N PRO A 21 0.12 -8.87 -5.36
CA PRO A 21 0.22 -10.24 -5.97
C PRO A 21 0.40 -11.40 -4.94
N TRP A 22 -0.21 -11.23 -3.79
CA TRP A 22 -0.11 -12.10 -2.62
C TRP A 22 -0.45 -13.54 -2.93
N SER A 23 -1.55 -13.72 -3.59
CA SER A 23 -2.14 -14.99 -3.84
C SER A 23 -1.56 -15.74 -5.05
N ASP A 24 -0.71 -15.11 -5.83
CA ASP A 24 -0.16 -15.82 -7.00
C ASP A 24 1.34 -16.00 -6.91
N SER A 25 2.04 -14.92 -6.64
CA SER A 25 3.49 -14.89 -6.54
C SER A 25 3.91 -13.43 -6.48
N LEU A 26 4.98 -13.11 -5.78
CA LEU A 26 5.44 -11.75 -5.76
C LEU A 26 6.12 -11.54 -7.11
N THR A 27 5.59 -10.67 -7.89
CA THR A 27 5.97 -10.56 -9.27
C THR A 27 6.91 -9.41 -9.56
N ALA A 28 7.68 -9.55 -10.64
CA ALA A 28 8.70 -8.60 -11.05
C ALA A 28 8.16 -7.19 -11.30
N TYR A 29 6.93 -7.09 -11.78
CA TYR A 29 6.35 -5.78 -12.08
C TYR A 29 6.17 -5.00 -10.76
N ASP A 30 5.69 -5.72 -9.77
CA ASP A 30 5.37 -5.16 -8.48
C ASP A 30 6.63 -4.95 -7.69
N ASN A 31 7.45 -6.00 -7.68
CA ASN A 31 8.71 -6.08 -6.93
C ASN A 31 9.63 -4.90 -7.26
N GLU A 32 9.61 -4.51 -8.51
CA GLU A 32 10.41 -3.43 -9.03
C GLU A 32 10.01 -2.07 -8.42
N HIS A 33 8.82 -2.00 -7.88
CA HIS A 33 8.29 -0.76 -7.38
C HIS A 33 8.11 -0.87 -5.86
N PHE A 34 8.58 -1.98 -5.27
CA PHE A 34 8.46 -2.24 -3.83
C PHE A 34 9.08 -1.16 -2.95
N THR A 35 9.97 -0.38 -3.52
CA THR A 35 10.56 0.74 -2.86
C THR A 35 9.47 1.69 -2.30
N ILE A 36 8.34 1.83 -3.02
CA ILE A 36 7.30 2.73 -2.58
C ILE A 36 6.50 2.18 -1.40
N TYR A 37 6.59 0.86 -1.19
CA TYR A 37 5.90 0.20 -0.09
C TYR A 37 6.37 0.73 1.26
N MET A 38 7.63 1.15 1.31
CA MET A 38 8.23 1.74 2.50
C MET A 38 7.53 3.06 2.83
N ARG A 39 7.04 3.74 1.80
CA ARG A 39 6.36 5.03 1.96
C ARG A 39 4.99 4.80 2.55
N LEU A 40 4.38 3.75 2.07
CA LEU A 40 3.03 3.37 2.43
C LEU A 40 2.96 2.97 3.89
N LEU A 41 3.91 2.15 4.31
CA LEU A 41 3.92 1.69 5.68
C LEU A 41 4.29 2.83 6.62
N ASP A 42 5.10 3.74 6.11
CA ASP A 42 5.58 4.90 6.87
C ASP A 42 4.42 5.82 7.20
N ALA A 43 3.59 6.09 6.20
CA ALA A 43 2.44 6.96 6.40
C ALA A 43 1.44 6.32 7.36
N SER A 44 1.34 5.01 7.30
CA SER A 44 0.46 4.28 8.20
C SER A 44 1.02 4.38 9.64
N ALA A 45 2.35 4.37 9.76
CA ALA A 45 3.05 4.44 11.04
C ALA A 45 2.96 5.84 11.65
N ASP A 46 2.54 6.79 10.85
CA ASP A 46 2.35 8.16 11.32
C ASP A 46 0.95 8.30 11.89
N ASP A 47 0.22 7.21 11.78
CA ASP A 47 -1.17 7.12 12.14
C ASP A 47 -1.98 8.06 11.30
N ALA A 48 -1.86 7.86 10.03
CA ALA A 48 -2.63 8.56 9.07
C ALA A 48 -3.73 7.63 8.62
N SER A 49 -4.83 8.15 8.16
CA SER A 49 -5.86 7.31 7.67
C SER A 49 -5.61 7.02 6.20
N GLU A 50 -6.27 6.01 5.69
CA GLU A 50 -6.11 5.58 4.32
C GLU A 50 -6.40 6.69 3.32
N ASP A 51 -7.42 7.47 3.61
CA ASP A 51 -7.82 8.60 2.74
C ASP A 51 -6.70 9.62 2.65
N GLU A 52 -6.09 9.91 3.81
CA GLU A 52 -4.97 10.82 3.89
C GLU A 52 -3.80 10.27 3.13
N MET A 53 -3.46 9.04 3.44
CA MET A 53 -2.30 8.40 2.89
C MET A 53 -2.38 8.27 1.41
N ALA A 54 -3.47 7.74 0.93
CA ALA A 54 -3.70 7.52 -0.50
C ALA A 54 -3.53 8.78 -1.31
N GLN A 55 -3.91 9.88 -0.75
CA GLN A 55 -3.82 11.15 -1.40
C GLN A 55 -2.37 11.65 -1.45
N LEU A 56 -1.59 11.20 -0.50
CA LEU A 56 -0.21 11.62 -0.38
C LEU A 56 0.73 10.64 -1.08
N VAL A 57 0.65 9.39 -0.68
CA VAL A 57 1.52 8.36 -1.18
C VAL A 57 1.07 7.83 -2.54
N LEU A 58 -0.20 7.46 -2.67
CA LEU A 58 -0.70 6.95 -3.95
C LEU A 58 -1.06 8.09 -4.89
N GLY A 59 -1.12 9.31 -4.34
CA GLY A 59 -1.45 10.45 -5.16
C GLY A 59 -2.87 10.41 -5.68
N ILE A 60 -3.73 9.81 -4.91
CA ILE A 60 -5.10 9.61 -5.32
C ILE A 60 -6.04 10.45 -4.54
N ASP A 61 -6.82 11.22 -5.23
CA ASP A 61 -7.78 12.10 -4.63
C ASP A 61 -8.95 11.29 -4.10
N PRO A 62 -9.22 11.35 -2.80
CA PRO A 62 -10.26 10.57 -2.19
C PRO A 62 -11.66 11.15 -2.40
N MET A 63 -11.74 12.33 -2.96
CA MET A 63 -13.05 12.90 -3.30
C MET A 63 -13.43 12.37 -4.66
N ARG A 64 -12.42 12.11 -5.44
CA ARG A 64 -12.54 11.58 -6.78
C ARG A 64 -12.92 10.10 -6.70
N GLU A 65 -12.08 9.31 -6.04
CA GLU A 65 -12.39 7.92 -5.82
C GLU A 65 -11.70 7.41 -4.56
N PRO A 66 -12.39 7.48 -3.42
CA PRO A 66 -11.85 7.04 -2.14
C PRO A 66 -11.64 5.52 -2.07
N GLU A 67 -12.41 4.76 -2.86
CA GLU A 67 -12.32 3.32 -2.79
C GLU A 67 -11.00 2.79 -3.30
N ARG A 68 -10.62 3.17 -4.52
CA ARG A 68 -9.34 2.72 -5.06
C ARG A 68 -8.20 3.26 -4.22
N ALA A 69 -8.42 4.41 -3.64
CA ALA A 69 -7.44 5.05 -2.80
C ALA A 69 -7.15 4.19 -1.57
N ARG A 70 -8.20 3.83 -0.86
CA ARG A 70 -8.05 3.04 0.34
C ARG A 70 -7.73 1.59 0.05
N MET A 71 -8.29 1.06 -1.01
CA MET A 71 -8.08 -0.34 -1.35
C MET A 71 -6.62 -0.58 -1.74
N ALA A 72 -6.01 0.43 -2.38
CA ALA A 72 -4.63 0.34 -2.76
C ALA A 72 -3.78 0.40 -1.50
N VAL A 73 -4.04 1.40 -0.67
CA VAL A 73 -3.33 1.59 0.59
C VAL A 73 -3.37 0.33 1.46
N ARG A 74 -4.57 -0.16 1.71
CA ARG A 74 -4.78 -1.30 2.60
C ARG A 74 -4.09 -2.56 2.10
N SER A 75 -4.05 -2.75 0.80
CA SER A 75 -3.49 -3.93 0.21
C SER A 75 -1.97 -3.81 0.07
N HIS A 76 -1.50 -2.63 -0.25
CA HIS A 76 -0.08 -2.42 -0.44
C HIS A 76 0.67 -2.37 0.89
N LEU A 77 0.09 -1.71 1.90
CA LEU A 77 0.73 -1.63 3.22
C LEU A 77 0.84 -3.03 3.80
N ASP A 78 -0.10 -3.87 3.41
CA ASP A 78 -0.19 -5.24 3.85
C ASP A 78 1.12 -5.96 3.52
N ARG A 79 1.66 -5.77 2.34
CA ARG A 79 2.93 -6.42 2.06
C ARG A 79 4.08 -5.66 2.68
N ALA A 80 3.94 -4.34 2.68
CA ALA A 80 4.97 -3.43 3.15
C ALA A 80 5.36 -3.69 4.61
N ASN A 81 4.37 -3.74 5.49
CA ASN A 81 4.65 -3.89 6.93
C ASN A 81 5.12 -5.30 7.25
N TRP A 82 4.59 -6.26 6.52
CA TRP A 82 4.94 -7.67 6.68
C TRP A 82 6.39 -7.92 6.25
N MET A 83 6.86 -7.11 5.33
CA MET A 83 8.20 -7.25 4.76
C MET A 83 9.30 -6.62 5.65
N VAL A 84 8.90 -5.73 6.58
CA VAL A 84 9.85 -4.95 7.42
C VAL A 84 10.89 -5.84 8.11
N THR A 85 10.43 -6.79 8.87
CA THR A 85 11.32 -7.68 9.53
C THR A 85 10.70 -9.06 9.51
N THR A 86 11.54 -10.07 9.44
CA THR A 86 11.10 -11.42 9.37
C THR A 86 10.50 -11.84 10.71
N GLY A 87 9.20 -11.77 10.76
CA GLY A 87 8.44 -12.05 11.93
C GLY A 87 7.07 -11.49 11.75
N TYR A 88 6.97 -10.45 10.92
CA TYR A 88 5.68 -9.90 10.56
C TYR A 88 4.97 -10.79 9.55
N LYS A 89 4.44 -11.86 10.06
CA LYS A 89 3.68 -12.80 9.27
C LYS A 89 2.29 -12.95 9.85
N GLU A 90 2.19 -12.70 11.15
CA GLU A 90 0.94 -12.72 11.87
C GLU A 90 1.05 -11.79 13.07
N LEU A 91 0.95 -10.52 12.80
CA LEU A 91 1.12 -9.49 13.81
C LEU A 91 -0.22 -9.00 14.31
N PHE A 92 -1.22 -9.10 13.44
CA PHE A 92 -2.59 -8.65 13.70
C PHE A 92 -2.68 -7.13 13.76
N ALA A 93 -3.46 -6.56 12.88
CA ALA A 93 -3.62 -5.13 12.87
C ALA A 93 -4.65 -4.76 13.92
N ARG A 94 -4.25 -3.95 14.86
CA ARG A 94 -5.13 -3.57 15.93
C ARG A 94 -5.76 -2.23 15.58
N GLY A 11 1.92 5.23 -21.20
CA GLY A 11 1.65 4.05 -20.40
C GLY A 11 1.02 4.47 -19.11
N SER A 12 0.99 3.61 -18.15
CA SER A 12 0.44 3.95 -16.88
C SER A 12 1.21 3.17 -15.82
N LYS A 13 1.78 3.88 -14.89
CA LYS A 13 2.58 3.27 -13.87
C LYS A 13 1.81 3.23 -12.57
N ARG A 14 1.88 2.09 -11.85
CA ARG A 14 1.19 1.88 -10.57
C ARG A 14 -0.33 1.72 -10.76
N LYS A 15 -0.97 2.76 -11.25
CA LYS A 15 -2.37 2.71 -11.57
C LYS A 15 -2.57 1.98 -12.90
N VAL A 16 -2.80 0.71 -12.78
CA VAL A 16 -2.89 -0.25 -13.88
C VAL A 16 -2.84 -1.62 -13.21
N GLN A 17 -2.17 -1.60 -12.07
CA GLN A 17 -2.03 -2.70 -11.18
C GLN A 17 -2.95 -2.43 -9.99
N ASP A 18 -2.55 -1.45 -9.16
CA ASP A 18 -3.32 -0.94 -8.02
C ASP A 18 -3.68 -2.05 -7.00
N GLU A 19 -2.87 -3.08 -6.98
CA GLU A 19 -3.03 -4.21 -6.11
C GLU A 19 -1.65 -4.68 -5.72
N VAL A 20 -1.56 -5.61 -4.82
CA VAL A 20 -0.28 -6.18 -4.46
C VAL A 20 -0.29 -7.66 -4.89
N PRO A 21 0.75 -8.14 -5.56
CA PRO A 21 0.84 -9.55 -5.92
C PRO A 21 0.97 -10.42 -4.66
N TRP A 22 -0.12 -11.06 -4.28
CA TRP A 22 -0.13 -11.80 -3.05
C TRP A 22 -0.71 -13.18 -3.26
N SER A 23 -1.97 -13.21 -3.58
CA SER A 23 -2.75 -14.41 -3.68
C SER A 23 -2.22 -15.43 -4.68
N ASP A 24 -1.67 -14.96 -5.79
CA ASP A 24 -1.20 -15.91 -6.80
C ASP A 24 0.27 -16.21 -6.62
N SER A 25 1.07 -15.16 -6.52
CA SER A 25 2.53 -15.26 -6.46
C SER A 25 3.04 -13.85 -6.24
N LEU A 26 4.32 -13.72 -6.02
CA LEU A 26 4.97 -12.43 -5.99
C LEU A 26 5.56 -12.27 -7.39
N THR A 27 5.57 -11.09 -7.97
CA THR A 27 5.97 -11.01 -9.34
C THR A 27 6.77 -9.75 -9.69
N ALA A 28 7.59 -9.90 -10.72
CA ALA A 28 8.61 -8.98 -11.18
C ALA A 28 8.13 -7.56 -11.47
N TYR A 29 6.88 -7.37 -11.89
CA TYR A 29 6.46 -6.02 -12.26
C TYR A 29 6.40 -5.12 -11.03
N ASP A 30 5.71 -5.59 -10.02
CA ASP A 30 5.58 -4.86 -8.78
C ASP A 30 6.84 -4.96 -7.95
N ASN A 31 7.64 -5.97 -8.24
CA ASN A 31 8.89 -6.20 -7.53
C ASN A 31 9.86 -5.03 -7.73
N GLU A 32 9.61 -4.24 -8.77
CA GLU A 32 10.45 -3.12 -9.12
C GLU A 32 9.88 -1.86 -8.44
N HIS A 33 8.73 -2.02 -7.82
CA HIS A 33 8.04 -0.95 -7.15
C HIS A 33 8.25 -1.03 -5.65
N PHE A 34 8.74 -2.16 -5.17
CA PHE A 34 8.87 -2.42 -3.73
C PHE A 34 9.65 -1.37 -2.92
N THR A 35 10.48 -0.59 -3.57
CA THR A 35 11.18 0.46 -2.89
C THR A 35 10.17 1.54 -2.37
N ILE A 36 9.08 1.76 -3.12
CA ILE A 36 8.10 2.78 -2.74
C ILE A 36 7.21 2.31 -1.59
N TYR A 37 7.15 1.00 -1.40
CA TYR A 37 6.39 0.37 -0.32
C TYR A 37 6.91 0.82 1.04
N MET A 38 8.22 0.94 1.11
CA MET A 38 8.93 1.42 2.30
C MET A 38 8.53 2.85 2.63
N ARG A 39 8.10 3.58 1.64
CA ARG A 39 7.59 4.92 1.85
C ARG A 39 6.15 4.85 2.38
N LEU A 40 5.33 4.07 1.69
CA LEU A 40 3.88 3.96 1.91
C LEU A 40 3.49 3.61 3.36
N LEU A 41 4.16 2.64 3.96
CA LEU A 41 3.77 2.15 5.30
C LEU A 41 3.95 3.22 6.38
N ASP A 42 4.90 4.11 6.14
CA ASP A 42 5.26 5.13 7.13
C ASP A 42 4.10 6.07 7.39
N ALA A 43 3.30 6.29 6.36
CA ALA A 43 2.13 7.13 6.47
C ALA A 43 1.09 6.49 7.42
N SER A 44 1.07 5.16 7.46
CA SER A 44 0.16 4.46 8.35
C SER A 44 0.69 4.60 9.78
N ALA A 45 2.01 4.65 9.91
CA ALA A 45 2.68 4.80 11.20
C ALA A 45 2.54 6.24 11.70
N ASP A 46 2.06 7.11 10.83
CA ASP A 46 1.82 8.51 11.18
C ASP A 46 0.39 8.64 11.71
N ASP A 47 -0.32 7.49 11.70
CA ASP A 47 -1.73 7.36 12.14
C ASP A 47 -2.63 8.12 11.17
N ALA A 48 -2.18 8.20 9.96
CA ALA A 48 -2.91 8.88 8.92
C ALA A 48 -4.08 8.00 8.48
N SER A 49 -5.18 8.62 8.16
CA SER A 49 -6.32 7.89 7.67
C SER A 49 -6.03 7.45 6.24
N GLU A 50 -6.73 6.41 5.79
CA GLU A 50 -6.60 5.86 4.43
C GLU A 50 -6.70 6.96 3.39
N ASP A 51 -7.64 7.87 3.63
CA ASP A 51 -7.96 9.01 2.77
C ASP A 51 -6.73 9.85 2.57
N GLU A 52 -6.16 10.26 3.68
CA GLU A 52 -5.01 11.11 3.70
C GLU A 52 -3.84 10.40 3.08
N MET A 53 -3.62 9.16 3.49
CA MET A 53 -2.48 8.40 3.01
C MET A 53 -2.57 8.21 1.53
N ALA A 54 -3.69 7.70 1.08
CA ALA A 54 -3.93 7.40 -0.32
C ALA A 54 -3.69 8.60 -1.19
N GLN A 55 -4.05 9.75 -0.71
CA GLN A 55 -3.92 10.98 -1.44
C GLN A 55 -2.46 11.42 -1.50
N LEU A 56 -1.71 11.02 -0.51
CA LEU A 56 -0.33 11.44 -0.39
C LEU A 56 0.60 10.43 -1.02
N VAL A 57 0.53 9.23 -0.52
CA VAL A 57 1.39 8.16 -0.91
C VAL A 57 0.99 7.48 -2.22
N LEU A 58 -0.30 7.23 -2.41
CA LEU A 58 -0.78 6.62 -3.65
C LEU A 58 -1.19 7.68 -4.66
N GLY A 59 -1.27 8.92 -4.20
CA GLY A 59 -1.65 10.01 -5.07
C GLY A 59 -3.08 9.90 -5.54
N ILE A 60 -3.91 9.32 -4.72
CA ILE A 60 -5.27 9.07 -5.08
C ILE A 60 -6.20 9.91 -4.24
N ASP A 61 -6.83 10.86 -4.88
CA ASP A 61 -7.75 11.76 -4.24
C ASP A 61 -8.99 11.01 -3.80
N PRO A 62 -9.24 10.94 -2.48
CA PRO A 62 -10.38 10.20 -1.93
C PRO A 62 -11.67 11.00 -2.09
N MET A 63 -11.54 12.19 -2.61
CA MET A 63 -12.69 13.05 -2.90
C MET A 63 -13.23 12.65 -4.25
N ARG A 64 -12.38 12.00 -5.00
CA ARG A 64 -12.71 11.56 -6.34
C ARG A 64 -13.01 10.07 -6.32
N GLU A 65 -12.05 9.28 -5.86
CA GLU A 65 -12.18 7.84 -5.87
C GLU A 65 -11.65 7.22 -4.56
N PRO A 66 -12.48 7.28 -3.49
CA PRO A 66 -12.08 6.81 -2.15
C PRO A 66 -12.04 5.31 -1.98
N GLU A 67 -12.81 4.57 -2.77
CA GLU A 67 -12.92 3.14 -2.58
C GLU A 67 -11.59 2.46 -2.91
N ARG A 68 -11.01 2.81 -4.04
CA ARG A 68 -9.73 2.24 -4.39
C ARG A 68 -8.61 2.86 -3.58
N ALA A 69 -8.85 4.07 -3.09
CA ALA A 69 -7.87 4.78 -2.27
C ALA A 69 -7.51 3.93 -1.06
N ARG A 70 -8.53 3.48 -0.34
CA ARG A 70 -8.32 2.63 0.81
C ARG A 70 -7.73 1.28 0.38
N MET A 71 -8.16 0.79 -0.79
CA MET A 71 -7.69 -0.51 -1.31
C MET A 71 -6.23 -0.49 -1.60
N ALA A 72 -5.81 0.51 -2.35
CA ALA A 72 -4.45 0.65 -2.74
C ALA A 72 -3.59 0.78 -1.50
N VAL A 73 -4.03 1.59 -0.56
CA VAL A 73 -3.30 1.78 0.68
C VAL A 73 -3.16 0.46 1.44
N ARG A 74 -4.28 -0.17 1.73
CA ARG A 74 -4.32 -1.42 2.46
C ARG A 74 -3.52 -2.54 1.80
N SER A 75 -3.59 -2.62 0.49
CA SER A 75 -2.86 -3.64 -0.27
C SER A 75 -1.35 -3.37 -0.25
N HIS A 76 -0.95 -2.15 -0.54
CA HIS A 76 0.47 -1.83 -0.61
C HIS A 76 1.13 -1.86 0.77
N LEU A 77 0.42 -1.43 1.79
CA LEU A 77 0.97 -1.44 3.14
C LEU A 77 1.13 -2.88 3.62
N ASP A 78 0.25 -3.76 3.12
CA ASP A 78 0.20 -5.15 3.52
C ASP A 78 1.54 -5.83 3.23
N ARG A 79 2.17 -5.52 2.11
CA ARG A 79 3.50 -6.12 1.84
C ARG A 79 4.57 -5.39 2.64
N ALA A 80 4.45 -4.08 2.71
CA ALA A 80 5.45 -3.22 3.34
C ALA A 80 5.67 -3.56 4.81
N ASN A 81 4.58 -3.60 5.58
CA ASN A 81 4.67 -3.81 7.03
C ASN A 81 5.00 -5.25 7.37
N TRP A 82 4.56 -6.17 6.53
CA TRP A 82 4.76 -7.60 6.73
C TRP A 82 6.23 -7.98 6.61
N MET A 83 6.98 -7.23 5.83
CA MET A 83 8.41 -7.46 5.72
C MET A 83 9.16 -6.82 6.90
N VAL A 84 8.44 -6.03 7.67
CA VAL A 84 9.01 -5.40 8.86
C VAL A 84 8.82 -6.34 10.03
N THR A 85 7.59 -6.74 10.26
CA THR A 85 7.29 -7.67 11.30
C THR A 85 6.53 -8.83 10.68
N THR A 86 6.96 -10.05 10.96
CA THR A 86 6.32 -11.24 10.42
C THR A 86 4.83 -11.24 10.77
N GLY A 87 4.53 -11.13 12.04
CA GLY A 87 3.17 -11.03 12.47
C GLY A 87 2.93 -9.62 12.94
N TYR A 88 2.65 -8.74 12.01
CA TYR A 88 2.51 -7.33 12.33
C TYR A 88 1.18 -7.12 13.05
N LYS A 89 1.19 -6.20 13.99
CA LYS A 89 0.02 -5.80 14.77
C LYS A 89 -1.07 -5.18 13.89
N GLU A 90 -2.22 -4.93 14.49
CA GLU A 90 -3.34 -4.39 13.78
C GLU A 90 -3.19 -2.89 13.55
N LEU A 91 -2.93 -2.54 12.32
CA LEU A 91 -2.85 -1.14 11.90
C LEU A 91 -4.24 -0.59 11.67
N PHE A 92 -5.16 -1.47 11.35
CA PHE A 92 -6.53 -1.10 11.07
C PHE A 92 -7.25 -0.74 12.37
N ALA A 93 -6.99 -1.52 13.41
CA ALA A 93 -7.58 -1.29 14.71
C ALA A 93 -6.79 -0.22 15.44
N ARG A 94 -7.37 0.94 15.58
CA ARG A 94 -6.73 2.05 16.24
C ARG A 94 -7.64 2.53 17.33
N GLY A 11 -6.52 -2.13 -25.33
CA GLY A 11 -7.26 -2.38 -24.10
C GLY A 11 -6.68 -1.59 -22.98
N SER A 12 -7.30 -1.62 -21.82
CA SER A 12 -6.84 -0.87 -20.69
C SER A 12 -5.71 -1.60 -19.98
N LYS A 13 -4.54 -1.03 -20.08
CA LYS A 13 -3.38 -1.54 -19.38
C LYS A 13 -3.54 -1.25 -17.91
N ARG A 14 -3.46 -2.24 -17.06
CA ARG A 14 -3.56 -2.00 -15.65
C ARG A 14 -2.20 -1.51 -15.15
N LYS A 15 -1.93 -0.25 -15.40
CA LYS A 15 -0.66 0.35 -15.03
C LYS A 15 -0.77 1.07 -13.70
N VAL A 16 -2.00 1.42 -13.34
CA VAL A 16 -2.26 2.08 -12.07
C VAL A 16 -2.25 1.02 -10.96
N GLN A 17 -2.41 -0.25 -11.38
CA GLN A 17 -2.31 -1.42 -10.53
C GLN A 17 -3.45 -1.50 -9.50
N ASP A 18 -3.24 -0.88 -8.35
CA ASP A 18 -4.20 -0.81 -7.20
C ASP A 18 -4.38 -2.17 -6.50
N GLU A 19 -3.44 -3.08 -6.66
CA GLU A 19 -3.47 -4.33 -5.93
C GLU A 19 -2.06 -4.78 -5.66
N VAL A 20 -1.91 -5.72 -4.77
CA VAL A 20 -0.62 -6.31 -4.48
C VAL A 20 -0.69 -7.76 -4.89
N PRO A 21 0.32 -8.27 -5.58
CA PRO A 21 0.34 -9.64 -6.05
C PRO A 21 0.47 -10.68 -4.93
N TRP A 22 -0.59 -10.85 -4.17
CA TRP A 22 -0.66 -11.83 -3.09
C TRP A 22 -1.25 -13.12 -3.64
N SER A 23 -1.80 -13.01 -4.82
CA SER A 23 -2.51 -14.07 -5.47
C SER A 23 -1.59 -15.23 -5.93
N ASP A 24 -0.56 -14.90 -6.70
CA ASP A 24 0.30 -15.97 -7.26
C ASP A 24 1.63 -16.05 -6.56
N SER A 25 2.28 -14.91 -6.42
CA SER A 25 3.55 -14.76 -5.76
C SER A 25 3.90 -13.32 -5.98
N LEU A 26 4.98 -12.85 -5.42
CA LEU A 26 5.38 -11.49 -5.62
C LEU A 26 5.78 -11.38 -7.08
N THR A 27 5.08 -10.57 -7.79
CA THR A 27 5.20 -10.58 -9.22
C THR A 27 6.10 -9.44 -9.69
N ALA A 28 6.81 -9.70 -10.79
CA ALA A 28 7.84 -8.85 -11.37
C ALA A 28 7.41 -7.40 -11.61
N TYR A 29 6.15 -7.19 -11.98
CA TYR A 29 5.70 -5.84 -12.29
C TYR A 29 5.74 -4.96 -11.03
N ASP A 30 5.13 -5.44 -9.96
CA ASP A 30 5.03 -4.71 -8.71
C ASP A 30 6.32 -4.76 -7.92
N ASN A 31 7.08 -5.79 -8.13
CA ASN A 31 8.37 -6.04 -7.45
C ASN A 31 9.37 -4.87 -7.61
N GLU A 32 9.12 -4.02 -8.60
CA GLU A 32 9.99 -2.91 -8.89
C GLU A 32 9.45 -1.63 -8.19
N HIS A 33 8.37 -1.79 -7.47
CA HIS A 33 7.72 -0.68 -6.78
C HIS A 33 7.98 -0.78 -5.30
N PHE A 34 8.73 -1.76 -4.92
CA PHE A 34 8.93 -2.05 -3.52
C PHE A 34 9.63 -1.00 -2.68
N THR A 35 10.36 -0.11 -3.31
CA THR A 35 10.97 0.94 -2.57
C THR A 35 9.89 1.90 -2.02
N ILE A 36 8.79 2.05 -2.77
CA ILE A 36 7.73 2.94 -2.33
C ILE A 36 6.89 2.31 -1.22
N TYR A 37 6.96 0.99 -1.10
CA TYR A 37 6.20 0.27 -0.06
C TYR A 37 6.61 0.69 1.35
N MET A 38 7.88 0.96 1.55
CA MET A 38 8.34 1.44 2.85
C MET A 38 7.79 2.84 3.13
N ARG A 39 7.48 3.58 2.06
CA ARG A 39 6.90 4.92 2.18
C ARG A 39 5.44 4.81 2.56
N LEU A 40 4.84 3.74 2.11
CA LEU A 40 3.43 3.49 2.37
C LEU A 40 3.22 3.17 3.85
N LEU A 41 4.11 2.36 4.40
CA LEU A 41 4.03 2.03 5.81
C LEU A 41 4.44 3.24 6.65
N ASP A 42 5.30 4.07 6.07
CA ASP A 42 5.73 5.32 6.69
C ASP A 42 4.54 6.22 6.97
N ALA A 43 3.60 6.21 6.05
CA ALA A 43 2.39 7.00 6.17
C ALA A 43 1.46 6.42 7.24
N SER A 44 1.41 5.10 7.36
CA SER A 44 0.59 4.51 8.40
C SER A 44 1.21 4.75 9.78
N ALA A 45 2.55 4.75 9.81
CA ALA A 45 3.32 5.03 11.03
C ALA A 45 3.30 6.53 11.33
N ASP A 46 2.79 7.31 10.39
CA ASP A 46 2.66 8.75 10.53
C ASP A 46 1.30 9.05 11.18
N ASP A 47 0.58 7.95 11.46
CA ASP A 47 -0.73 7.93 12.12
C ASP A 47 -1.80 8.53 11.21
N ALA A 48 -1.58 8.32 9.94
CA ALA A 48 -2.50 8.75 8.92
C ALA A 48 -3.48 7.63 8.63
N SER A 49 -4.62 7.96 8.06
CA SER A 49 -5.59 6.96 7.66
C SER A 49 -5.58 6.79 6.16
N GLU A 50 -6.21 5.73 5.68
CA GLU A 50 -6.19 5.31 4.27
C GLU A 50 -6.50 6.43 3.28
N ASP A 51 -7.49 7.24 3.58
CA ASP A 51 -7.91 8.34 2.66
C ASP A 51 -6.84 9.40 2.61
N GLU A 52 -6.17 9.57 3.72
CA GLU A 52 -5.12 10.54 3.87
C GLU A 52 -3.90 10.05 3.16
N MET A 53 -3.53 8.83 3.48
CA MET A 53 -2.34 8.20 2.96
C MET A 53 -2.42 8.06 1.48
N ALA A 54 -3.49 7.50 1.01
CA ALA A 54 -3.72 7.24 -0.42
C ALA A 54 -3.52 8.47 -1.27
N GLN A 55 -3.89 9.60 -0.75
CA GLN A 55 -3.80 10.85 -1.48
C GLN A 55 -2.35 11.32 -1.53
N LEU A 56 -1.58 10.91 -0.56
CA LEU A 56 -0.22 11.33 -0.43
C LEU A 56 0.72 10.34 -1.09
N VAL A 57 0.65 9.11 -0.62
CA VAL A 57 1.52 8.05 -1.04
C VAL A 57 1.11 7.40 -2.36
N LEU A 58 -0.18 7.10 -2.51
CA LEU A 58 -0.64 6.50 -3.76
C LEU A 58 -1.02 7.55 -4.77
N GLY A 59 -1.09 8.80 -4.31
CA GLY A 59 -1.44 9.87 -5.19
C GLY A 59 -2.87 9.79 -5.68
N ILE A 60 -3.71 9.26 -4.85
CA ILE A 60 -5.07 9.03 -5.20
C ILE A 60 -5.99 9.86 -4.35
N ASP A 61 -6.63 10.82 -4.98
CA ASP A 61 -7.59 11.66 -4.34
C ASP A 61 -8.80 10.83 -3.96
N PRO A 62 -9.08 10.70 -2.66
CA PRO A 62 -10.21 9.88 -2.20
C PRO A 62 -11.54 10.57 -2.47
N MET A 63 -11.45 11.82 -2.87
CA MET A 63 -12.61 12.58 -3.24
C MET A 63 -12.95 12.26 -4.67
N ARG A 64 -11.93 11.85 -5.40
CA ARG A 64 -12.08 11.49 -6.79
C ARG A 64 -12.47 10.02 -6.87
N GLU A 65 -11.64 9.16 -6.32
CA GLU A 65 -11.87 7.72 -6.32
C GLU A 65 -11.44 7.11 -4.98
N PRO A 66 -12.35 7.07 -4.00
CA PRO A 66 -12.06 6.54 -2.66
C PRO A 66 -11.78 5.04 -2.63
N GLU A 67 -12.41 4.29 -3.53
CA GLU A 67 -12.30 2.85 -3.52
C GLU A 67 -10.86 2.44 -3.79
N ARG A 68 -10.28 2.95 -4.88
CA ARG A 68 -8.89 2.64 -5.17
C ARG A 68 -7.95 3.19 -4.13
N ALA A 69 -8.33 4.32 -3.54
CA ALA A 69 -7.51 4.95 -2.52
C ALA A 69 -7.33 4.00 -1.34
N ARG A 70 -8.43 3.51 -0.81
CA ARG A 70 -8.38 2.60 0.29
C ARG A 70 -7.89 1.20 -0.11
N MET A 71 -8.29 0.74 -1.31
CA MET A 71 -7.94 -0.62 -1.75
C MET A 71 -6.44 -0.76 -1.91
N ALA A 72 -5.80 0.28 -2.44
CA ALA A 72 -4.39 0.25 -2.61
C ALA A 72 -3.70 0.34 -1.27
N VAL A 73 -4.09 1.29 -0.46
CA VAL A 73 -3.47 1.49 0.85
C VAL A 73 -3.50 0.22 1.72
N ARG A 74 -4.69 -0.35 1.91
CA ARG A 74 -4.85 -1.52 2.79
C ARG A 74 -3.98 -2.69 2.32
N SER A 75 -3.91 -2.87 1.03
CA SER A 75 -3.16 -3.97 0.44
C SER A 75 -1.68 -3.66 0.29
N HIS A 76 -1.34 -2.45 -0.07
CA HIS A 76 0.05 -2.09 -0.25
C HIS A 76 0.77 -2.01 1.09
N LEU A 77 0.09 -1.52 2.12
CA LEU A 77 0.68 -1.48 3.45
C LEU A 77 0.80 -2.92 3.96
N ASP A 78 -0.12 -3.75 3.49
CA ASP A 78 -0.20 -5.17 3.85
C ASP A 78 1.10 -5.86 3.47
N ARG A 79 1.66 -5.54 2.33
CA ARG A 79 2.94 -6.15 2.02
C ARG A 79 4.07 -5.46 2.75
N ALA A 80 3.96 -4.15 2.85
CA ALA A 80 5.00 -3.31 3.42
C ALA A 80 5.28 -3.62 4.91
N ASN A 81 4.24 -3.63 5.73
CA ASN A 81 4.40 -3.84 7.18
C ASN A 81 4.74 -5.29 7.48
N TRP A 82 4.26 -6.20 6.66
CA TRP A 82 4.49 -7.63 6.82
C TRP A 82 5.91 -7.98 6.46
N MET A 83 6.49 -7.19 5.56
CA MET A 83 7.86 -7.40 5.11
C MET A 83 8.82 -7.03 6.23
N VAL A 84 8.41 -6.07 7.03
CA VAL A 84 9.16 -5.67 8.19
C VAL A 84 8.90 -6.69 9.28
N THR A 85 9.86 -7.53 9.51
CA THR A 85 9.74 -8.57 10.47
C THR A 85 10.99 -8.57 11.34
N THR A 86 11.28 -9.70 11.98
CA THR A 86 12.43 -9.88 12.86
C THR A 86 12.21 -9.09 14.18
N GLY A 87 12.38 -7.79 14.13
CA GLY A 87 12.15 -6.95 15.28
C GLY A 87 10.77 -6.35 15.18
N TYR A 88 9.79 -7.21 15.24
CA TYR A 88 8.42 -6.82 15.09
C TYR A 88 7.63 -7.58 16.13
N LYS A 89 6.38 -7.30 16.25
CA LYS A 89 5.55 -8.04 17.14
C LYS A 89 4.84 -9.10 16.34
N GLU A 90 4.56 -10.22 16.96
CA GLU A 90 3.77 -11.26 16.34
C GLU A 90 2.39 -10.66 16.05
N LEU A 91 2.08 -10.55 14.77
CA LEU A 91 0.88 -9.88 14.28
C LEU A 91 -0.40 -10.46 14.87
N PHE A 92 -0.43 -11.76 15.09
CA PHE A 92 -1.62 -12.38 15.64
C PHE A 92 -1.69 -12.27 17.16
N ALA A 93 -0.63 -11.83 17.77
CA ALA A 93 -0.58 -11.69 19.20
C ALA A 93 -0.91 -10.25 19.56
N ARG A 94 -1.72 -10.07 20.55
CA ARG A 94 -2.10 -8.75 20.96
C ARG A 94 -1.87 -8.63 22.44
N GLY A 11 -13.21 -4.60 -16.80
CA GLY A 11 -11.95 -4.45 -17.51
C GLY A 11 -11.14 -5.71 -17.43
N SER A 12 -9.86 -5.60 -17.69
CA SER A 12 -8.96 -6.70 -17.64
C SER A 12 -7.83 -6.34 -16.69
N LYS A 13 -7.56 -7.18 -15.71
CA LYS A 13 -6.49 -6.92 -14.80
C LYS A 13 -5.32 -7.86 -15.06
N ARG A 14 -4.17 -7.29 -15.25
CA ARG A 14 -2.91 -8.01 -15.42
C ARG A 14 -1.81 -7.02 -15.40
N LYS A 15 -1.94 -6.02 -16.25
CA LYS A 15 -1.02 -4.93 -16.25
C LYS A 15 -1.32 -4.08 -15.03
N VAL A 16 -2.59 -3.77 -14.84
CA VAL A 16 -2.99 -3.08 -13.67
C VAL A 16 -3.10 -4.04 -12.52
N GLN A 17 -2.25 -3.85 -11.58
CA GLN A 17 -2.23 -4.60 -10.38
C GLN A 17 -2.89 -3.73 -9.32
N ASP A 18 -2.17 -2.67 -8.88
CA ASP A 18 -2.65 -1.64 -7.92
C ASP A 18 -3.14 -2.23 -6.62
N GLU A 19 -2.58 -3.36 -6.33
CA GLU A 19 -2.81 -4.10 -5.15
C GLU A 19 -1.57 -4.93 -5.00
N VAL A 20 -1.44 -5.60 -3.92
CA VAL A 20 -0.27 -6.38 -3.73
C VAL A 20 -0.52 -7.81 -4.21
N PRO A 21 0.40 -8.36 -5.03
CA PRO A 21 0.32 -9.76 -5.44
C PRO A 21 0.56 -10.68 -4.23
N TRP A 22 -0.53 -11.05 -3.60
CA TRP A 22 -0.48 -11.86 -2.37
C TRP A 22 -1.16 -13.19 -2.62
N SER A 23 -2.13 -13.17 -3.52
CA SER A 23 -2.97 -14.33 -3.79
C SER A 23 -2.19 -15.52 -4.38
N ASP A 24 -1.35 -15.27 -5.37
CA ASP A 24 -0.62 -16.37 -5.98
C ASP A 24 0.75 -16.51 -5.36
N SER A 25 1.45 -15.40 -5.27
CA SER A 25 2.80 -15.32 -4.72
C SER A 25 3.29 -13.91 -4.94
N LEU A 26 4.40 -13.58 -4.34
CA LEU A 26 5.03 -12.30 -4.55
C LEU A 26 5.68 -12.39 -5.93
N THR A 27 5.44 -11.43 -6.77
CA THR A 27 5.89 -11.54 -8.13
C THR A 27 6.66 -10.31 -8.55
N ALA A 28 7.52 -10.50 -9.54
CA ALA A 28 8.43 -9.48 -10.00
C ALA A 28 7.72 -8.28 -10.63
N TYR A 29 6.50 -8.46 -11.15
CA TYR A 29 5.81 -7.37 -11.82
C TYR A 29 5.58 -6.15 -10.93
N ASP A 30 4.82 -6.31 -9.86
CA ASP A 30 4.56 -5.18 -8.98
C ASP A 30 5.74 -4.92 -8.07
N ASN A 31 6.68 -5.87 -8.04
CA ASN A 31 7.89 -5.77 -7.21
C ASN A 31 8.72 -4.52 -7.56
N GLU A 32 8.55 -4.02 -8.78
CA GLU A 32 9.18 -2.79 -9.23
C GLU A 32 8.56 -1.58 -8.47
N HIS A 33 7.32 -1.73 -8.05
CA HIS A 33 6.58 -0.66 -7.41
C HIS A 33 6.91 -0.66 -5.92
N PHE A 34 7.56 -1.71 -5.46
CA PHE A 34 7.91 -1.89 -4.04
C PHE A 34 8.75 -0.77 -3.47
N THR A 35 9.39 -0.04 -4.35
CA THR A 35 10.15 1.11 -3.99
C THR A 35 9.22 2.15 -3.29
N ILE A 36 7.99 2.29 -3.77
CA ILE A 36 7.06 3.26 -3.19
C ILE A 36 6.44 2.74 -1.89
N TYR A 37 6.48 1.41 -1.71
CA TYR A 37 5.92 0.73 -0.55
C TYR A 37 6.54 1.24 0.75
N MET A 38 7.84 1.50 0.69
CA MET A 38 8.60 1.99 1.83
C MET A 38 8.02 3.31 2.34
N ARG A 39 7.51 4.10 1.41
CA ARG A 39 6.95 5.39 1.73
C ARG A 39 5.54 5.23 2.31
N LEU A 40 4.83 4.25 1.79
CA LEU A 40 3.44 4.05 2.17
C LEU A 40 3.35 3.50 3.59
N LEU A 41 4.29 2.62 3.95
CA LEU A 41 4.27 1.99 5.27
C LEU A 41 4.46 3.04 6.35
N ASP A 42 5.22 4.07 6.02
CA ASP A 42 5.52 5.14 6.94
C ASP A 42 4.26 5.85 7.39
N ALA A 43 3.36 6.08 6.45
CA ALA A 43 2.10 6.72 6.75
C ALA A 43 1.19 5.78 7.54
N SER A 44 1.23 4.49 7.22
CA SER A 44 0.41 3.52 7.93
C SER A 44 0.89 3.33 9.37
N ALA A 45 2.20 3.47 9.57
CA ALA A 45 2.80 3.34 10.88
C ALA A 45 2.49 4.57 11.73
N ASP A 46 2.08 5.64 11.07
CA ASP A 46 1.69 6.87 11.76
C ASP A 46 0.21 6.76 12.15
N ASP A 47 -0.39 5.64 11.71
CA ASP A 47 -1.79 5.27 11.97
C ASP A 47 -2.73 6.23 11.24
N ALA A 48 -2.27 6.67 10.10
CA ALA A 48 -3.02 7.53 9.24
C ALA A 48 -4.11 6.71 8.55
N SER A 49 -5.23 7.33 8.28
CA SER A 49 -6.33 6.66 7.65
C SER A 49 -6.04 6.46 6.16
N GLU A 50 -6.69 5.47 5.54
CA GLU A 50 -6.41 5.13 4.14
C GLU A 50 -6.66 6.30 3.21
N ASP A 51 -7.73 7.04 3.48
CA ASP A 51 -8.12 8.17 2.64
C ASP A 51 -7.15 9.31 2.79
N GLU A 52 -6.58 9.43 3.98
CA GLU A 52 -5.58 10.44 4.24
C GLU A 52 -4.32 10.02 3.53
N MET A 53 -3.90 8.78 3.78
CA MET A 53 -2.65 8.27 3.24
C MET A 53 -2.65 8.33 1.76
N ALA A 54 -3.69 7.78 1.14
CA ALA A 54 -3.83 7.73 -0.30
C ALA A 54 -3.68 9.10 -0.95
N GLN A 55 -4.13 10.10 -0.27
CA GLN A 55 -4.07 11.45 -0.77
C GLN A 55 -2.65 12.01 -0.67
N LEU A 56 -1.92 11.52 0.29
CA LEU A 56 -0.61 12.01 0.57
C LEU A 56 0.45 11.19 -0.15
N VAL A 57 0.44 9.90 0.10
CA VAL A 57 1.44 9.01 -0.45
C VAL A 57 1.13 8.57 -1.89
N LEU A 58 -0.12 8.20 -2.17
CA LEU A 58 -0.49 7.82 -3.53
C LEU A 58 -0.87 9.02 -4.34
N GLY A 59 -1.04 10.17 -3.68
CA GLY A 59 -1.37 11.39 -4.38
C GLY A 59 -2.75 11.33 -4.99
N ILE A 60 -3.61 10.56 -4.42
CA ILE A 60 -4.92 10.33 -4.95
C ILE A 60 -5.95 10.94 -4.06
N ASP A 61 -6.66 11.91 -4.57
CA ASP A 61 -7.69 12.58 -3.84
C ASP A 61 -8.85 11.62 -3.68
N PRO A 62 -9.16 11.18 -2.43
CA PRO A 62 -10.26 10.23 -2.18
C PRO A 62 -11.62 10.92 -2.39
N MET A 63 -11.54 12.21 -2.53
CA MET A 63 -12.67 13.04 -2.85
C MET A 63 -13.07 12.76 -4.28
N ARG A 64 -12.08 12.51 -5.08
CA ARG A 64 -12.28 12.27 -6.47
C ARG A 64 -12.31 10.77 -6.76
N GLU A 65 -11.32 10.04 -6.27
CA GLU A 65 -11.22 8.62 -6.52
C GLU A 65 -10.94 7.86 -5.22
N PRO A 66 -11.95 7.59 -4.40
CA PRO A 66 -11.76 6.89 -3.13
C PRO A 66 -11.48 5.40 -3.26
N GLU A 67 -12.04 4.76 -4.29
CA GLU A 67 -11.98 3.31 -4.42
C GLU A 67 -10.54 2.79 -4.61
N ARG A 68 -9.85 3.27 -5.62
CA ARG A 68 -8.49 2.82 -5.87
C ARG A 68 -7.53 3.34 -4.80
N ALA A 69 -7.87 4.49 -4.25
CA ALA A 69 -7.06 5.11 -3.19
C ALA A 69 -6.90 4.14 -2.01
N ARG A 70 -8.01 3.64 -1.53
CA ARG A 70 -8.00 2.72 -0.42
C ARG A 70 -7.52 1.34 -0.83
N MET A 71 -7.76 0.95 -2.09
CA MET A 71 -7.35 -0.37 -2.55
C MET A 71 -5.84 -0.45 -2.60
N ALA A 72 -5.20 0.64 -3.06
CA ALA A 72 -3.77 0.68 -3.17
C ALA A 72 -3.15 0.73 -1.79
N VAL A 73 -3.63 1.64 -0.97
CA VAL A 73 -3.09 1.81 0.38
C VAL A 73 -3.12 0.52 1.20
N ARG A 74 -4.31 -0.05 1.35
CA ARG A 74 -4.52 -1.21 2.22
C ARG A 74 -3.69 -2.41 1.75
N SER A 75 -3.50 -2.51 0.47
CA SER A 75 -2.77 -3.61 -0.13
C SER A 75 -1.25 -3.36 -0.11
N HIS A 76 -0.83 -2.20 -0.54
CA HIS A 76 0.59 -1.92 -0.67
C HIS A 76 1.27 -1.83 0.71
N LEU A 77 0.58 -1.26 1.68
CA LEU A 77 1.14 -1.17 3.03
C LEU A 77 1.28 -2.55 3.63
N ASP A 78 0.41 -3.44 3.20
CA ASP A 78 0.33 -4.80 3.72
C ASP A 78 1.65 -5.51 3.46
N ARG A 79 2.24 -5.36 2.29
CA ARG A 79 3.55 -5.99 2.10
C ARG A 79 4.62 -5.16 2.75
N ALA A 80 4.46 -3.86 2.66
CA ALA A 80 5.44 -2.90 3.13
C ALA A 80 5.76 -3.07 4.63
N ASN A 81 4.74 -3.08 5.46
CA ASN A 81 4.95 -3.21 6.91
C ASN A 81 5.35 -4.62 7.31
N TRP A 82 4.88 -5.60 6.55
CA TRP A 82 5.17 -7.01 6.79
C TRP A 82 6.61 -7.35 6.43
N MET A 83 7.18 -6.63 5.49
CA MET A 83 8.57 -6.83 5.09
C MET A 83 9.54 -6.12 6.04
N VAL A 84 9.01 -5.34 6.98
CA VAL A 84 9.84 -4.58 7.91
C VAL A 84 10.54 -5.48 8.93
N THR A 85 11.82 -5.71 8.68
CA THR A 85 12.82 -6.33 9.58
C THR A 85 12.37 -7.67 10.24
N THR A 86 11.56 -7.59 11.28
CA THR A 86 11.08 -8.73 12.00
C THR A 86 10.12 -9.55 11.11
N GLY A 87 9.50 -8.86 10.16
CA GLY A 87 8.52 -9.50 9.32
C GLY A 87 7.28 -9.71 10.12
N TYR A 88 6.86 -8.67 10.79
CA TYR A 88 5.77 -8.76 11.71
C TYR A 88 4.42 -8.72 11.03
N LYS A 89 3.77 -9.86 11.02
CA LYS A 89 2.44 -9.99 10.49
C LYS A 89 1.44 -9.88 11.64
N GLU A 90 1.95 -10.06 12.85
CA GLU A 90 1.17 -9.87 14.04
C GLU A 90 1.42 -8.46 14.56
N LEU A 91 0.59 -7.55 14.12
CA LEU A 91 0.72 -6.18 14.56
C LEU A 91 -0.02 -6.02 15.87
N PHE A 92 -1.06 -6.86 16.02
CA PHE A 92 -1.95 -6.88 17.17
C PHE A 92 -2.76 -5.61 17.22
N ALA A 93 -4.00 -5.70 16.82
CA ALA A 93 -4.88 -4.58 16.81
C ALA A 93 -5.21 -4.15 18.23
N ARG A 94 -4.64 -3.05 18.64
CA ARG A 94 -4.84 -2.48 19.94
C ARG A 94 -4.29 -1.06 19.85
N GLY A 11 -1.11 8.99 -8.32
CA GLY A 11 -2.43 9.09 -8.94
C GLY A 11 -2.92 7.74 -9.34
N SER A 12 -4.24 7.61 -9.47
CA SER A 12 -4.88 6.35 -9.84
C SER A 12 -4.39 5.83 -11.19
N LYS A 13 -4.23 6.72 -12.14
CA LYS A 13 -3.78 6.32 -13.44
C LYS A 13 -2.29 6.60 -13.58
N ARG A 14 -1.51 5.54 -13.55
CA ARG A 14 -0.06 5.59 -13.63
C ARG A 14 0.47 4.18 -13.53
N LYS A 15 0.08 3.51 -12.50
CA LYS A 15 0.47 2.15 -12.25
C LYS A 15 -0.80 1.32 -12.23
N VAL A 16 -1.14 0.71 -13.35
CA VAL A 16 -2.33 -0.10 -13.39
C VAL A 16 -2.07 -1.41 -12.68
N GLN A 17 -2.55 -1.44 -11.48
CA GLN A 17 -2.32 -2.52 -10.59
C GLN A 17 -3.44 -2.55 -9.55
N ASP A 18 -3.39 -1.58 -8.62
CA ASP A 18 -4.44 -1.36 -7.59
C ASP A 18 -4.56 -2.58 -6.64
N GLU A 19 -3.50 -3.37 -6.58
CA GLU A 19 -3.47 -4.59 -5.79
C GLU A 19 -2.04 -4.96 -5.46
N VAL A 20 -1.85 -5.96 -4.65
CA VAL A 20 -0.53 -6.45 -4.33
C VAL A 20 -0.49 -7.97 -4.60
N PRO A 21 0.55 -8.47 -5.27
CA PRO A 21 0.71 -9.90 -5.53
C PRO A 21 0.96 -10.69 -4.24
N TRP A 22 0.08 -11.63 -3.96
CA TRP A 22 0.14 -12.39 -2.73
C TRP A 22 -0.42 -13.78 -2.96
N SER A 23 -1.62 -13.80 -3.51
CA SER A 23 -2.42 -14.98 -3.75
C SER A 23 -1.68 -16.07 -4.52
N ASP A 24 -1.12 -15.71 -5.65
CA ASP A 24 -0.49 -16.70 -6.51
C ASP A 24 1.00 -16.78 -6.30
N SER A 25 1.63 -15.63 -6.28
CA SER A 25 3.07 -15.51 -6.10
C SER A 25 3.44 -14.03 -6.10
N LEU A 26 4.69 -13.74 -5.84
CA LEU A 26 5.20 -12.41 -5.89
C LEU A 26 5.70 -12.22 -7.33
N THR A 27 5.71 -11.03 -7.83
CA THR A 27 6.05 -10.84 -9.21
C THR A 27 6.82 -9.55 -9.45
N ALA A 28 7.64 -9.57 -10.50
CA ALA A 28 8.57 -8.53 -10.86
C ALA A 28 7.90 -7.17 -11.17
N TYR A 29 6.63 -7.18 -11.57
CA TYR A 29 5.97 -5.92 -11.95
C TYR A 29 5.79 -5.02 -10.72
N ASP A 30 5.25 -5.58 -9.67
CA ASP A 30 5.11 -4.86 -8.42
C ASP A 30 6.42 -4.80 -7.67
N ASN A 31 7.32 -5.74 -7.97
CA ASN A 31 8.64 -5.79 -7.34
C ASN A 31 9.40 -4.48 -7.55
N GLU A 32 9.23 -3.90 -8.73
CA GLU A 32 9.84 -2.61 -9.11
C GLU A 32 9.27 -1.48 -8.22
N HIS A 33 8.08 -1.71 -7.72
CA HIS A 33 7.32 -0.72 -7.00
C HIS A 33 7.61 -0.83 -5.50
N PHE A 34 8.13 -1.98 -5.05
CA PHE A 34 8.40 -2.23 -3.62
C PHE A 34 9.31 -1.19 -2.98
N THR A 35 10.05 -0.52 -3.78
CA THR A 35 10.89 0.54 -3.34
C THR A 35 10.04 1.66 -2.70
N ILE A 36 8.86 1.94 -3.28
CA ILE A 36 7.98 2.98 -2.77
C ILE A 36 7.21 2.54 -1.51
N TYR A 37 7.13 1.22 -1.32
CA TYR A 37 6.38 0.60 -0.21
C TYR A 37 6.81 1.10 1.17
N MET A 38 8.06 1.42 1.31
CA MET A 38 8.58 1.97 2.56
C MET A 38 7.90 3.28 2.92
N ARG A 39 7.51 4.05 1.92
CA ARG A 39 6.84 5.33 2.16
C ARG A 39 5.40 5.09 2.53
N LEU A 40 4.84 4.04 1.98
CA LEU A 40 3.46 3.69 2.20
C LEU A 40 3.25 3.30 3.65
N LEU A 41 4.17 2.50 4.17
CA LEU A 41 4.07 2.08 5.55
C LEU A 41 4.40 3.24 6.48
N ASP A 42 5.24 4.14 5.99
CA ASP A 42 5.65 5.33 6.73
C ASP A 42 4.44 6.20 7.03
N ALA A 43 3.53 6.28 6.06
CA ALA A 43 2.31 7.03 6.22
C ALA A 43 1.39 6.35 7.25
N SER A 44 1.33 5.02 7.21
CA SER A 44 0.57 4.27 8.22
C SER A 44 1.16 4.52 9.62
N ALA A 45 2.48 4.58 9.67
CA ALA A 45 3.19 4.84 10.90
C ALA A 45 3.09 6.30 11.32
N ASP A 46 2.46 7.10 10.49
CA ASP A 46 2.27 8.52 10.78
C ASP A 46 0.87 8.72 11.37
N ASP A 47 0.20 7.59 11.64
CA ASP A 47 -1.16 7.53 12.25
C ASP A 47 -2.20 8.05 11.23
N ALA A 48 -1.87 7.95 9.97
CA ALA A 48 -2.72 8.45 8.92
C ALA A 48 -3.73 7.40 8.53
N SER A 49 -4.95 7.83 8.26
CA SER A 49 -5.99 6.94 7.80
C SER A 49 -5.79 6.68 6.31
N GLU A 50 -6.47 5.66 5.78
CA GLU A 50 -6.30 5.23 4.39
C GLU A 50 -6.57 6.35 3.40
N ASP A 51 -7.60 7.13 3.66
CA ASP A 51 -7.98 8.26 2.77
C ASP A 51 -6.90 9.32 2.77
N GLU A 52 -6.23 9.46 3.88
CA GLU A 52 -5.20 10.45 4.01
C GLU A 52 -3.97 9.94 3.30
N MET A 53 -3.61 8.72 3.62
CA MET A 53 -2.43 8.07 3.08
C MET A 53 -2.50 8.00 1.59
N ALA A 54 -3.59 7.47 1.08
CA ALA A 54 -3.82 7.30 -0.34
C ALA A 54 -3.54 8.57 -1.11
N GLN A 55 -3.94 9.67 -0.56
CA GLN A 55 -3.81 10.95 -1.20
C GLN A 55 -2.36 11.39 -1.24
N LEU A 56 -1.61 10.94 -0.27
CA LEU A 56 -0.24 11.36 -0.10
C LEU A 56 0.71 10.38 -0.78
N VAL A 57 0.63 9.14 -0.38
CA VAL A 57 1.53 8.11 -0.83
C VAL A 57 1.16 7.54 -2.20
N LEU A 58 -0.11 7.25 -2.42
CA LEU A 58 -0.55 6.75 -3.72
C LEU A 58 -0.93 7.90 -4.63
N GLY A 59 -1.04 9.09 -4.05
CA GLY A 59 -1.39 10.23 -4.82
C GLY A 59 -2.81 10.14 -5.32
N ILE A 60 -3.64 9.48 -4.58
CA ILE A 60 -4.98 9.24 -4.98
C ILE A 60 -5.92 10.01 -4.14
N ASP A 61 -6.53 10.95 -4.78
CA ASP A 61 -7.47 11.87 -4.23
C ASP A 61 -8.68 11.08 -3.74
N PRO A 62 -8.92 10.98 -2.43
CA PRO A 62 -10.04 10.20 -1.90
C PRO A 62 -11.36 10.95 -2.03
N MET A 63 -11.27 12.19 -2.43
CA MET A 63 -12.45 12.98 -2.66
C MET A 63 -12.94 12.67 -4.06
N ARG A 64 -12.00 12.26 -4.87
CA ARG A 64 -12.24 11.98 -6.27
C ARG A 64 -12.36 10.46 -6.54
N GLU A 65 -11.42 9.66 -6.07
CA GLU A 65 -11.50 8.21 -6.19
C GLU A 65 -11.23 7.56 -4.81
N PRO A 66 -12.21 7.57 -3.90
CA PRO A 66 -12.02 7.04 -2.53
C PRO A 66 -11.96 5.52 -2.45
N GLU A 67 -12.67 4.83 -3.33
CA GLU A 67 -12.81 3.39 -3.25
C GLU A 67 -11.46 2.72 -3.47
N ARG A 68 -10.81 3.07 -4.55
CA ARG A 68 -9.54 2.48 -4.87
C ARG A 68 -8.42 3.05 -4.03
N ALA A 69 -8.63 4.26 -3.52
CA ALA A 69 -7.65 4.91 -2.66
C ALA A 69 -7.33 4.02 -1.48
N ARG A 70 -8.36 3.55 -0.81
CA ARG A 70 -8.18 2.69 0.34
C ARG A 70 -7.70 1.31 -0.10
N MET A 71 -8.11 0.87 -1.29
CA MET A 71 -7.74 -0.45 -1.79
C MET A 71 -6.27 -0.54 -2.04
N ALA A 72 -5.74 0.47 -2.69
CA ALA A 72 -4.35 0.53 -2.97
C ALA A 72 -3.56 0.61 -1.68
N VAL A 73 -4.04 1.42 -0.76
CA VAL A 73 -3.40 1.56 0.55
C VAL A 73 -3.40 0.25 1.32
N ARG A 74 -4.58 -0.33 1.53
CA ARG A 74 -4.75 -1.55 2.31
C ARG A 74 -3.89 -2.68 1.72
N SER A 75 -3.89 -2.78 0.42
CA SER A 75 -3.14 -3.83 -0.25
C SER A 75 -1.63 -3.57 -0.20
N HIS A 76 -1.23 -2.38 -0.56
CA HIS A 76 0.19 -2.06 -0.66
C HIS A 76 0.89 -2.01 0.71
N LEU A 77 0.21 -1.47 1.72
CA LEU A 77 0.79 -1.40 3.06
C LEU A 77 1.00 -2.81 3.60
N ASP A 78 0.16 -3.73 3.16
CA ASP A 78 0.18 -5.11 3.60
C ASP A 78 1.52 -5.73 3.25
N ARG A 79 2.07 -5.46 2.08
CA ARG A 79 3.39 -6.01 1.79
C ARG A 79 4.47 -5.19 2.48
N ALA A 80 4.25 -3.89 2.53
CA ALA A 80 5.24 -2.97 3.08
C ALA A 80 5.55 -3.24 4.56
N ASN A 81 4.52 -3.32 5.37
CA ASN A 81 4.72 -3.53 6.81
C ASN A 81 5.14 -4.95 7.11
N TRP A 82 4.68 -5.87 6.29
CA TRP A 82 5.04 -7.28 6.42
C TRP A 82 6.49 -7.51 6.06
N MET A 83 7.04 -6.64 5.21
CA MET A 83 8.47 -6.64 4.86
C MET A 83 9.31 -6.46 6.15
N VAL A 84 8.74 -5.69 7.10
CA VAL A 84 9.38 -5.48 8.39
C VAL A 84 9.34 -6.79 9.19
N THR A 85 8.19 -7.47 9.10
CA THR A 85 7.95 -8.81 9.66
C THR A 85 7.90 -8.85 11.20
N THR A 86 8.97 -8.47 11.85
CA THR A 86 9.13 -8.62 13.27
C THR A 86 8.22 -7.71 14.13
N GLY A 87 7.07 -8.25 14.53
CA GLY A 87 6.16 -7.59 15.44
C GLY A 87 5.40 -6.45 14.83
N TYR A 88 6.06 -5.30 14.82
CA TYR A 88 5.54 -4.00 14.36
C TYR A 88 4.59 -3.40 15.39
N LYS A 89 3.55 -4.18 15.78
CA LYS A 89 2.57 -3.87 16.85
C LYS A 89 1.60 -2.74 16.51
N GLU A 90 2.12 -1.67 15.99
CA GLU A 90 1.37 -0.45 15.74
C GLU A 90 0.30 -0.64 14.63
N LEU A 91 0.32 -1.79 13.99
CA LEU A 91 -0.65 -2.11 12.94
C LEU A 91 -2.01 -2.46 13.54
N PHE A 92 -2.05 -2.69 14.85
CA PHE A 92 -3.30 -3.03 15.52
C PHE A 92 -4.07 -1.80 15.92
N ALA A 93 -3.46 -0.65 15.85
CA ALA A 93 -4.11 0.56 16.33
C ALA A 93 -4.26 1.56 15.20
N ARG A 94 -5.20 2.45 15.40
CA ARG A 94 -5.50 3.55 14.50
C ARG A 94 -6.50 4.46 15.18
N GLY A 11 -9.30 -0.05 -18.52
CA GLY A 11 -8.85 0.96 -17.57
C GLY A 11 -8.01 2.00 -18.24
N SER A 12 -7.11 2.61 -17.51
CA SER A 12 -6.20 3.57 -18.05
C SER A 12 -4.89 3.43 -17.31
N LYS A 13 -3.87 4.14 -17.73
CA LYS A 13 -2.56 4.04 -17.11
C LYS A 13 -2.45 4.99 -15.93
N ARG A 14 -3.57 5.58 -15.55
CA ARG A 14 -3.62 6.45 -14.40
C ARG A 14 -3.83 5.64 -13.14
N LYS A 15 -4.29 4.43 -13.32
CA LYS A 15 -4.50 3.54 -12.24
C LYS A 15 -3.31 2.60 -12.23
N VAL A 16 -2.31 2.96 -11.46
CA VAL A 16 -1.06 2.22 -11.42
C VAL A 16 -1.06 1.13 -10.35
N GLN A 17 -0.85 -0.12 -10.80
CA GLN A 17 -0.75 -1.33 -9.96
C GLN A 17 -2.06 -1.64 -9.18
N ASP A 18 -2.34 -0.83 -8.14
CA ASP A 18 -3.54 -0.87 -7.25
C ASP A 18 -3.88 -2.23 -6.62
N GLU A 19 -2.91 -3.13 -6.57
CA GLU A 19 -3.10 -4.41 -5.93
C GLU A 19 -1.74 -4.98 -5.53
N VAL A 20 -1.75 -6.02 -4.73
CA VAL A 20 -0.52 -6.66 -4.29
C VAL A 20 -0.65 -8.17 -4.57
N PRO A 21 0.41 -8.82 -5.04
CA PRO A 21 0.39 -10.25 -5.31
C PRO A 21 0.51 -11.09 -4.03
N TRP A 22 -0.63 -11.39 -3.44
CA TRP A 22 -0.69 -12.22 -2.22
C TRP A 22 -1.29 -13.56 -2.61
N SER A 23 -1.68 -13.63 -3.85
CA SER A 23 -2.37 -14.76 -4.37
C SER A 23 -1.45 -15.94 -4.66
N ASP A 24 -0.39 -15.72 -5.43
CA ASP A 24 0.50 -16.83 -5.80
C ASP A 24 1.82 -16.74 -5.09
N SER A 25 2.40 -15.56 -5.16
CA SER A 25 3.70 -15.25 -4.62
C SER A 25 3.95 -13.83 -5.08
N LEU A 26 5.06 -13.26 -4.68
CA LEU A 26 5.41 -11.91 -5.07
C LEU A 26 5.78 -11.94 -6.56
N THR A 27 5.32 -11.00 -7.32
CA THR A 27 5.49 -11.04 -8.75
C THR A 27 6.54 -10.05 -9.22
N ALA A 28 7.11 -10.35 -10.37
CA ALA A 28 8.18 -9.54 -10.95
C ALA A 28 7.74 -8.12 -11.27
N TYR A 29 6.49 -7.97 -11.73
CA TYR A 29 5.99 -6.64 -12.10
C TYR A 29 5.90 -5.76 -10.85
N ASP A 30 5.44 -6.36 -9.77
CA ASP A 30 5.14 -5.67 -8.54
C ASP A 30 6.41 -5.37 -7.79
N ASN A 31 7.27 -6.38 -7.73
CA ASN A 31 8.58 -6.32 -7.03
C ASN A 31 9.40 -5.11 -7.50
N GLU A 32 9.22 -4.78 -8.75
CA GLU A 32 9.87 -3.67 -9.42
C GLU A 32 9.44 -2.30 -8.81
N HIS A 33 8.31 -2.27 -8.13
CA HIS A 33 7.74 -1.03 -7.61
C HIS A 33 7.86 -1.00 -6.08
N PHE A 34 8.55 -1.97 -5.51
CA PHE A 34 8.66 -2.11 -4.06
C PHE A 34 9.30 -0.96 -3.31
N THR A 35 10.03 -0.12 -4.00
CA THR A 35 10.61 1.03 -3.36
C THR A 35 9.51 1.98 -2.82
N ILE A 36 8.35 2.04 -3.49
CA ILE A 36 7.29 2.93 -3.02
C ILE A 36 6.60 2.37 -1.78
N TYR A 37 6.73 1.06 -1.59
CA TYR A 37 6.12 0.35 -0.47
C TYR A 37 6.63 0.86 0.86
N MET A 38 7.91 1.11 0.93
CA MET A 38 8.53 1.57 2.16
C MET A 38 8.05 2.98 2.50
N ARG A 39 7.66 3.71 1.49
CA ARG A 39 7.13 5.06 1.69
C ARG A 39 5.71 4.97 2.19
N LEU A 40 4.96 4.07 1.60
CA LEU A 40 3.56 3.91 1.94
C LEU A 40 3.42 3.38 3.34
N LEU A 41 4.34 2.49 3.75
CA LEU A 41 4.29 1.94 5.08
C LEU A 41 4.63 3.01 6.09
N ASP A 42 5.44 3.97 5.68
CA ASP A 42 5.83 5.08 6.56
C ASP A 42 4.61 5.88 6.96
N ALA A 43 3.69 6.05 6.03
CA ALA A 43 2.45 6.76 6.30
C ALA A 43 1.53 5.89 7.18
N SER A 44 1.47 4.59 6.91
CA SER A 44 0.64 3.69 7.71
C SER A 44 1.23 3.52 9.12
N ALA A 45 2.54 3.68 9.22
CA ALA A 45 3.25 3.59 10.49
C ALA A 45 2.96 4.82 11.35
N ASP A 46 2.38 5.83 10.72
CA ASP A 46 1.95 7.02 11.44
C ASP A 46 0.50 6.81 11.90
N ASP A 47 -0.03 5.63 11.54
CA ASP A 47 -1.38 5.16 11.88
C ASP A 47 -2.45 5.97 11.11
N ALA A 48 -2.00 6.59 10.05
CA ALA A 48 -2.85 7.40 9.19
C ALA A 48 -3.89 6.55 8.48
N SER A 49 -5.01 7.16 8.16
CA SER A 49 -6.09 6.48 7.47
C SER A 49 -5.83 6.52 5.96
N GLU A 50 -6.54 5.70 5.22
CA GLU A 50 -6.39 5.65 3.77
C GLU A 50 -6.66 6.96 3.10
N ASP A 51 -7.69 7.63 3.51
CA ASP A 51 -8.07 8.93 2.94
C ASP A 51 -6.94 9.92 3.16
N GLU A 52 -6.24 9.71 4.24
CA GLU A 52 -5.16 10.56 4.60
C GLU A 52 -3.96 10.22 3.76
N MET A 53 -3.62 8.97 3.77
CA MET A 53 -2.43 8.49 3.11
C MET A 53 -2.54 8.55 1.62
N ALA A 54 -3.60 8.02 1.08
CA ALA A 54 -3.81 7.94 -0.37
C ALA A 54 -3.69 9.27 -1.03
N GLN A 55 -4.11 10.29 -0.35
CA GLN A 55 -4.09 11.63 -0.87
C GLN A 55 -2.66 12.17 -0.88
N LEU A 56 -1.87 11.70 0.03
CA LEU A 56 -0.52 12.18 0.19
C LEU A 56 0.47 11.31 -0.59
N VAL A 57 0.47 10.04 -0.27
CA VAL A 57 1.39 9.11 -0.82
C VAL A 57 1.03 8.63 -2.23
N LEU A 58 -0.25 8.32 -2.45
CA LEU A 58 -0.69 7.90 -3.78
C LEU A 58 -1.17 9.07 -4.61
N GLY A 59 -1.33 10.22 -3.96
CA GLY A 59 -1.79 11.40 -4.65
C GLY A 59 -3.22 11.28 -5.15
N ILE A 60 -4.03 10.55 -4.42
CA ILE A 60 -5.40 10.26 -4.82
C ILE A 60 -6.40 10.94 -3.92
N ASP A 61 -7.38 11.56 -4.52
CA ASP A 61 -8.42 12.26 -3.80
C ASP A 61 -9.42 11.26 -3.27
N PRO A 62 -9.50 11.07 -1.97
CA PRO A 62 -10.40 10.08 -1.38
C PRO A 62 -11.86 10.54 -1.38
N MET A 63 -12.06 11.80 -1.69
CA MET A 63 -13.40 12.36 -1.77
C MET A 63 -13.98 12.07 -3.12
N ARG A 64 -13.14 12.08 -4.09
CA ARG A 64 -13.57 11.92 -5.45
C ARG A 64 -13.43 10.49 -5.90
N GLU A 65 -12.30 9.90 -5.58
CA GLU A 65 -11.97 8.54 -5.99
C GLU A 65 -11.57 7.74 -4.75
N PRO A 66 -12.53 7.37 -3.89
CA PRO A 66 -12.24 6.71 -2.61
C PRO A 66 -11.84 5.23 -2.73
N GLU A 67 -12.25 4.58 -3.81
CA GLU A 67 -11.97 3.17 -3.97
C GLU A 67 -10.49 2.97 -4.26
N ARG A 68 -10.01 3.61 -5.32
CA ARG A 68 -8.60 3.52 -5.69
C ARG A 68 -7.70 4.05 -4.57
N ALA A 69 -8.24 4.96 -3.77
CA ALA A 69 -7.51 5.52 -2.66
C ALA A 69 -7.22 4.47 -1.59
N ARG A 70 -8.25 3.79 -1.13
CA ARG A 70 -8.09 2.80 -0.09
C ARG A 70 -7.43 1.52 -0.64
N MET A 71 -7.79 1.16 -1.87
CA MET A 71 -7.35 -0.10 -2.44
C MET A 71 -5.85 -0.11 -2.67
N ALA A 72 -5.30 1.02 -3.11
CA ALA A 72 -3.88 1.09 -3.36
C ALA A 72 -3.14 1.15 -2.04
N VAL A 73 -3.66 1.95 -1.13
CA VAL A 73 -3.07 2.11 0.18
C VAL A 73 -2.98 0.80 0.94
N ARG A 74 -4.12 0.15 1.13
CA ARG A 74 -4.15 -1.06 1.92
C ARG A 74 -3.33 -2.17 1.31
N SER A 75 -3.44 -2.36 0.02
CA SER A 75 -2.77 -3.47 -0.66
C SER A 75 -1.26 -3.31 -0.61
N HIS A 76 -0.80 -2.12 -0.85
CA HIS A 76 0.61 -1.87 -0.90
C HIS A 76 1.20 -1.85 0.52
N LEU A 77 0.46 -1.28 1.47
CA LEU A 77 0.96 -1.24 2.85
C LEU A 77 0.96 -2.65 3.44
N ASP A 78 0.03 -3.48 2.96
CA ASP A 78 -0.17 -4.85 3.42
C ASP A 78 1.11 -5.64 3.28
N ARG A 79 1.79 -5.51 2.17
CA ARG A 79 3.07 -6.22 2.05
C ARG A 79 4.16 -5.48 2.79
N ALA A 80 4.14 -4.16 2.66
CA ALA A 80 5.17 -3.29 3.18
C ALA A 80 5.39 -3.43 4.69
N ASN A 81 4.31 -3.32 5.47
CA ASN A 81 4.41 -3.36 6.94
C ASN A 81 4.69 -4.75 7.44
N TRP A 82 4.15 -5.73 6.74
CA TRP A 82 4.34 -7.13 7.10
C TRP A 82 5.80 -7.54 6.90
N MET A 83 6.47 -6.92 5.93
CA MET A 83 7.87 -7.20 5.67
C MET A 83 8.78 -6.54 6.69
N VAL A 84 8.23 -5.65 7.50
CA VAL A 84 8.97 -5.07 8.60
C VAL A 84 9.20 -6.18 9.61
N THR A 85 8.09 -6.84 9.98
CA THR A 85 8.08 -8.03 10.85
C THR A 85 8.54 -7.73 12.30
N THR A 86 9.80 -7.40 12.45
CA THR A 86 10.37 -7.14 13.73
C THR A 86 9.84 -5.85 14.30
N GLY A 87 9.72 -5.79 15.59
CA GLY A 87 9.18 -4.62 16.25
C GLY A 87 7.73 -4.84 16.57
N TYR A 88 7.06 -5.54 15.67
CA TYR A 88 5.69 -5.90 15.82
C TYR A 88 5.59 -7.18 16.62
N LYS A 89 4.47 -7.37 17.24
CA LYS A 89 4.19 -8.56 18.03
C LYS A 89 3.11 -9.32 17.31
N GLU A 90 3.24 -9.33 15.96
CA GLU A 90 2.25 -9.86 15.03
C GLU A 90 1.02 -8.98 14.99
N LEU A 91 0.58 -8.65 13.81
CA LEU A 91 -0.58 -7.80 13.65
C LEU A 91 -1.87 -8.55 13.90
N PHE A 92 -1.74 -9.88 14.10
CA PHE A 92 -2.83 -10.77 14.49
C PHE A 92 -3.82 -10.97 13.36
N ALA A 93 -3.96 -12.21 12.93
CA ALA A 93 -4.88 -12.53 11.85
C ALA A 93 -6.32 -12.32 12.30
N ARG A 94 -6.90 -11.25 11.82
CA ARG A 94 -8.24 -10.89 12.12
C ARG A 94 -8.84 -10.33 10.86
N GLY A 11 -6.07 0.37 -23.90
CA GLY A 11 -7.20 1.26 -23.67
C GLY A 11 -7.90 0.91 -22.39
N SER A 12 -8.64 1.89 -21.83
CA SER A 12 -9.37 1.72 -20.56
C SER A 12 -8.37 1.40 -19.43
N LYS A 13 -7.23 2.05 -19.48
CA LYS A 13 -6.18 1.81 -18.54
C LYS A 13 -6.27 2.78 -17.36
N ARG A 14 -6.95 2.36 -16.33
CA ARG A 14 -6.99 3.09 -15.08
C ARG A 14 -6.29 2.22 -14.07
N LYS A 15 -6.69 0.98 -14.09
CA LYS A 15 -6.15 -0.09 -13.30
C LYS A 15 -4.69 -0.31 -13.69
N VAL A 16 -3.80 0.13 -12.86
CA VAL A 16 -2.39 -0.02 -13.14
C VAL A 16 -1.85 -1.20 -12.36
N GLN A 17 -2.48 -1.44 -11.24
CA GLN A 17 -2.14 -2.48 -10.32
C GLN A 17 -3.16 -2.39 -9.21
N ASP A 18 -2.98 -1.39 -8.35
CA ASP A 18 -3.94 -1.01 -7.30
C ASP A 18 -4.18 -2.18 -6.31
N GLU A 19 -3.24 -3.10 -6.27
CA GLU A 19 -3.33 -4.31 -5.46
C GLU A 19 -1.94 -4.83 -5.22
N VAL A 20 -1.81 -5.84 -4.39
CA VAL A 20 -0.54 -6.47 -4.13
C VAL A 20 -0.67 -7.95 -4.50
N PRO A 21 0.34 -8.57 -5.12
CA PRO A 21 0.30 -9.98 -5.42
C PRO A 21 0.49 -10.84 -4.16
N TRP A 22 -0.60 -11.26 -3.59
CA TRP A 22 -0.57 -12.06 -2.38
C TRP A 22 -1.18 -13.43 -2.63
N SER A 23 -2.10 -13.47 -3.59
CA SER A 23 -2.89 -14.65 -3.86
C SER A 23 -2.06 -15.85 -4.31
N ASP A 24 -1.25 -15.69 -5.34
CA ASP A 24 -0.51 -16.86 -5.82
C ASP A 24 0.94 -16.77 -5.43
N SER A 25 1.54 -15.65 -5.73
CA SER A 25 2.95 -15.41 -5.49
C SER A 25 3.20 -13.95 -5.66
N LEU A 26 4.39 -13.51 -5.32
CA LEU A 26 4.81 -12.16 -5.53
C LEU A 26 5.22 -12.10 -7.01
N THR A 27 4.93 -11.02 -7.72
CA THR A 27 5.17 -10.99 -9.15
C THR A 27 5.78 -9.68 -9.65
N ALA A 28 6.46 -9.79 -10.78
CA ALA A 28 7.28 -8.74 -11.39
C ALA A 28 6.57 -7.42 -11.64
N TYR A 29 5.26 -7.44 -11.84
CA TYR A 29 4.56 -6.18 -12.13
C TYR A 29 4.63 -5.23 -10.92
N ASP A 30 4.28 -5.75 -9.76
CA ASP A 30 4.34 -4.99 -8.51
C ASP A 30 5.76 -4.89 -8.00
N ASN A 31 6.55 -5.90 -8.29
CA ASN A 31 7.94 -6.01 -7.81
C ASN A 31 8.79 -4.76 -8.13
N GLU A 32 8.43 -4.05 -9.18
CA GLU A 32 9.18 -2.90 -9.61
C GLU A 32 8.80 -1.70 -8.76
N HIS A 33 7.67 -1.81 -8.12
CA HIS A 33 7.07 -0.74 -7.37
C HIS A 33 7.37 -0.84 -5.88
N PHE A 34 7.99 -1.94 -5.46
CA PHE A 34 8.28 -2.16 -4.03
C PHE A 34 9.10 -1.06 -3.36
N THR A 35 9.80 -0.28 -4.16
CA THR A 35 10.57 0.84 -3.70
C THR A 35 9.66 1.81 -2.88
N ILE A 36 8.47 2.06 -3.41
CA ILE A 36 7.58 3.03 -2.82
C ILE A 36 6.88 2.50 -1.55
N TYR A 37 6.85 1.18 -1.41
CA TYR A 37 6.18 0.49 -0.28
C TYR A 37 6.70 0.92 1.06
N MET A 38 7.99 1.08 1.14
CA MET A 38 8.67 1.48 2.38
C MET A 38 8.19 2.86 2.83
N ARG A 39 7.84 3.68 1.86
CA ARG A 39 7.38 5.03 2.13
C ARG A 39 5.92 5.00 2.58
N LEU A 40 5.15 4.10 1.98
CA LEU A 40 3.70 4.00 2.22
C LEU A 40 3.40 3.69 3.69
N LEU A 41 4.17 2.77 4.25
CA LEU A 41 3.95 2.30 5.61
C LEU A 41 4.15 3.42 6.64
N ASP A 42 4.97 4.38 6.27
CA ASP A 42 5.34 5.52 7.13
C ASP A 42 4.12 6.35 7.52
N ALA A 43 3.17 6.48 6.61
CA ALA A 43 1.98 7.29 6.83
C ALA A 43 1.06 6.66 7.87
N SER A 44 1.04 5.35 7.89
CA SER A 44 0.26 4.61 8.86
C SER A 44 0.75 4.90 10.29
N ALA A 45 2.04 5.22 10.43
CA ALA A 45 2.65 5.50 11.73
C ALA A 45 2.19 6.83 12.31
N ASP A 46 1.53 7.63 11.50
CA ASP A 46 0.98 8.92 11.97
C ASP A 46 -0.50 8.74 12.24
N ASP A 47 -0.95 7.51 12.00
CA ASP A 47 -2.34 7.10 12.03
C ASP A 47 -3.17 7.94 11.13
N ALA A 48 -2.77 7.93 9.93
CA ALA A 48 -3.49 8.56 8.91
C ALA A 48 -4.49 7.56 8.41
N SER A 49 -5.66 8.00 8.07
CA SER A 49 -6.62 7.11 7.49
C SER A 49 -6.16 6.77 6.08
N GLU A 50 -6.60 5.66 5.54
CA GLU A 50 -6.17 5.22 4.21
C GLU A 50 -6.50 6.25 3.16
N ASP A 51 -7.54 7.01 3.41
CA ASP A 51 -7.98 8.12 2.54
C ASP A 51 -6.85 9.13 2.48
N GLU A 52 -6.41 9.53 3.65
CA GLU A 52 -5.32 10.46 3.85
C GLU A 52 -4.06 9.92 3.22
N MET A 53 -3.74 8.70 3.57
CA MET A 53 -2.52 8.07 3.13
C MET A 53 -2.48 7.97 1.66
N ALA A 54 -3.51 7.42 1.08
CA ALA A 54 -3.62 7.27 -0.36
C ALA A 54 -3.42 8.58 -1.08
N GLN A 55 -3.92 9.63 -0.51
CA GLN A 55 -3.82 10.95 -1.07
C GLN A 55 -2.37 11.48 -0.99
N LEU A 56 -1.65 10.99 -0.02
CA LEU A 56 -0.29 11.44 0.20
C LEU A 56 0.71 10.52 -0.48
N VAL A 57 0.64 9.25 -0.12
CA VAL A 57 1.59 8.27 -0.56
C VAL A 57 1.28 7.76 -1.97
N LEU A 58 0.02 7.48 -2.27
CA LEU A 58 -0.34 7.08 -3.64
C LEU A 58 -0.69 8.31 -4.47
N GLY A 59 -0.83 9.44 -3.80
CA GLY A 59 -1.18 10.68 -4.49
C GLY A 59 -2.60 10.67 -5.01
N ILE A 60 -3.42 9.85 -4.44
CA ILE A 60 -4.74 9.64 -4.95
C ILE A 60 -5.79 10.26 -4.07
N ASP A 61 -6.40 11.27 -4.60
CA ASP A 61 -7.49 12.02 -4.02
C ASP A 61 -8.74 11.15 -3.85
N PRO A 62 -9.07 10.76 -2.60
CA PRO A 62 -10.14 9.81 -2.29
C PRO A 62 -11.54 10.42 -2.41
N MET A 63 -11.62 11.67 -2.73
CA MET A 63 -12.90 12.30 -2.98
C MET A 63 -13.34 11.95 -4.36
N ARG A 64 -12.38 11.87 -5.22
CA ARG A 64 -12.65 11.56 -6.59
C ARG A 64 -12.50 10.06 -6.83
N GLU A 65 -11.38 9.52 -6.40
CA GLU A 65 -11.07 8.11 -6.58
C GLU A 65 -10.77 7.40 -5.25
N PRO A 66 -11.79 7.09 -4.46
CA PRO A 66 -11.59 6.42 -3.17
C PRO A 66 -11.28 4.91 -3.30
N GLU A 67 -11.92 4.21 -4.25
CA GLU A 67 -11.75 2.75 -4.39
C GLU A 67 -10.29 2.39 -4.58
N ARG A 68 -9.68 2.93 -5.62
CA ARG A 68 -8.31 2.64 -5.92
C ARG A 68 -7.37 3.15 -4.86
N ALA A 69 -7.74 4.25 -4.24
CA ALA A 69 -6.91 4.86 -3.22
C ALA A 69 -6.77 3.96 -2.01
N ARG A 70 -7.89 3.54 -1.47
CA ARG A 70 -7.89 2.73 -0.29
C ARG A 70 -7.47 1.31 -0.59
N MET A 71 -7.85 0.81 -1.78
CA MET A 71 -7.54 -0.57 -2.15
C MET A 71 -6.04 -0.73 -2.31
N ALA A 72 -5.39 0.32 -2.80
CA ALA A 72 -3.97 0.29 -2.96
C ALA A 72 -3.31 0.35 -1.60
N VAL A 73 -3.72 1.31 -0.78
CA VAL A 73 -3.13 1.50 0.55
C VAL A 73 -3.15 0.23 1.40
N ARG A 74 -4.31 -0.38 1.57
CA ARG A 74 -4.43 -1.54 2.46
C ARG A 74 -3.63 -2.73 1.95
N SER A 75 -3.55 -2.84 0.66
CA SER A 75 -2.86 -3.94 0.03
C SER A 75 -1.36 -3.69 0.00
N HIS A 76 -0.98 -2.49 -0.34
CA HIS A 76 0.41 -2.13 -0.46
C HIS A 76 1.09 -2.04 0.92
N LEU A 77 0.39 -1.51 1.93
CA LEU A 77 0.97 -1.44 3.26
C LEU A 77 1.13 -2.85 3.80
N ASP A 78 0.25 -3.73 3.36
CA ASP A 78 0.23 -5.12 3.79
C ASP A 78 1.56 -5.77 3.45
N ARG A 79 2.06 -5.55 2.24
CA ARG A 79 3.39 -6.11 1.93
C ARG A 79 4.47 -5.28 2.58
N ALA A 80 4.28 -3.98 2.63
CA ALA A 80 5.28 -3.06 3.15
C ALA A 80 5.65 -3.38 4.60
N ASN A 81 4.66 -3.49 5.46
CA ASN A 81 4.91 -3.77 6.88
C ASN A 81 5.34 -5.22 7.10
N TRP A 82 4.73 -6.12 6.34
CA TRP A 82 5.02 -7.56 6.43
C TRP A 82 6.41 -7.91 5.94
N MET A 83 6.94 -7.08 5.05
CA MET A 83 8.32 -7.24 4.56
C MET A 83 9.30 -7.06 5.73
N VAL A 84 8.89 -6.28 6.70
CA VAL A 84 9.67 -6.08 7.90
C VAL A 84 9.47 -7.29 8.80
N THR A 85 10.54 -7.92 9.20
CA THR A 85 10.41 -9.09 9.99
C THR A 85 11.46 -9.17 11.11
N THR A 86 11.10 -8.62 12.24
CA THR A 86 11.90 -8.68 13.45
C THR A 86 10.97 -8.55 14.67
N GLY A 87 10.28 -7.43 14.78
CA GLY A 87 9.36 -7.25 15.87
C GLY A 87 8.59 -5.96 15.74
N TYR A 88 7.53 -6.00 14.98
CA TYR A 88 6.71 -4.84 14.78
C TYR A 88 5.30 -5.08 15.29
N LYS A 89 4.90 -4.31 16.24
CA LYS A 89 3.54 -4.34 16.70
C LYS A 89 2.99 -2.92 16.59
N GLU A 90 3.71 -2.16 15.80
CA GLU A 90 3.43 -0.75 15.54
C GLU A 90 2.32 -0.59 14.51
N LEU A 91 1.35 -1.47 14.58
CA LEU A 91 0.21 -1.43 13.67
C LEU A 91 -0.77 -0.37 14.16
N PHE A 92 -0.52 0.09 15.35
CA PHE A 92 -1.22 1.19 15.94
C PHE A 92 -0.23 2.32 16.16
N ALA A 93 -0.70 3.49 16.47
CA ALA A 93 0.15 4.63 16.61
C ALA A 93 0.10 5.17 18.03
N ARG A 94 0.86 6.22 18.29
CA ARG A 94 0.91 6.85 19.59
C ARG A 94 -0.40 7.55 19.86
N GLY A 11 -2.03 -2.67 -23.84
CA GLY A 11 -0.83 -2.26 -23.13
C GLY A 11 -0.35 -3.35 -22.22
N SER A 12 0.64 -3.04 -21.43
CA SER A 12 1.20 -4.00 -20.52
C SER A 12 0.51 -3.92 -19.17
N LYS A 13 -0.10 -2.79 -18.89
CA LYS A 13 -0.75 -2.57 -17.63
C LYS A 13 -2.26 -2.45 -17.85
N ARG A 14 -2.98 -3.50 -17.53
CA ARG A 14 -4.44 -3.54 -17.70
C ARG A 14 -5.13 -2.79 -16.56
N LYS A 15 -4.36 -2.50 -15.56
CA LYS A 15 -4.74 -1.72 -14.43
C LYS A 15 -3.43 -1.11 -13.99
N VAL A 16 -3.42 0.02 -13.31
CA VAL A 16 -2.13 0.57 -12.92
C VAL A 16 -1.45 -0.35 -11.92
N GLN A 17 -2.24 -0.86 -10.97
CA GLN A 17 -1.83 -1.88 -10.03
C GLN A 17 -3.01 -2.12 -9.10
N ASP A 18 -3.15 -1.22 -8.12
CA ASP A 18 -4.26 -1.15 -7.14
C ASP A 18 -4.43 -2.44 -6.33
N GLU A 19 -3.40 -3.25 -6.27
CA GLU A 19 -3.47 -4.48 -5.55
C GLU A 19 -2.09 -4.95 -5.19
N VAL A 20 -2.02 -5.99 -4.43
CA VAL A 20 -0.78 -6.64 -4.11
C VAL A 20 -0.99 -8.13 -4.43
N PRO A 21 -0.01 -8.80 -5.02
CA PRO A 21 -0.14 -10.21 -5.43
C PRO A 21 -0.46 -11.16 -4.25
N TRP A 22 0.59 -11.53 -3.50
CA TRP A 22 0.52 -12.29 -2.24
C TRP A 22 0.08 -13.75 -2.41
N SER A 23 -1.11 -13.93 -2.97
CA SER A 23 -1.81 -15.20 -3.00
C SER A 23 -1.04 -16.31 -3.72
N ASP A 24 -0.63 -16.10 -4.96
CA ASP A 24 0.05 -17.19 -5.65
C ASP A 24 1.53 -16.98 -5.70
N SER A 25 1.95 -15.80 -6.06
CA SER A 25 3.33 -15.52 -6.22
C SER A 25 3.60 -14.09 -5.84
N LEU A 26 4.81 -13.80 -5.50
CA LEU A 26 5.22 -12.46 -5.34
C LEU A 26 5.73 -12.07 -6.71
N THR A 27 5.04 -11.21 -7.34
CA THR A 27 5.25 -10.98 -8.73
C THR A 27 6.24 -9.87 -8.99
N ALA A 28 6.97 -10.01 -10.07
CA ALA A 28 8.02 -9.09 -10.44
C ALA A 28 7.47 -7.71 -10.77
N TYR A 29 6.29 -7.65 -11.41
CA TYR A 29 5.70 -6.37 -11.81
C TYR A 29 5.51 -5.48 -10.57
N ASP A 30 5.01 -6.10 -9.52
CA ASP A 30 4.69 -5.45 -8.29
C ASP A 30 5.95 -5.21 -7.50
N ASN A 31 6.78 -6.24 -7.47
CA ASN A 31 8.03 -6.24 -6.72
C ASN A 31 8.98 -5.12 -7.17
N GLU A 32 8.92 -4.76 -8.45
CA GLU A 32 9.73 -3.65 -8.98
C GLU A 32 9.18 -2.28 -8.53
N HIS A 33 8.05 -2.27 -7.87
CA HIS A 33 7.45 -1.06 -7.38
C HIS A 33 7.65 -1.00 -5.85
N PHE A 34 8.14 -2.11 -5.28
CA PHE A 34 8.32 -2.26 -3.82
C PHE A 34 9.17 -1.19 -3.17
N THR A 35 9.98 -0.51 -3.95
CA THR A 35 10.77 0.59 -3.46
C THR A 35 9.86 1.67 -2.82
N ILE A 36 8.69 1.93 -3.45
CA ILE A 36 7.78 2.97 -2.96
C ILE A 36 7.00 2.53 -1.73
N TYR A 37 6.93 1.22 -1.52
CA TYR A 37 6.21 0.62 -0.40
C TYR A 37 6.71 1.11 0.94
N MET A 38 8.01 1.33 1.04
CA MET A 38 8.62 1.82 2.28
C MET A 38 8.12 3.22 2.61
N ARG A 39 7.75 3.96 1.58
CA ARG A 39 7.22 5.30 1.76
C ARG A 39 5.77 5.20 2.23
N LEU A 40 5.05 4.27 1.65
CA LEU A 40 3.64 4.07 1.96
C LEU A 40 3.46 3.64 3.41
N LEU A 41 4.33 2.75 3.87
CA LEU A 41 4.20 2.19 5.21
C LEU A 41 4.44 3.23 6.28
N ASP A 42 5.27 4.21 5.97
CA ASP A 42 5.62 5.27 6.93
C ASP A 42 4.36 6.03 7.33
N ALA A 43 3.47 6.18 6.37
CA ALA A 43 2.21 6.84 6.62
C ALA A 43 1.28 5.94 7.44
N SER A 44 1.25 4.64 7.14
CA SER A 44 0.39 3.73 7.88
C SER A 44 0.88 3.57 9.32
N ALA A 45 2.19 3.59 9.50
CA ALA A 45 2.81 3.46 10.80
C ALA A 45 2.56 4.70 11.64
N ASP A 46 2.22 5.80 10.98
CA ASP A 46 1.98 7.07 11.67
C ASP A 46 0.53 7.11 12.14
N ASP A 47 -0.19 6.04 11.84
CA ASP A 47 -1.60 5.88 12.16
C ASP A 47 -2.44 6.89 11.38
N ALA A 48 -2.23 6.87 10.11
CA ALA A 48 -2.98 7.67 9.20
C ALA A 48 -4.05 6.81 8.54
N SER A 49 -5.20 7.41 8.26
CA SER A 49 -6.29 6.71 7.60
C SER A 49 -5.89 6.51 6.13
N GLU A 50 -6.51 5.56 5.44
CA GLU A 50 -6.07 5.24 4.08
C GLU A 50 -6.36 6.38 3.13
N ASP A 51 -7.43 7.09 3.38
CA ASP A 51 -7.81 8.24 2.55
C ASP A 51 -6.81 9.39 2.75
N GLU A 52 -6.22 9.44 3.91
CA GLU A 52 -5.18 10.39 4.22
C GLU A 52 -3.95 10.02 3.45
N MET A 53 -3.58 8.78 3.58
CA MET A 53 -2.39 8.25 2.97
C MET A 53 -2.47 8.32 1.47
N ALA A 54 -3.54 7.81 0.90
CA ALA A 54 -3.77 7.78 -0.55
C ALA A 54 -3.57 9.15 -1.18
N GLN A 55 -3.97 10.18 -0.48
CA GLN A 55 -3.87 11.54 -0.97
C GLN A 55 -2.42 12.03 -0.94
N LEU A 56 -1.65 11.49 -0.03
CA LEU A 56 -0.29 11.93 0.17
C LEU A 56 0.69 11.04 -0.60
N VAL A 57 0.64 9.76 -0.30
CA VAL A 57 1.59 8.80 -0.83
C VAL A 57 1.26 8.32 -2.25
N LEU A 58 -0.01 8.24 -2.55
CA LEU A 58 -0.42 7.87 -3.92
C LEU A 58 -0.87 9.06 -4.70
N GLY A 59 -1.06 10.17 -4.02
CA GLY A 59 -1.48 11.38 -4.70
C GLY A 59 -2.87 11.26 -5.26
N ILE A 60 -3.71 10.55 -4.57
CA ILE A 60 -5.05 10.29 -5.02
C ILE A 60 -6.06 10.94 -4.11
N ASP A 61 -6.84 11.83 -4.69
CA ASP A 61 -7.87 12.53 -3.96
C ASP A 61 -8.95 11.52 -3.59
N PRO A 62 -9.17 11.31 -2.30
CA PRO A 62 -10.08 10.28 -1.83
C PRO A 62 -11.55 10.64 -1.95
N MET A 63 -11.85 11.87 -2.24
CA MET A 63 -13.22 12.23 -2.48
C MET A 63 -13.52 11.94 -3.94
N ARG A 64 -12.52 12.18 -4.75
CA ARG A 64 -12.57 11.99 -6.18
C ARG A 64 -12.61 10.51 -6.52
N GLU A 65 -11.61 9.74 -6.10
CA GLU A 65 -11.58 8.33 -6.37
C GLU A 65 -11.17 7.54 -5.12
N PRO A 66 -12.10 7.36 -4.17
CA PRO A 66 -11.81 6.70 -2.89
C PRO A 66 -11.58 5.21 -2.99
N GLU A 67 -12.24 4.55 -3.93
CA GLU A 67 -12.17 3.10 -4.02
C GLU A 67 -10.76 2.67 -4.37
N ARG A 68 -10.24 3.20 -5.46
CA ARG A 68 -8.88 2.92 -5.89
C ARG A 68 -7.87 3.41 -4.86
N ALA A 69 -8.19 4.52 -4.19
CA ALA A 69 -7.32 5.09 -3.19
C ALA A 69 -7.15 4.12 -2.04
N ARG A 70 -8.25 3.65 -1.51
CA ARG A 70 -8.21 2.78 -0.37
C ARG A 70 -7.71 1.38 -0.74
N MET A 71 -8.14 0.90 -1.92
CA MET A 71 -7.82 -0.46 -2.34
C MET A 71 -6.33 -0.62 -2.54
N ALA A 72 -5.70 0.42 -3.05
CA ALA A 72 -4.31 0.39 -3.30
C ALA A 72 -3.56 0.52 -1.99
N VAL A 73 -3.90 1.53 -1.21
CA VAL A 73 -3.23 1.81 0.05
C VAL A 73 -3.28 0.63 1.01
N ARG A 74 -4.46 0.10 1.25
CA ARG A 74 -4.64 -0.97 2.22
C ARG A 74 -3.88 -2.25 1.78
N SER A 75 -3.77 -2.45 0.50
CA SER A 75 -3.07 -3.61 -0.05
C SER A 75 -1.56 -3.37 -0.10
N HIS A 76 -1.16 -2.19 -0.50
CA HIS A 76 0.25 -1.87 -0.65
C HIS A 76 0.93 -1.75 0.72
N LEU A 77 0.24 -1.17 1.71
CA LEU A 77 0.80 -1.05 3.04
C LEU A 77 0.94 -2.44 3.65
N ASP A 78 0.05 -3.35 3.24
CA ASP A 78 0.01 -4.72 3.74
C ASP A 78 1.34 -5.39 3.43
N ARG A 79 1.86 -5.18 2.23
CA ARG A 79 3.15 -5.75 1.90
C ARG A 79 4.25 -4.98 2.55
N ALA A 80 4.09 -3.68 2.55
CA ALA A 80 5.11 -2.78 3.02
C ALA A 80 5.46 -2.98 4.50
N ASN A 81 4.47 -2.97 5.37
CA ASN A 81 4.72 -3.07 6.83
C ASN A 81 5.18 -4.47 7.20
N TRP A 82 4.67 -5.44 6.48
CA TRP A 82 5.02 -6.84 6.67
C TRP A 82 6.44 -7.12 6.16
N MET A 83 6.88 -6.34 5.19
CA MET A 83 8.19 -6.52 4.56
C MET A 83 9.31 -6.00 5.47
N VAL A 84 8.94 -5.32 6.52
CA VAL A 84 9.89 -4.83 7.48
C VAL A 84 10.24 -5.98 8.43
N THR A 85 11.31 -6.63 8.15
CA THR A 85 11.70 -7.76 8.93
C THR A 85 12.52 -7.31 10.13
N THR A 86 11.97 -7.55 11.32
CA THR A 86 12.62 -7.21 12.59
C THR A 86 12.76 -5.68 12.72
N GLY A 87 11.63 -5.00 12.58
CA GLY A 87 11.66 -3.58 12.65
C GLY A 87 10.31 -2.95 12.96
N TYR A 88 9.33 -3.73 13.37
CA TYR A 88 8.04 -3.18 13.75
C TYR A 88 7.62 -3.74 15.07
N LYS A 89 6.81 -3.01 15.80
CA LYS A 89 6.33 -3.48 17.09
C LYS A 89 5.18 -4.44 16.84
N GLU A 90 4.07 -3.86 16.40
CA GLU A 90 2.86 -4.60 16.13
C GLU A 90 2.22 -4.04 14.88
N LEU A 91 1.51 -4.86 14.18
CA LEU A 91 0.87 -4.46 12.93
C LEU A 91 -0.58 -4.04 13.19
N PHE A 92 -0.99 -4.06 14.43
CA PHE A 92 -2.34 -3.73 14.81
C PHE A 92 -2.34 -3.17 16.22
N ALA A 93 -3.23 -2.26 16.48
CA ALA A 93 -3.36 -1.65 17.79
C ALA A 93 -4.80 -1.26 18.03
N ARG A 94 -5.35 -1.71 19.14
CA ARG A 94 -6.72 -1.41 19.49
C ARG A 94 -6.89 -1.41 21.00
N GLY A 11 -10.67 -5.50 -20.50
CA GLY A 11 -9.47 -5.22 -21.27
C GLY A 11 -8.82 -3.96 -20.80
N SER A 12 -8.45 -3.11 -21.73
CA SER A 12 -7.81 -1.84 -21.41
C SER A 12 -8.79 -0.94 -20.66
N LYS A 13 -8.36 -0.44 -19.53
CA LYS A 13 -9.19 0.42 -18.70
C LYS A 13 -8.29 1.26 -17.81
N ARG A 14 -7.04 1.42 -18.29
CA ARG A 14 -5.90 1.98 -17.53
C ARG A 14 -5.36 0.91 -16.61
N LYS A 15 -4.05 0.72 -16.59
CA LYS A 15 -3.49 -0.32 -15.77
C LYS A 15 -3.38 0.09 -14.32
N VAL A 16 -4.51 0.15 -13.70
CA VAL A 16 -4.61 0.42 -12.32
C VAL A 16 -4.48 -0.89 -11.57
N GLN A 17 -3.35 -1.07 -10.96
CA GLN A 17 -3.03 -2.26 -10.21
C GLN A 17 -3.90 -2.26 -8.96
N ASP A 18 -3.52 -1.39 -8.03
CA ASP A 18 -4.26 -1.11 -6.81
C ASP A 18 -4.48 -2.36 -5.95
N GLU A 19 -3.58 -3.30 -6.10
CA GLU A 19 -3.63 -4.55 -5.37
C GLU A 19 -2.23 -5.07 -5.24
N VAL A 20 -2.01 -6.06 -4.42
CA VAL A 20 -0.68 -6.56 -4.19
C VAL A 20 -0.61 -8.07 -4.50
N PRO A 21 0.47 -8.53 -5.16
CA PRO A 21 0.69 -9.96 -5.43
C PRO A 21 0.92 -10.74 -4.12
N TRP A 22 0.00 -11.61 -3.80
CA TRP A 22 0.07 -12.30 -2.55
C TRP A 22 -0.30 -13.76 -2.69
N SER A 23 -1.37 -14.03 -3.42
CA SER A 23 -1.91 -15.37 -3.48
C SER A 23 -1.27 -16.20 -4.60
N ASP A 24 -0.83 -15.56 -5.67
CA ASP A 24 -0.25 -16.34 -6.76
C ASP A 24 1.21 -16.60 -6.48
N SER A 25 1.89 -15.53 -6.15
CA SER A 25 3.31 -15.44 -5.79
C SER A 25 3.62 -13.98 -5.75
N LEU A 26 4.82 -13.65 -5.37
CA LEU A 26 5.27 -12.28 -5.45
C LEU A 26 5.69 -12.11 -6.91
N THR A 27 5.30 -11.05 -7.54
CA THR A 27 5.56 -10.89 -8.94
C THR A 27 6.44 -9.69 -9.24
N ALA A 28 7.23 -9.83 -10.29
CA ALA A 28 8.25 -8.88 -10.68
C ALA A 28 7.72 -7.47 -11.00
N TYR A 29 6.48 -7.37 -11.46
CA TYR A 29 5.93 -6.08 -11.84
C TYR A 29 5.80 -5.17 -10.61
N ASP A 30 5.17 -5.69 -9.57
CA ASP A 30 4.98 -4.93 -8.35
C ASP A 30 6.25 -4.90 -7.54
N ASN A 31 7.10 -5.88 -7.78
CA ASN A 31 8.41 -5.97 -7.13
C ASN A 31 9.26 -4.75 -7.54
N GLU A 32 8.89 -4.12 -8.64
CA GLU A 32 9.59 -2.99 -9.16
C GLU A 32 9.14 -1.75 -8.39
N HIS A 33 7.96 -1.87 -7.82
CA HIS A 33 7.29 -0.78 -7.14
C HIS A 33 7.62 -0.78 -5.66
N PHE A 34 8.13 -1.91 -5.15
CA PHE A 34 8.42 -2.08 -3.72
C PHE A 34 9.26 -0.99 -3.10
N THR A 35 10.01 -0.26 -3.91
CA THR A 35 10.79 0.86 -3.43
C THR A 35 9.88 1.85 -2.66
N ILE A 36 8.70 2.12 -3.21
CA ILE A 36 7.78 3.10 -2.65
C ILE A 36 7.05 2.58 -1.42
N TYR A 37 7.03 1.27 -1.26
CA TYR A 37 6.33 0.61 -0.15
C TYR A 37 6.76 1.07 1.23
N MET A 38 8.05 1.33 1.39
CA MET A 38 8.56 1.80 2.68
C MET A 38 8.02 3.19 3.02
N ARG A 39 7.69 3.94 1.99
CA ARG A 39 7.14 5.27 2.15
C ARG A 39 5.69 5.19 2.58
N LEU A 40 5.00 4.19 2.04
CA LEU A 40 3.61 3.94 2.31
C LEU A 40 3.40 3.56 3.77
N LEU A 41 4.23 2.65 4.25
CA LEU A 41 4.09 2.12 5.60
C LEU A 41 4.33 3.20 6.65
N ASP A 42 5.15 4.17 6.32
CA ASP A 42 5.45 5.26 7.23
C ASP A 42 4.20 6.04 7.56
N ALA A 43 3.35 6.19 6.56
CA ALA A 43 2.10 6.90 6.74
C ALA A 43 1.14 6.06 7.56
N SER A 44 1.12 4.74 7.32
CA SER A 44 0.23 3.88 8.07
C SER A 44 0.68 3.77 9.54
N ALA A 45 2.01 3.83 9.75
CA ALA A 45 2.59 3.76 11.07
C ALA A 45 2.42 5.07 11.83
N ASP A 46 1.99 6.10 11.11
CA ASP A 46 1.74 7.40 11.74
C ASP A 46 0.26 7.52 12.05
N ASP A 47 -0.47 6.45 11.76
CA ASP A 47 -1.92 6.34 11.96
C ASP A 47 -2.68 7.27 11.07
N ALA A 48 -2.13 7.51 9.91
CA ALA A 48 -2.79 8.31 8.93
C ALA A 48 -3.92 7.49 8.34
N SER A 49 -5.03 8.11 8.09
CA SER A 49 -6.16 7.42 7.50
C SER A 49 -5.83 7.04 6.06
N GLU A 50 -6.50 6.03 5.53
CA GLU A 50 -6.20 5.51 4.20
C GLU A 50 -6.39 6.56 3.13
N ASP A 51 -7.40 7.39 3.32
CA ASP A 51 -7.72 8.45 2.37
C ASP A 51 -6.65 9.53 2.42
N GLU A 52 -6.15 9.79 3.63
CA GLU A 52 -5.08 10.74 3.85
C GLU A 52 -3.85 10.21 3.13
N MET A 53 -3.52 8.95 3.44
CA MET A 53 -2.31 8.31 2.92
C MET A 53 -2.35 8.26 1.42
N ALA A 54 -3.42 7.73 0.89
CA ALA A 54 -3.62 7.57 -0.55
C ALA A 54 -3.36 8.86 -1.31
N GLN A 55 -3.77 9.95 -0.74
CA GLN A 55 -3.64 11.26 -1.36
C GLN A 55 -2.19 11.76 -1.26
N LEU A 56 -1.48 11.31 -0.26
CA LEU A 56 -0.14 11.77 0.00
C LEU A 56 0.88 10.88 -0.68
N VAL A 57 0.81 9.61 -0.36
CA VAL A 57 1.76 8.64 -0.83
C VAL A 57 1.47 8.17 -2.24
N LEU A 58 0.21 7.85 -2.53
CA LEU A 58 -0.15 7.41 -3.89
C LEU A 58 -0.58 8.55 -4.77
N GLY A 59 -0.81 9.71 -4.17
CA GLY A 59 -1.22 10.88 -4.94
C GLY A 59 -2.61 10.72 -5.53
N ILE A 60 -3.43 9.98 -4.83
CA ILE A 60 -4.75 9.67 -5.28
C ILE A 60 -5.80 10.41 -4.47
N ASP A 61 -6.56 11.23 -5.17
CA ASP A 61 -7.61 12.06 -4.60
C ASP A 61 -8.71 11.18 -4.07
N PRO A 62 -8.89 11.13 -2.76
CA PRO A 62 -9.89 10.28 -2.14
C PRO A 62 -11.26 10.94 -2.20
N MET A 63 -11.29 12.10 -2.79
CA MET A 63 -12.51 12.82 -2.99
C MET A 63 -13.19 12.26 -4.20
N ARG A 64 -12.38 11.89 -5.17
CA ARG A 64 -12.88 11.41 -6.43
C ARG A 64 -12.65 9.93 -6.64
N GLU A 65 -11.50 9.49 -6.27
CA GLU A 65 -11.08 8.10 -6.42
C GLU A 65 -10.83 7.41 -5.04
N PRO A 66 -11.81 7.39 -4.09
CA PRO A 66 -11.56 6.86 -2.75
C PRO A 66 -11.49 5.35 -2.68
N GLU A 67 -12.13 4.68 -3.64
CA GLU A 67 -12.19 3.24 -3.62
C GLU A 67 -10.84 2.67 -3.96
N ARG A 68 -10.30 3.08 -5.09
CA ARG A 68 -8.99 2.63 -5.51
C ARG A 68 -7.94 3.11 -4.52
N ALA A 69 -8.17 4.29 -3.95
CA ALA A 69 -7.27 4.88 -2.97
C ALA A 69 -7.10 3.96 -1.78
N ARG A 70 -8.22 3.54 -1.21
CA ARG A 70 -8.16 2.69 -0.04
C ARG A 70 -7.75 1.28 -0.40
N MET A 71 -8.17 0.80 -1.57
CA MET A 71 -7.86 -0.56 -1.96
C MET A 71 -6.38 -0.73 -2.19
N ALA A 72 -5.75 0.28 -2.77
CA ALA A 72 -4.36 0.22 -3.04
C ALA A 72 -3.59 0.37 -1.77
N VAL A 73 -3.96 1.35 -0.96
CA VAL A 73 -3.30 1.61 0.31
C VAL A 73 -3.31 0.37 1.21
N ARG A 74 -4.48 -0.23 1.42
CA ARG A 74 -4.62 -1.41 2.28
C ARG A 74 -3.71 -2.54 1.82
N SER A 75 -3.73 -2.78 0.54
CA SER A 75 -3.00 -3.86 -0.06
C SER A 75 -1.51 -3.59 -0.13
N HIS A 76 -1.15 -2.38 -0.50
CA HIS A 76 0.25 -2.04 -0.64
C HIS A 76 0.92 -1.94 0.74
N LEU A 77 0.22 -1.41 1.73
CA LEU A 77 0.79 -1.33 3.07
C LEU A 77 0.96 -2.73 3.63
N ASP A 78 0.08 -3.63 3.18
CA ASP A 78 0.07 -5.02 3.64
C ASP A 78 1.40 -5.68 3.27
N ARG A 79 1.94 -5.40 2.11
CA ARG A 79 3.25 -5.98 1.81
C ARG A 79 4.35 -5.20 2.51
N ALA A 80 4.18 -3.90 2.58
CA ALA A 80 5.19 -3.00 3.13
C ALA A 80 5.49 -3.25 4.61
N ASN A 81 4.45 -3.28 5.43
CA ASN A 81 4.61 -3.42 6.90
C ASN A 81 5.07 -4.82 7.27
N TRP A 82 4.69 -5.77 6.45
CA TRP A 82 5.00 -7.19 6.68
C TRP A 82 6.43 -7.50 6.22
N MET A 83 6.92 -6.75 5.25
CA MET A 83 8.25 -6.96 4.69
C MET A 83 9.31 -6.57 5.69
N VAL A 84 9.14 -5.41 6.27
CA VAL A 84 10.09 -4.90 7.24
C VAL A 84 9.93 -5.68 8.52
N THR A 85 10.92 -6.44 8.86
CA THR A 85 10.81 -7.37 9.94
C THR A 85 12.01 -7.27 10.89
N THR A 86 12.13 -8.25 11.79
CA THR A 86 13.23 -8.37 12.75
C THR A 86 13.08 -7.37 13.90
N GLY A 87 13.16 -6.10 13.61
CA GLY A 87 13.04 -5.09 14.63
C GLY A 87 12.04 -4.06 14.22
N TYR A 88 10.85 -4.50 13.93
CA TYR A 88 9.81 -3.60 13.47
C TYR A 88 8.94 -3.15 14.64
N LYS A 89 9.19 -3.76 15.83
CA LYS A 89 8.42 -3.51 17.08
C LYS A 89 7.02 -4.15 16.95
N GLU A 90 6.86 -4.96 15.90
CA GLU A 90 5.61 -5.56 15.47
C GLU A 90 4.69 -4.50 14.88
N LEU A 91 3.47 -4.84 14.60
CA LEU A 91 2.59 -3.90 13.92
C LEU A 91 1.63 -3.21 14.88
N PHE A 92 1.16 -3.93 15.88
CA PHE A 92 0.20 -3.35 16.81
C PHE A 92 0.86 -2.84 18.08
N ALA A 93 2.14 -2.65 18.00
CA ALA A 93 2.91 -2.07 19.06
C ALA A 93 3.84 -1.07 18.44
N ARG A 94 4.01 0.05 19.07
CA ARG A 94 4.83 1.09 18.53
C ARG A 94 5.31 1.94 19.68
N GLY A 11 1.39 -5.43 -25.36
CA GLY A 11 0.57 -5.33 -24.16
C GLY A 11 0.68 -3.95 -23.59
N SER A 12 -0.42 -3.40 -23.15
CA SER A 12 -0.41 -2.07 -22.63
C SER A 12 -0.08 -2.06 -21.15
N LYS A 13 1.20 -1.94 -20.82
CA LYS A 13 1.56 -1.77 -19.44
C LYS A 13 1.33 -0.33 -19.07
N ARG A 14 0.40 -0.12 -18.19
CA ARG A 14 -0.03 1.20 -17.82
C ARG A 14 -0.05 1.36 -16.32
N LYS A 15 0.83 0.63 -15.61
CA LYS A 15 0.94 0.71 -14.14
C LYS A 15 -0.35 0.15 -13.52
N VAL A 16 -0.99 -0.77 -14.25
CA VAL A 16 -2.25 -1.31 -13.83
C VAL A 16 -2.03 -2.40 -12.80
N GLN A 17 -2.17 -2.04 -11.60
CA GLN A 17 -2.00 -2.92 -10.50
C GLN A 17 -3.07 -2.59 -9.45
N ASP A 18 -2.85 -1.47 -8.73
CA ASP A 18 -3.80 -0.89 -7.70
C ASP A 18 -4.15 -1.92 -6.59
N GLU A 19 -3.32 -2.92 -6.48
CA GLU A 19 -3.44 -3.97 -5.49
C GLU A 19 -2.11 -4.63 -5.34
N VAL A 20 -1.98 -5.51 -4.42
CA VAL A 20 -0.79 -6.31 -4.34
C VAL A 20 -1.17 -7.70 -4.78
N PRO A 21 -0.38 -8.30 -5.68
CA PRO A 21 -0.67 -9.65 -6.27
C PRO A 21 -0.47 -10.81 -5.24
N TRP A 22 -0.82 -10.55 -4.00
CA TRP A 22 -0.61 -11.43 -2.84
C TRP A 22 -1.26 -12.78 -3.09
N SER A 23 -2.46 -12.75 -3.58
CA SER A 23 -3.25 -13.93 -3.78
C SER A 23 -2.85 -14.66 -5.07
N ASP A 24 -2.12 -14.00 -5.95
CA ASP A 24 -1.82 -14.65 -7.21
C ASP A 24 -0.39 -15.17 -7.25
N SER A 25 0.56 -14.30 -6.92
CA SER A 25 1.98 -14.61 -6.89
C SER A 25 2.72 -13.30 -6.75
N LEU A 26 3.84 -13.28 -6.07
CA LEU A 26 4.66 -12.09 -5.99
C LEU A 26 5.43 -12.05 -7.30
N THR A 27 5.43 -10.93 -7.98
CA THR A 27 6.00 -10.91 -9.31
C THR A 27 6.92 -9.73 -9.58
N ALA A 28 7.44 -9.69 -10.78
CA ALA A 28 8.38 -8.69 -11.18
C ALA A 28 7.75 -7.30 -11.34
N TYR A 29 6.44 -7.23 -11.61
CA TYR A 29 5.84 -5.92 -11.90
C TYR A 29 5.57 -5.12 -10.62
N ASP A 30 5.10 -5.82 -9.63
CA ASP A 30 4.76 -5.24 -8.34
C ASP A 30 6.00 -4.94 -7.56
N ASN A 31 7.00 -5.79 -7.73
CA ASN A 31 8.27 -5.67 -7.03
C ASN A 31 9.01 -4.36 -7.39
N GLU A 32 8.63 -3.75 -8.51
CA GLU A 32 9.26 -2.52 -8.96
C GLU A 32 8.68 -1.37 -8.17
N HIS A 33 7.47 -1.58 -7.75
CA HIS A 33 6.73 -0.60 -7.06
C HIS A 33 7.01 -0.66 -5.57
N PHE A 34 7.66 -1.74 -5.14
CA PHE A 34 7.95 -1.96 -3.72
C PHE A 34 8.87 -0.92 -3.11
N THR A 35 9.62 -0.23 -3.95
CA THR A 35 10.49 0.82 -3.48
C THR A 35 9.66 1.88 -2.73
N ILE A 36 8.51 2.22 -3.29
CA ILE A 36 7.68 3.24 -2.69
C ILE A 36 6.90 2.72 -1.48
N TYR A 37 6.73 1.38 -1.41
CA TYR A 37 6.02 0.71 -0.29
C TYR A 37 6.70 1.02 1.02
N MET A 38 8.01 1.02 0.98
CA MET A 38 8.86 1.30 2.12
C MET A 38 8.60 2.71 2.67
N ARG A 39 8.21 3.61 1.81
CA ARG A 39 7.85 4.95 2.23
C ARG A 39 6.40 4.96 2.79
N LEU A 40 5.51 4.26 2.09
CA LEU A 40 4.05 4.27 2.36
C LEU A 40 3.66 3.92 3.80
N LEU A 41 4.28 2.88 4.36
CA LEU A 41 3.89 2.37 5.69
C LEU A 41 4.05 3.42 6.79
N ASP A 42 4.97 4.36 6.58
CA ASP A 42 5.27 5.41 7.55
C ASP A 42 4.01 6.21 7.91
N ALA A 43 3.16 6.45 6.92
CA ALA A 43 1.92 7.19 7.13
C ALA A 43 0.93 6.35 7.92
N SER A 44 0.99 5.05 7.73
CA SER A 44 0.09 4.14 8.41
C SER A 44 0.48 4.08 9.88
N ALA A 45 1.78 4.10 10.14
CA ALA A 45 2.31 4.04 11.49
C ALA A 45 2.01 5.34 12.24
N ASP A 46 1.74 6.38 11.47
CA ASP A 46 1.47 7.69 12.03
C ASP A 46 -0.02 7.79 12.36
N ASP A 47 -0.74 6.71 12.03
CA ASP A 47 -2.18 6.58 12.23
C ASP A 47 -2.92 7.62 11.41
N ALA A 48 -2.50 7.72 10.20
CA ALA A 48 -3.13 8.59 9.26
C ALA A 48 -4.35 7.87 8.71
N SER A 49 -5.35 8.62 8.31
CA SER A 49 -6.50 8.03 7.72
C SER A 49 -6.08 7.52 6.34
N GLU A 50 -6.68 6.45 5.85
CA GLU A 50 -6.20 5.85 4.63
C GLU A 50 -6.47 6.73 3.44
N ASP A 51 -7.54 7.50 3.50
CA ASP A 51 -7.90 8.41 2.41
C ASP A 51 -6.89 9.53 2.36
N GLU A 52 -6.37 9.89 3.51
CA GLU A 52 -5.37 10.92 3.60
C GLU A 52 -4.09 10.35 3.06
N MET A 53 -3.75 9.16 3.56
CA MET A 53 -2.53 8.48 3.16
C MET A 53 -2.52 8.28 1.68
N ALA A 54 -3.57 7.71 1.15
CA ALA A 54 -3.70 7.38 -0.26
C ALA A 54 -3.42 8.56 -1.15
N GLN A 55 -3.86 9.70 -0.72
CA GLN A 55 -3.72 10.92 -1.48
C GLN A 55 -2.28 11.44 -1.39
N LEU A 56 -1.60 11.11 -0.32
CA LEU A 56 -0.27 11.59 -0.07
C LEU A 56 0.77 10.60 -0.55
N VAL A 57 0.68 9.39 -0.03
CA VAL A 57 1.64 8.36 -0.27
C VAL A 57 1.44 7.66 -1.62
N LEU A 58 0.20 7.36 -1.98
CA LEU A 58 -0.06 6.74 -3.29
C LEU A 58 -0.39 7.77 -4.33
N GLY A 59 -0.64 9.00 -3.90
CA GLY A 59 -0.96 10.06 -4.85
C GLY A 59 -2.32 9.86 -5.49
N ILE A 60 -3.19 9.20 -4.77
CA ILE A 60 -4.51 8.89 -5.26
C ILE A 60 -5.52 9.67 -4.50
N ASP A 61 -6.13 10.58 -5.17
CA ASP A 61 -7.12 11.42 -4.59
C ASP A 61 -8.44 10.70 -4.37
N PRO A 62 -8.84 10.60 -3.09
CA PRO A 62 -10.10 9.96 -2.69
C PRO A 62 -11.28 10.90 -2.91
N MET A 63 -10.97 12.03 -3.51
CA MET A 63 -11.95 12.99 -3.93
C MET A 63 -12.58 12.45 -5.20
N ARG A 64 -11.77 11.74 -5.94
CA ARG A 64 -12.17 11.15 -7.18
C ARG A 64 -12.50 9.68 -7.02
N GLU A 65 -11.62 8.94 -6.38
CA GLU A 65 -11.88 7.54 -6.18
C GLU A 65 -11.26 7.06 -4.87
N PRO A 66 -12.01 7.10 -3.78
CA PRO A 66 -11.54 6.67 -2.47
C PRO A 66 -11.45 5.14 -2.31
N GLU A 67 -12.19 4.39 -3.10
CA GLU A 67 -12.23 2.94 -2.94
C GLU A 67 -10.88 2.32 -3.30
N ARG A 68 -10.40 2.58 -4.51
CA ARG A 68 -9.10 2.12 -4.94
C ARG A 68 -8.01 2.68 -4.04
N ALA A 69 -8.24 3.91 -3.55
CA ALA A 69 -7.31 4.58 -2.68
C ALA A 69 -7.09 3.76 -1.42
N ARG A 70 -8.18 3.38 -0.76
CA ARG A 70 -8.06 2.62 0.46
C ARG A 70 -7.67 1.19 0.22
N MET A 71 -8.17 0.60 -0.86
CA MET A 71 -7.87 -0.78 -1.16
C MET A 71 -6.38 -0.94 -1.43
N ALA A 72 -5.81 0.02 -2.14
CA ALA A 72 -4.44 -0.03 -2.49
C ALA A 72 -3.60 0.30 -1.28
N VAL A 73 -4.05 1.25 -0.46
CA VAL A 73 -3.35 1.60 0.78
C VAL A 73 -3.11 0.38 1.64
N ARG A 74 -4.18 -0.38 1.92
CA ARG A 74 -4.01 -1.58 2.71
C ARG A 74 -3.08 -2.55 2.01
N SER A 75 -3.37 -2.82 0.78
CA SER A 75 -2.64 -3.79 -0.01
C SER A 75 -1.15 -3.46 -0.05
N HIS A 76 -0.84 -2.23 -0.33
CA HIS A 76 0.53 -1.76 -0.42
C HIS A 76 1.20 -1.77 0.95
N LEU A 77 0.45 -1.51 2.00
CA LEU A 77 1.01 -1.54 3.34
C LEU A 77 1.24 -2.99 3.75
N ASP A 78 0.39 -3.89 3.25
CA ASP A 78 0.52 -5.30 3.54
C ASP A 78 1.91 -5.79 3.15
N ARG A 79 2.36 -5.44 1.96
CA ARG A 79 3.70 -5.86 1.60
C ARG A 79 4.75 -5.03 2.32
N ALA A 80 4.45 -3.75 2.53
CA ALA A 80 5.40 -2.84 3.16
C ALA A 80 5.76 -3.26 4.60
N ASN A 81 4.75 -3.50 5.42
CA ASN A 81 4.97 -3.85 6.82
C ASN A 81 5.51 -5.27 6.95
N TRP A 82 5.00 -6.18 6.12
CA TRP A 82 5.42 -7.58 6.16
C TRP A 82 6.85 -7.76 5.67
N MET A 83 7.31 -6.86 4.80
CA MET A 83 8.68 -6.88 4.27
C MET A 83 9.69 -6.49 5.37
N VAL A 84 9.18 -5.93 6.46
CA VAL A 84 10.03 -5.59 7.57
C VAL A 84 10.33 -6.84 8.40
N THR A 85 11.32 -7.56 7.96
CA THR A 85 11.73 -8.78 8.60
C THR A 85 12.61 -8.48 9.81
N THR A 86 13.04 -7.23 9.91
CA THR A 86 13.81 -6.73 11.02
C THR A 86 12.99 -6.81 12.32
N GLY A 87 11.70 -6.57 12.20
CA GLY A 87 10.82 -6.63 13.33
C GLY A 87 9.84 -5.49 13.34
N TYR A 88 8.65 -5.75 13.81
CA TYR A 88 7.58 -4.78 13.93
C TYR A 88 6.52 -5.34 14.87
N LYS A 89 6.27 -4.64 15.96
CA LYS A 89 5.32 -5.14 16.96
C LYS A 89 4.00 -4.42 16.91
N GLU A 90 4.03 -3.23 16.38
CA GLU A 90 2.89 -2.32 16.29
C GLU A 90 1.68 -2.91 15.54
N LEU A 91 1.94 -3.86 14.67
CA LEU A 91 0.88 -4.43 13.86
C LEU A 91 0.14 -5.58 14.56
N PHE A 92 0.86 -6.61 14.93
CA PHE A 92 0.20 -7.79 15.45
C PHE A 92 0.51 -8.04 16.92
N ALA A 93 1.69 -8.54 17.20
CA ALA A 93 2.04 -8.91 18.55
C ALA A 93 2.81 -7.81 19.21
N ARG A 94 2.10 -7.03 19.94
CA ARG A 94 2.67 -5.94 20.68
C ARG A 94 2.84 -6.35 22.13
N GLY A 11 -14.81 1.76 -16.82
CA GLY A 11 -13.57 2.19 -16.24
C GLY A 11 -12.70 1.03 -15.90
N SER A 12 -11.41 1.25 -15.91
CA SER A 12 -10.46 0.23 -15.58
C SER A 12 -10.30 0.21 -14.07
N LYS A 13 -10.61 -0.94 -13.46
CA LYS A 13 -10.58 -1.12 -12.02
C LYS A 13 -9.22 -0.76 -11.47
N ARG A 14 -8.20 -1.35 -12.04
CA ARG A 14 -6.86 -1.09 -11.62
C ARG A 14 -6.25 -0.17 -12.66
N LYS A 15 -5.50 0.80 -12.23
CA LYS A 15 -4.99 1.80 -13.16
C LYS A 15 -3.48 1.78 -13.22
N VAL A 16 -2.85 1.62 -12.09
CA VAL A 16 -1.40 1.57 -12.04
C VAL A 16 -0.95 0.19 -11.59
N GLN A 17 -1.74 -0.40 -10.71
CA GLN A 17 -1.53 -1.67 -10.07
C GLN A 17 -2.63 -1.79 -9.07
N ASP A 18 -2.57 -0.87 -8.11
CA ASP A 18 -3.61 -0.60 -7.09
C ASP A 18 -3.93 -1.83 -6.21
N GLU A 19 -3.02 -2.78 -6.17
CA GLU A 19 -3.16 -3.98 -5.36
C GLU A 19 -1.81 -4.59 -5.11
N VAL A 20 -1.74 -5.60 -4.29
CA VAL A 20 -0.50 -6.29 -4.03
C VAL A 20 -0.67 -7.74 -4.48
N PRO A 21 0.34 -8.33 -5.12
CA PRO A 21 0.26 -9.71 -5.52
C PRO A 21 0.48 -10.65 -4.34
N TRP A 22 -0.58 -10.92 -3.62
CA TRP A 22 -0.51 -11.76 -2.44
C TRP A 22 -1.19 -13.10 -2.71
N SER A 23 -1.92 -13.17 -3.80
CA SER A 23 -2.74 -14.33 -4.09
C SER A 23 -2.01 -15.34 -4.99
N ASP A 24 -1.50 -14.87 -6.11
CA ASP A 24 -0.87 -15.74 -7.09
C ASP A 24 0.54 -16.09 -6.68
N SER A 25 1.28 -15.08 -6.31
CA SER A 25 2.65 -15.16 -5.86
C SER A 25 3.10 -13.73 -5.81
N LEU A 26 4.25 -13.48 -5.28
CA LEU A 26 4.78 -12.16 -5.36
C LEU A 26 5.40 -12.08 -6.74
N THR A 27 5.08 -11.08 -7.50
CA THR A 27 5.41 -11.10 -8.89
C THR A 27 6.39 -10.02 -9.27
N ALA A 28 7.05 -10.25 -10.39
CA ALA A 28 8.13 -9.42 -10.86
C ALA A 28 7.74 -7.97 -11.12
N TYR A 29 6.49 -7.73 -11.54
CA TYR A 29 6.08 -6.37 -11.86
C TYR A 29 6.03 -5.52 -10.58
N ASP A 30 5.44 -6.05 -9.54
CA ASP A 30 5.33 -5.35 -8.27
C ASP A 30 6.64 -5.39 -7.54
N ASN A 31 7.42 -6.41 -7.81
CA ASN A 31 8.75 -6.58 -7.25
C ASN A 31 9.67 -5.38 -7.61
N GLU A 32 9.29 -4.65 -8.66
CA GLU A 32 10.02 -3.48 -9.11
C GLU A 32 9.47 -2.23 -8.43
N HIS A 33 8.40 -2.41 -7.70
CA HIS A 33 7.71 -1.32 -7.07
C HIS A 33 7.95 -1.27 -5.57
N PHE A 34 8.49 -2.35 -5.01
CA PHE A 34 8.74 -2.43 -3.55
C PHE A 34 9.58 -1.31 -2.98
N THR A 35 10.34 -0.65 -3.81
CA THR A 35 11.14 0.48 -3.41
C THR A 35 10.24 1.58 -2.79
N ILE A 36 9.05 1.77 -3.37
CA ILE A 36 8.11 2.78 -2.89
C ILE A 36 7.34 2.34 -1.65
N TYR A 37 7.31 1.03 -1.41
CA TYR A 37 6.56 0.43 -0.30
C TYR A 37 7.00 0.96 1.06
N MET A 38 8.30 1.02 1.27
CA MET A 38 8.87 1.55 2.52
C MET A 38 8.50 3.02 2.72
N ARG A 39 8.23 3.71 1.64
CA ARG A 39 7.84 5.09 1.68
C ARG A 39 6.39 5.21 2.10
N LEU A 40 5.52 4.39 1.49
CA LEU A 40 4.09 4.38 1.78
C LEU A 40 3.83 4.02 3.24
N LEU A 41 4.63 3.10 3.78
CA LEU A 41 4.42 2.60 5.12
C LEU A 41 4.58 3.66 6.21
N ASP A 42 5.38 4.69 5.94
CA ASP A 42 5.62 5.78 6.90
C ASP A 42 4.29 6.39 7.33
N ALA A 43 3.40 6.55 6.38
CA ALA A 43 2.10 7.12 6.65
C ALA A 43 1.24 6.15 7.47
N SER A 44 1.35 4.86 7.20
CA SER A 44 0.60 3.89 7.96
C SER A 44 1.14 3.78 9.39
N ALA A 45 2.45 4.02 9.53
CA ALA A 45 3.13 4.00 10.83
C ALA A 45 2.80 5.26 11.63
N ASP A 46 2.30 6.26 10.92
CA ASP A 46 1.86 7.53 11.50
C ASP A 46 0.40 7.35 11.92
N ASP A 47 -0.11 6.18 11.56
CA ASP A 47 -1.48 5.71 11.77
C ASP A 47 -2.45 6.60 11.04
N ALA A 48 -2.00 7.08 9.91
CA ALA A 48 -2.79 7.89 9.05
C ALA A 48 -3.91 7.04 8.47
N SER A 49 -5.03 7.65 8.26
CA SER A 49 -6.16 6.96 7.70
C SER A 49 -5.93 6.69 6.20
N GLU A 50 -6.61 5.69 5.65
CA GLU A 50 -6.41 5.28 4.24
C GLU A 50 -6.58 6.45 3.27
N ASP A 51 -7.56 7.29 3.54
CA ASP A 51 -7.89 8.43 2.70
C ASP A 51 -6.79 9.48 2.76
N GLU A 52 -6.20 9.63 3.95
CA GLU A 52 -5.10 10.53 4.19
C GLU A 52 -3.92 10.08 3.39
N MET A 53 -3.60 8.81 3.56
CA MET A 53 -2.44 8.22 2.94
C MET A 53 -2.59 8.21 1.45
N ALA A 54 -3.70 7.70 0.97
CA ALA A 54 -3.98 7.57 -0.46
C ALA A 54 -3.74 8.85 -1.21
N GLN A 55 -4.07 9.93 -0.62
CA GLN A 55 -3.97 11.23 -1.24
C GLN A 55 -2.50 11.70 -1.28
N LEU A 56 -1.73 11.24 -0.34
CA LEU A 56 -0.36 11.65 -0.19
C LEU A 56 0.59 10.70 -0.91
N VAL A 57 0.51 9.45 -0.52
CA VAL A 57 1.41 8.43 -0.99
C VAL A 57 1.02 7.89 -2.37
N LEU A 58 -0.27 7.71 -2.60
CA LEU A 58 -0.72 7.24 -3.91
C LEU A 58 -1.17 8.40 -4.78
N GLY A 59 -1.31 9.58 -4.19
CA GLY A 59 -1.73 10.75 -4.93
C GLY A 59 -3.18 10.67 -5.39
N ILE A 60 -3.98 9.97 -4.65
CA ILE A 60 -5.35 9.73 -5.02
C ILE A 60 -6.30 10.47 -4.12
N ASP A 61 -7.08 11.35 -4.71
CA ASP A 61 -8.09 12.11 -3.98
C ASP A 61 -9.16 11.13 -3.53
N PRO A 62 -9.36 10.97 -2.23
CA PRO A 62 -10.26 9.97 -1.71
C PRO A 62 -11.73 10.33 -1.85
N MET A 63 -12.00 11.56 -2.19
CA MET A 63 -13.37 11.98 -2.41
C MET A 63 -13.74 11.66 -3.84
N ARG A 64 -12.75 11.75 -4.68
CA ARG A 64 -12.88 11.51 -6.11
C ARG A 64 -12.88 10.02 -6.40
N GLU A 65 -11.83 9.34 -5.97
CA GLU A 65 -11.69 7.91 -6.21
C GLU A 65 -11.39 7.18 -4.89
N PRO A 66 -12.40 6.99 -4.00
CA PRO A 66 -12.20 6.38 -2.68
C PRO A 66 -11.87 4.87 -2.71
N GLU A 67 -12.50 4.12 -3.61
CA GLU A 67 -12.35 2.68 -3.64
C GLU A 67 -10.93 2.30 -3.97
N ARG A 68 -10.41 2.84 -5.05
CA ARG A 68 -9.06 2.57 -5.43
C ARG A 68 -8.07 3.17 -4.44
N ALA A 69 -8.45 4.29 -3.80
CA ALA A 69 -7.60 4.94 -2.82
C ALA A 69 -7.31 4.01 -1.67
N ARG A 70 -8.36 3.46 -1.08
CA ARG A 70 -8.19 2.54 0.00
C ARG A 70 -7.58 1.24 -0.47
N MET A 71 -7.99 0.75 -1.65
CA MET A 71 -7.55 -0.55 -2.13
C MET A 71 -6.06 -0.55 -2.42
N ALA A 72 -5.55 0.55 -2.94
CA ALA A 72 -4.15 0.66 -3.21
C ALA A 72 -3.41 0.81 -1.90
N VAL A 73 -3.89 1.67 -1.05
CA VAL A 73 -3.27 1.92 0.25
C VAL A 73 -3.17 0.66 1.09
N ARG A 74 -4.28 -0.04 1.27
CA ARG A 74 -4.31 -1.24 2.10
C ARG A 74 -3.31 -2.29 1.62
N SER A 75 -3.31 -2.48 0.35
CA SER A 75 -2.50 -3.47 -0.31
C SER A 75 -1.03 -3.04 -0.43
N HIS A 76 -0.80 -1.80 -0.74
CA HIS A 76 0.55 -1.34 -0.87
C HIS A 76 1.20 -1.16 0.50
N LEU A 77 0.40 -0.88 1.53
CA LEU A 77 0.94 -0.79 2.86
C LEU A 77 1.15 -2.18 3.41
N ASP A 78 0.32 -3.13 3.00
CA ASP A 78 0.39 -4.46 3.57
C ASP A 78 1.68 -5.16 3.31
N ARG A 79 2.11 -5.22 2.10
CA ARG A 79 3.40 -5.87 1.86
C ARG A 79 4.56 -5.07 2.45
N ALA A 80 4.36 -3.78 2.55
CA ALA A 80 5.37 -2.90 3.06
C ALA A 80 5.56 -3.10 4.56
N ASN A 81 4.48 -3.02 5.30
CA ASN A 81 4.53 -3.15 6.76
C ASN A 81 4.76 -4.57 7.19
N TRP A 82 4.29 -5.52 6.39
CA TRP A 82 4.47 -6.94 6.68
C TRP A 82 5.91 -7.37 6.56
N MET A 83 6.68 -6.65 5.73
CA MET A 83 8.12 -6.86 5.64
C MET A 83 8.73 -6.57 7.03
N VAL A 84 8.15 -5.58 7.69
CA VAL A 84 8.55 -5.20 9.02
C VAL A 84 8.03 -6.27 9.99
N THR A 85 8.86 -6.66 10.91
CA THR A 85 8.50 -7.67 11.86
C THR A 85 7.84 -7.06 13.08
N THR A 86 8.17 -5.83 13.39
CA THR A 86 7.64 -5.19 14.56
C THR A 86 6.86 -3.92 14.23
N GLY A 87 5.57 -4.02 14.26
CA GLY A 87 4.75 -2.85 14.07
C GLY A 87 4.25 -2.70 12.66
N TYR A 88 3.03 -3.10 12.44
CA TYR A 88 2.35 -2.86 11.18
C TYR A 88 1.05 -2.15 11.48
N LYS A 89 0.34 -1.71 10.46
CA LYS A 89 -0.94 -1.07 10.69
C LYS A 89 -2.02 -2.08 10.36
N GLU A 90 -3.00 -2.21 11.24
CA GLU A 90 -4.05 -3.22 11.11
C GLU A 90 -3.45 -4.63 11.11
N LEU A 91 -3.05 -5.06 12.29
CA LEU A 91 -2.40 -6.37 12.49
C LEU A 91 -3.39 -7.49 12.31
N PHE A 92 -4.45 -7.43 13.08
CA PHE A 92 -5.45 -8.45 13.17
C PHE A 92 -6.53 -7.94 14.10
N ALA A 93 -6.10 -7.50 15.26
CA ALA A 93 -6.97 -6.91 16.24
C ALA A 93 -6.50 -5.52 16.58
N ARG A 94 -7.07 -4.58 15.91
CA ARG A 94 -6.71 -3.22 16.08
C ARG A 94 -7.88 -2.49 16.71
N GLY A 11 -5.70 -3.88 -22.17
CA GLY A 11 -4.59 -4.75 -21.80
C GLY A 11 -4.59 -5.01 -20.32
N SER A 12 -3.95 -6.08 -19.88
CA SER A 12 -3.96 -6.42 -18.48
C SER A 12 -2.85 -5.72 -17.72
N LYS A 13 -3.01 -4.42 -17.60
CA LYS A 13 -2.08 -3.57 -16.92
C LYS A 13 -2.84 -2.60 -16.06
N ARG A 14 -2.78 -2.79 -14.77
CA ARG A 14 -3.34 -1.81 -13.87
C ARG A 14 -2.35 -0.69 -13.84
N LYS A 15 -2.61 0.30 -14.65
CA LYS A 15 -1.68 1.36 -14.97
C LYS A 15 -1.27 2.32 -13.86
N VAL A 16 -0.46 1.79 -12.99
CA VAL A 16 0.23 2.45 -11.90
C VAL A 16 0.82 1.35 -11.02
N GLN A 17 -0.07 0.38 -10.70
CA GLN A 17 0.17 -0.84 -9.93
C GLN A 17 -1.15 -1.19 -9.26
N ASP A 18 -1.49 -0.32 -8.30
CA ASP A 18 -2.73 -0.32 -7.48
C ASP A 18 -3.18 -1.67 -6.90
N GLU A 19 -2.27 -2.62 -6.80
CA GLU A 19 -2.51 -3.88 -6.09
C GLU A 19 -1.18 -4.49 -5.69
N VAL A 20 -1.26 -5.55 -4.93
CA VAL A 20 -0.09 -6.30 -4.53
C VAL A 20 -0.33 -7.77 -4.92
N PRO A 21 0.67 -8.46 -5.47
CA PRO A 21 0.55 -9.85 -5.84
C PRO A 21 0.56 -10.77 -4.62
N TRP A 22 -0.61 -11.20 -4.22
CA TRP A 22 -0.73 -12.04 -3.03
C TRP A 22 -1.62 -13.22 -3.34
N SER A 23 -2.18 -13.23 -4.52
CA SER A 23 -3.12 -14.24 -4.88
C SER A 23 -2.41 -15.51 -5.32
N ASP A 24 -1.52 -15.37 -6.25
CA ASP A 24 -0.86 -16.52 -6.83
C ASP A 24 0.59 -16.62 -6.37
N SER A 25 1.32 -15.53 -6.44
CA SER A 25 2.71 -15.51 -6.11
C SER A 25 3.15 -14.06 -6.15
N LEU A 26 4.39 -13.81 -5.78
CA LEU A 26 4.95 -12.50 -5.82
C LEU A 26 5.43 -12.30 -7.26
N THR A 27 5.19 -11.16 -7.85
CA THR A 27 5.48 -10.99 -9.24
C THR A 27 6.57 -9.97 -9.48
N ALA A 28 7.24 -10.13 -10.61
CA ALA A 28 8.40 -9.34 -10.97
C ALA A 28 8.09 -7.86 -11.10
N TYR A 29 6.93 -7.51 -11.65
CA TYR A 29 6.58 -6.11 -11.88
C TYR A 29 6.51 -5.38 -10.52
N ASP A 30 5.88 -6.03 -9.56
CA ASP A 30 5.62 -5.44 -8.26
C ASP A 30 6.86 -5.48 -7.42
N ASN A 31 7.67 -6.48 -7.65
CA ASN A 31 8.92 -6.68 -6.94
C ASN A 31 9.88 -5.50 -7.19
N GLU A 32 9.64 -4.81 -8.29
CA GLU A 32 10.46 -3.68 -8.71
C GLU A 32 9.95 -2.42 -7.98
N HIS A 33 8.77 -2.54 -7.42
CA HIS A 33 8.08 -1.45 -6.79
C HIS A 33 8.26 -1.47 -5.27
N PHE A 34 8.76 -2.56 -4.72
CA PHE A 34 8.82 -2.74 -3.27
C PHE A 34 9.54 -1.65 -2.47
N THR A 35 10.39 -0.90 -3.11
CA THR A 35 11.05 0.20 -2.44
C THR A 35 10.03 1.28 -2.02
N ILE A 36 8.97 1.46 -2.83
CA ILE A 36 7.98 2.51 -2.53
C ILE A 36 7.07 2.12 -1.38
N TYR A 37 7.03 0.82 -1.10
CA TYR A 37 6.23 0.25 -0.02
C TYR A 37 6.67 0.80 1.32
N MET A 38 7.98 0.97 1.47
CA MET A 38 8.57 1.49 2.70
C MET A 38 8.06 2.91 2.96
N ARG A 39 7.81 3.64 1.89
CA ARG A 39 7.36 5.03 2.02
C ARG A 39 5.89 5.08 2.39
N LEU A 40 5.12 4.19 1.80
CA LEU A 40 3.69 4.14 2.03
C LEU A 40 3.38 3.66 3.45
N LEU A 41 4.17 2.74 3.98
CA LEU A 41 3.94 2.23 5.33
C LEU A 41 4.23 3.31 6.35
N ASP A 42 5.14 4.21 5.99
CA ASP A 42 5.54 5.31 6.86
C ASP A 42 4.38 6.24 7.11
N ALA A 43 3.57 6.46 6.09
CA ALA A 43 2.40 7.32 6.23
C ALA A 43 1.37 6.69 7.18
N SER A 44 1.31 5.36 7.17
CA SER A 44 0.42 4.64 8.08
C SER A 44 0.98 4.71 9.50
N ALA A 45 2.30 4.65 9.60
CA ALA A 45 2.99 4.71 10.86
C ALA A 45 2.98 6.14 11.39
N ASP A 46 2.55 7.06 10.54
CA ASP A 46 2.46 8.46 10.88
C ASP A 46 1.06 8.74 11.44
N ASP A 47 0.30 7.64 11.66
CA ASP A 47 -1.04 7.65 12.29
C ASP A 47 -2.13 8.16 11.31
N ALA A 48 -1.77 8.22 10.05
CA ALA A 48 -2.66 8.71 9.05
C ALA A 48 -3.65 7.63 8.64
N SER A 49 -4.88 8.01 8.38
CA SER A 49 -5.89 7.10 7.92
C SER A 49 -5.61 6.80 6.45
N GLU A 50 -6.08 5.68 5.93
CA GLU A 50 -5.78 5.28 4.55
C GLU A 50 -6.21 6.32 3.53
N ASP A 51 -7.35 6.96 3.78
CA ASP A 51 -7.87 8.04 2.91
C ASP A 51 -6.91 9.21 2.87
N GLU A 52 -6.41 9.58 4.05
CA GLU A 52 -5.46 10.64 4.22
C GLU A 52 -4.22 10.34 3.42
N MET A 53 -3.72 9.16 3.65
CA MET A 53 -2.50 8.68 3.05
C MET A 53 -2.65 8.61 1.57
N ALA A 54 -3.71 7.97 1.11
CA ALA A 54 -3.99 7.77 -0.31
C ALA A 54 -3.95 9.06 -1.08
N GLN A 55 -4.36 10.12 -0.44
CA GLN A 55 -4.40 11.41 -1.05
C GLN A 55 -3.01 12.02 -1.15
N LEU A 56 -2.16 11.66 -0.23
CA LEU A 56 -0.84 12.22 -0.12
C LEU A 56 0.17 11.37 -0.86
N VAL A 57 0.23 10.11 -0.48
CA VAL A 57 1.20 9.20 -1.01
C VAL A 57 0.80 8.63 -2.37
N LEU A 58 -0.45 8.23 -2.54
CA LEU A 58 -0.87 7.71 -3.83
C LEU A 58 -1.41 8.82 -4.71
N GLY A 59 -1.63 9.97 -4.13
CA GLY A 59 -2.12 11.10 -4.88
C GLY A 59 -3.53 10.88 -5.45
N ILE A 60 -4.35 10.13 -4.73
CA ILE A 60 -5.74 9.92 -5.12
C ILE A 60 -6.65 10.69 -4.19
N ASP A 61 -7.63 11.39 -4.74
CA ASP A 61 -8.62 12.07 -3.93
C ASP A 61 -9.61 11.03 -3.42
N PRO A 62 -9.60 10.76 -2.12
CA PRO A 62 -10.42 9.72 -1.52
C PRO A 62 -11.84 10.19 -1.26
N MET A 63 -12.10 11.43 -1.57
CA MET A 63 -13.40 11.98 -1.39
C MET A 63 -14.26 11.64 -2.56
N ARG A 64 -13.66 11.65 -3.73
CA ARG A 64 -14.40 11.26 -4.92
C ARG A 64 -14.11 9.81 -5.24
N GLU A 65 -12.85 9.41 -5.09
CA GLU A 65 -12.45 8.06 -5.40
C GLU A 65 -11.89 7.34 -4.15
N PRO A 66 -12.75 7.01 -3.16
CA PRO A 66 -12.30 6.38 -1.93
C PRO A 66 -11.89 4.92 -2.12
N GLU A 67 -12.43 4.30 -3.15
CA GLU A 67 -12.24 2.89 -3.39
C GLU A 67 -10.80 2.62 -3.83
N ARG A 68 -10.36 3.27 -4.90
CA ARG A 68 -9.00 3.10 -5.37
C ARG A 68 -8.00 3.62 -4.36
N ALA A 69 -8.42 4.61 -3.59
CA ALA A 69 -7.60 5.19 -2.56
C ALA A 69 -7.25 4.15 -1.50
N ARG A 70 -8.26 3.49 -0.97
CA ARG A 70 -8.05 2.52 0.06
C ARG A 70 -7.47 1.24 -0.50
N MET A 71 -7.89 0.85 -1.70
CA MET A 71 -7.44 -0.41 -2.27
C MET A 71 -5.95 -0.39 -2.53
N ALA A 72 -5.42 0.77 -2.93
CA ALA A 72 -4.02 0.89 -3.21
C ALA A 72 -3.24 0.91 -1.89
N VAL A 73 -3.66 1.77 -0.98
CA VAL A 73 -2.97 1.91 0.31
C VAL A 73 -3.00 0.61 1.11
N ARG A 74 -4.18 0.05 1.27
CA ARG A 74 -4.37 -1.12 2.10
C ARG A 74 -3.62 -2.35 1.54
N SER A 75 -3.48 -2.41 0.23
CA SER A 75 -2.78 -3.52 -0.39
C SER A 75 -1.27 -3.31 -0.36
N HIS A 76 -0.84 -2.09 -0.60
CA HIS A 76 0.58 -1.80 -0.61
C HIS A 76 1.14 -1.83 0.81
N LEU A 77 0.37 -1.39 1.79
CA LEU A 77 0.84 -1.45 3.17
C LEU A 77 0.93 -2.91 3.63
N ASP A 78 0.09 -3.76 3.05
CA ASP A 78 0.00 -5.18 3.41
C ASP A 78 1.36 -5.83 3.23
N ARG A 79 2.00 -5.63 2.08
CA ARG A 79 3.32 -6.22 1.91
C ARG A 79 4.36 -5.41 2.66
N ALA A 80 4.15 -4.11 2.74
CA ALA A 80 5.11 -3.20 3.34
C ALA A 80 5.34 -3.49 4.84
N ASN A 81 4.27 -3.56 5.61
CA ASN A 81 4.38 -3.76 7.07
C ASN A 81 4.78 -5.19 7.41
N TRP A 82 4.36 -6.12 6.57
CA TRP A 82 4.67 -7.54 6.72
C TRP A 82 6.12 -7.81 6.35
N MET A 83 6.66 -6.97 5.49
CA MET A 83 8.06 -7.05 5.06
C MET A 83 8.97 -6.68 6.21
N VAL A 84 8.51 -5.74 7.04
CA VAL A 84 9.27 -5.31 8.19
C VAL A 84 9.16 -6.37 9.27
N THR A 85 10.07 -7.29 9.21
CA THR A 85 10.10 -8.39 10.09
C THR A 85 10.94 -8.10 11.32
N THR A 86 10.89 -9.01 12.31
CA THR A 86 11.55 -8.90 13.63
C THR A 86 11.16 -7.62 14.37
N GLY A 87 9.98 -7.14 14.06
CA GLY A 87 9.43 -5.97 14.67
C GLY A 87 7.94 -6.06 14.63
N TYR A 88 7.26 -4.92 14.72
CA TYR A 88 5.81 -4.87 14.67
C TYR A 88 5.10 -5.83 15.63
N LYS A 89 4.48 -6.86 15.05
CA LYS A 89 3.68 -7.88 15.74
C LYS A 89 2.41 -7.27 16.37
N GLU A 90 2.58 -6.31 17.24
CA GLU A 90 1.46 -5.67 17.91
C GLU A 90 1.11 -4.37 17.19
N LEU A 91 0.54 -4.47 16.01
CA LEU A 91 0.14 -3.28 15.27
C LEU A 91 -1.36 -3.07 15.33
N PHE A 92 -2.01 -3.82 16.18
CA PHE A 92 -3.44 -3.75 16.31
C PHE A 92 -3.81 -2.97 17.54
N ALA A 93 -4.03 -1.70 17.39
CA ALA A 93 -4.38 -0.87 18.50
C ALA A 93 -5.87 -0.75 18.62
N ARG A 94 -6.41 -1.54 19.48
CA ARG A 94 -7.83 -1.57 19.69
C ARG A 94 -8.12 -0.74 20.92
N GLY A 11 3.69 2.57 -23.05
CA GLY A 11 5.03 2.78 -22.55
C GLY A 11 5.09 2.45 -21.09
N SER A 12 6.31 2.15 -20.59
CA SER A 12 6.54 1.77 -19.17
C SER A 12 5.90 0.40 -18.87
N LYS A 13 6.30 -0.22 -17.78
CA LYS A 13 5.62 -1.39 -17.36
C LYS A 13 4.48 -0.99 -16.45
N ARG A 14 3.44 -0.52 -17.07
CA ARG A 14 2.30 -0.08 -16.34
C ARG A 14 1.22 -1.13 -16.36
N LYS A 15 1.19 -1.87 -15.31
CA LYS A 15 0.24 -2.89 -15.12
C LYS A 15 -0.73 -2.40 -14.08
N VAL A 16 -2.00 -2.40 -14.39
CA VAL A 16 -3.01 -1.92 -13.47
C VAL A 16 -3.04 -2.86 -12.29
N GLN A 17 -2.62 -2.36 -11.20
CA GLN A 17 -2.46 -3.13 -10.03
C GLN A 17 -3.62 -2.88 -9.06
N ASP A 18 -3.52 -1.78 -8.28
CA ASP A 18 -4.53 -1.38 -7.24
C ASP A 18 -4.83 -2.52 -6.24
N GLU A 19 -3.91 -3.45 -6.14
CA GLU A 19 -4.01 -4.61 -5.29
C GLU A 19 -2.61 -5.08 -5.03
N VAL A 20 -2.42 -6.04 -4.20
CA VAL A 20 -1.09 -6.50 -3.93
C VAL A 20 -0.94 -7.94 -4.40
N PRO A 21 0.20 -8.28 -5.06
CA PRO A 21 0.48 -9.65 -5.45
C PRO A 21 0.81 -10.50 -4.20
N TRP A 22 0.00 -11.50 -3.96
CA TRP A 22 0.14 -12.30 -2.75
C TRP A 22 -0.23 -13.75 -3.04
N SER A 23 -1.46 -13.96 -3.44
CA SER A 23 -2.06 -15.28 -3.56
C SER A 23 -1.44 -16.17 -4.64
N ASP A 24 -1.20 -15.64 -5.83
CA ASP A 24 -0.69 -16.48 -6.90
C ASP A 24 0.81 -16.38 -7.02
N SER A 25 1.35 -15.18 -6.85
CA SER A 25 2.78 -14.95 -6.98
C SER A 25 3.16 -13.53 -6.58
N LEU A 26 4.44 -13.33 -6.37
CA LEU A 26 5.06 -12.02 -6.19
C LEU A 26 6.02 -11.98 -7.37
N THR A 27 6.00 -10.95 -8.17
CA THR A 27 6.74 -11.01 -9.43
C THR A 27 7.61 -9.79 -9.69
N ALA A 28 8.23 -9.73 -10.85
CA ALA A 28 9.14 -8.65 -11.19
C ALA A 28 8.43 -7.31 -11.43
N TYR A 29 7.09 -7.33 -11.65
CA TYR A 29 6.40 -6.06 -11.88
C TYR A 29 6.36 -5.29 -10.57
N ASP A 30 5.94 -5.99 -9.57
CA ASP A 30 5.78 -5.48 -8.26
C ASP A 30 7.11 -5.37 -7.52
N ASN A 31 7.92 -6.42 -7.55
CA ASN A 31 9.18 -6.54 -6.77
C ASN A 31 10.13 -5.36 -6.96
N GLU A 32 10.15 -4.77 -8.14
CA GLU A 32 11.08 -3.70 -8.42
C GLU A 32 10.53 -2.40 -7.85
N HIS A 33 9.24 -2.38 -7.71
CA HIS A 33 8.50 -1.25 -7.26
C HIS A 33 8.26 -1.33 -5.74
N PHE A 34 8.77 -2.40 -5.12
CA PHE A 34 8.61 -2.58 -3.67
C PHE A 34 9.24 -1.47 -2.84
N THR A 35 10.14 -0.73 -3.46
CA THR A 35 10.78 0.41 -2.86
C THR A 35 9.70 1.47 -2.43
N ILE A 36 8.61 1.60 -3.21
CA ILE A 36 7.58 2.58 -2.89
C ILE A 36 6.71 2.14 -1.73
N TYR A 37 6.72 0.84 -1.44
CA TYR A 37 5.97 0.28 -0.32
C TYR A 37 6.50 0.86 0.99
N MET A 38 7.80 1.09 1.01
CA MET A 38 8.50 1.70 2.16
C MET A 38 8.05 3.14 2.36
N ARG A 39 7.60 3.74 1.29
CA ARG A 39 7.07 5.07 1.35
C ARG A 39 5.65 5.03 1.92
N LEU A 40 4.91 4.03 1.52
CA LEU A 40 3.51 3.93 1.87
C LEU A 40 3.27 3.59 3.34
N LEU A 41 4.06 2.67 3.93
CA LEU A 41 3.85 2.31 5.35
C LEU A 41 4.19 3.48 6.28
N ASP A 42 5.08 4.34 5.81
CA ASP A 42 5.49 5.54 6.54
C ASP A 42 4.28 6.40 6.89
N ALA A 43 3.32 6.45 5.98
CA ALA A 43 2.12 7.23 6.17
C ALA A 43 1.21 6.59 7.22
N SER A 44 1.20 5.27 7.29
CA SER A 44 0.41 4.59 8.29
C SER A 44 1.03 4.76 9.69
N ALA A 45 2.33 5.05 9.70
CA ALA A 45 3.06 5.34 10.93
C ALA A 45 2.72 6.75 11.42
N ASP A 46 2.09 7.52 10.56
CA ASP A 46 1.67 8.91 10.85
C ASP A 46 0.26 8.87 11.47
N ASP A 47 -0.28 7.65 11.62
CA ASP A 47 -1.63 7.38 12.15
C ASP A 47 -2.68 7.92 11.20
N ALA A 48 -2.30 8.01 9.93
CA ALA A 48 -3.15 8.53 8.90
C ALA A 48 -4.19 7.49 8.48
N SER A 49 -5.35 7.95 8.06
CA SER A 49 -6.36 7.04 7.56
C SER A 49 -5.94 6.61 6.16
N GLU A 50 -6.55 5.57 5.64
CA GLU A 50 -6.23 5.07 4.31
C GLU A 50 -6.43 6.15 3.27
N ASP A 51 -7.54 6.87 3.38
CA ASP A 51 -7.87 7.96 2.45
C ASP A 51 -6.86 9.09 2.56
N GLU A 52 -6.40 9.36 3.77
CA GLU A 52 -5.39 10.36 4.03
C GLU A 52 -4.12 9.97 3.36
N MET A 53 -3.70 8.75 3.60
CA MET A 53 -2.46 8.24 3.07
C MET A 53 -2.50 8.23 1.59
N ALA A 54 -3.55 7.67 1.05
CA ALA A 54 -3.77 7.58 -0.39
C ALA A 54 -3.62 8.94 -1.06
N GLN A 55 -4.09 9.96 -0.39
CA GLN A 55 -4.05 11.32 -0.85
C GLN A 55 -2.62 11.86 -0.85
N LEU A 56 -1.84 11.38 0.07
CA LEU A 56 -0.50 11.88 0.26
C LEU A 56 0.51 11.06 -0.52
N VAL A 57 0.53 9.77 -0.23
CA VAL A 57 1.51 8.85 -0.79
C VAL A 57 1.16 8.40 -2.20
N LEU A 58 -0.12 8.21 -2.47
CA LEU A 58 -0.52 7.86 -3.83
C LEU A 58 -0.98 9.08 -4.60
N GLY A 59 -1.16 10.18 -3.88
CA GLY A 59 -1.59 11.40 -4.51
C GLY A 59 -3.00 11.32 -5.03
N ILE A 60 -3.79 10.50 -4.40
CA ILE A 60 -5.13 10.25 -4.83
C ILE A 60 -6.11 10.85 -3.89
N ASP A 61 -6.79 11.85 -4.37
CA ASP A 61 -7.79 12.51 -3.60
C ASP A 61 -8.92 11.56 -3.33
N PRO A 62 -9.22 11.31 -2.07
CA PRO A 62 -10.28 10.39 -1.69
C PRO A 62 -11.65 11.05 -1.87
N MET A 63 -11.63 12.31 -2.22
CA MET A 63 -12.83 13.03 -2.54
C MET A 63 -13.16 12.76 -3.99
N ARG A 64 -12.15 12.34 -4.72
CA ARG A 64 -12.27 12.02 -6.12
C ARG A 64 -12.67 10.56 -6.25
N GLU A 65 -11.83 9.68 -5.70
CA GLU A 65 -12.01 8.25 -5.74
C GLU A 65 -11.44 7.63 -4.48
N PRO A 66 -12.24 7.50 -3.42
CA PRO A 66 -11.77 6.93 -2.16
C PRO A 66 -11.54 5.41 -2.23
N GLU A 67 -12.30 4.76 -3.07
CA GLU A 67 -12.29 3.30 -3.16
C GLU A 67 -10.94 2.76 -3.65
N ARG A 68 -10.49 3.22 -4.81
CA ARG A 68 -9.18 2.81 -5.33
C ARG A 68 -8.09 3.30 -4.40
N ALA A 69 -8.33 4.45 -3.79
CA ALA A 69 -7.36 5.08 -2.91
C ALA A 69 -7.09 4.17 -1.72
N ARG A 70 -8.14 3.74 -1.08
CA ARG A 70 -8.02 2.90 0.08
C ARG A 70 -7.62 1.50 -0.28
N MET A 71 -8.14 1.00 -1.39
CA MET A 71 -7.88 -0.39 -1.81
C MET A 71 -6.41 -0.56 -2.14
N ALA A 72 -5.80 0.46 -2.73
CA ALA A 72 -4.43 0.38 -3.10
C ALA A 72 -3.56 0.49 -1.87
N VAL A 73 -3.86 1.48 -1.03
CA VAL A 73 -3.10 1.71 0.21
C VAL A 73 -3.14 0.47 1.11
N ARG A 74 -4.32 -0.02 1.38
CA ARG A 74 -4.52 -1.15 2.26
C ARG A 74 -3.81 -2.40 1.75
N SER A 75 -3.79 -2.56 0.45
CA SER A 75 -3.14 -3.68 -0.17
C SER A 75 -1.61 -3.51 -0.18
N HIS A 76 -1.14 -2.32 -0.51
CA HIS A 76 0.29 -2.07 -0.56
C HIS A 76 0.91 -2.10 0.84
N LEU A 77 0.23 -1.52 1.81
CA LEU A 77 0.73 -1.51 3.19
C LEU A 77 0.80 -2.94 3.72
N ASP A 78 -0.09 -3.79 3.21
CA ASP A 78 -0.16 -5.19 3.62
C ASP A 78 1.17 -5.83 3.30
N ARG A 79 1.75 -5.49 2.16
CA ARG A 79 3.08 -5.98 1.87
C ARG A 79 4.15 -5.19 2.59
N ALA A 80 4.00 -3.88 2.60
CA ALA A 80 5.00 -2.98 3.16
C ALA A 80 5.36 -3.29 4.61
N ASN A 81 4.35 -3.41 5.46
CA ASN A 81 4.56 -3.65 6.89
C ASN A 81 5.03 -5.08 7.14
N TRP A 82 4.58 -5.99 6.31
CA TRP A 82 4.95 -7.39 6.44
C TRP A 82 6.37 -7.62 5.94
N MET A 83 6.78 -6.83 4.97
CA MET A 83 8.11 -6.96 4.41
C MET A 83 9.14 -6.26 5.28
N VAL A 84 9.02 -4.91 5.38
CA VAL A 84 9.97 -4.01 6.08
C VAL A 84 11.41 -4.04 5.48
N THR A 85 11.97 -5.23 5.33
CA THR A 85 13.30 -5.50 4.77
C THR A 85 14.42 -5.23 5.78
N THR A 86 14.30 -4.18 6.55
CA THR A 86 15.31 -3.80 7.52
C THR A 86 15.19 -4.65 8.82
N GLY A 87 14.11 -5.39 8.94
CA GLY A 87 13.90 -6.17 10.14
C GLY A 87 12.97 -5.46 11.09
N TYR A 88 12.16 -6.22 11.78
CA TYR A 88 11.19 -5.68 12.70
C TYR A 88 10.88 -6.70 13.77
N LYS A 89 10.66 -6.25 14.97
CA LYS A 89 10.28 -7.12 16.05
C LYS A 89 8.86 -7.59 15.83
N GLU A 90 7.94 -6.65 15.91
CA GLU A 90 6.54 -6.88 15.71
C GLU A 90 5.93 -5.62 15.18
N LEU A 91 4.78 -5.74 14.59
CA LEU A 91 4.10 -4.58 14.07
C LEU A 91 3.19 -3.98 15.13
N PHE A 92 2.76 -4.82 16.07
CA PHE A 92 1.94 -4.35 17.16
C PHE A 92 2.83 -3.96 18.35
N ALA A 93 3.61 -4.90 18.82
CA ALA A 93 4.49 -4.65 19.94
C ALA A 93 5.84 -4.18 19.42
N ARG A 94 5.97 -2.90 19.35
CA ARG A 94 7.14 -2.30 18.81
C ARG A 94 7.58 -1.13 19.71
N GLY A 11 8.84 10.73 -12.24
CA GLY A 11 8.06 11.94 -12.00
C GLY A 11 6.74 11.58 -11.37
N SER A 12 5.97 12.58 -10.99
CA SER A 12 4.69 12.37 -10.36
C SER A 12 3.68 11.73 -11.33
N LYS A 13 3.56 10.42 -11.23
CA LYS A 13 2.68 9.66 -12.06
C LYS A 13 1.95 8.66 -11.18
N ARG A 14 0.69 8.45 -11.42
CA ARG A 14 -0.09 7.56 -10.60
C ARG A 14 0.03 6.15 -11.15
N LYS A 15 0.02 5.18 -10.29
CA LYS A 15 0.13 3.81 -10.69
C LYS A 15 -1.21 3.25 -11.06
N VAL A 16 -1.23 2.39 -12.03
CA VAL A 16 -2.41 1.67 -12.36
C VAL A 16 -2.15 0.25 -11.96
N GLN A 17 -2.43 0.01 -10.75
CA GLN A 17 -2.18 -1.21 -10.06
C GLN A 17 -3.20 -1.26 -8.97
N ASP A 18 -3.01 -0.36 -8.00
CA ASP A 18 -3.95 -0.07 -6.91
C ASP A 18 -4.31 -1.31 -6.08
N GLU A 19 -3.45 -2.32 -6.12
CA GLU A 19 -3.60 -3.55 -5.36
C GLU A 19 -2.24 -4.20 -5.23
N VAL A 20 -2.13 -5.24 -4.46
CA VAL A 20 -0.86 -5.91 -4.26
C VAL A 20 -1.00 -7.37 -4.72
N PRO A 21 0.06 -7.97 -5.27
CA PRO A 21 0.07 -9.40 -5.60
C PRO A 21 0.22 -10.28 -4.33
N TRP A 22 -0.72 -11.16 -4.10
CA TRP A 22 -0.66 -12.02 -2.93
C TRP A 22 -1.21 -13.41 -3.24
N SER A 23 -2.21 -13.44 -4.12
CA SER A 23 -2.96 -14.64 -4.47
C SER A 23 -2.07 -15.83 -4.89
N ASP A 24 -1.20 -15.64 -5.84
CA ASP A 24 -0.35 -16.74 -6.28
C ASP A 24 1.08 -16.53 -5.88
N SER A 25 1.60 -15.36 -6.15
CA SER A 25 2.98 -15.07 -5.92
C SER A 25 3.22 -13.57 -6.00
N LEU A 26 4.42 -13.18 -5.71
CA LEU A 26 4.83 -11.80 -5.76
C LEU A 26 5.22 -11.52 -7.22
N THR A 27 4.75 -10.43 -7.77
CA THR A 27 4.93 -10.17 -9.18
C THR A 27 6.05 -9.20 -9.45
N ALA A 28 6.69 -9.37 -10.58
CA ALA A 28 7.86 -8.60 -10.94
C ALA A 28 7.57 -7.11 -11.18
N TYR A 29 6.33 -6.77 -11.56
CA TYR A 29 6.01 -5.39 -11.89
C TYR A 29 6.16 -4.46 -10.68
N ASP A 30 5.41 -4.73 -9.66
CA ASP A 30 5.47 -3.94 -8.45
C ASP A 30 6.68 -4.32 -7.60
N ASN A 31 7.29 -5.47 -7.88
CA ASN A 31 8.48 -5.96 -7.14
C ASN A 31 9.67 -5.02 -7.29
N GLU A 32 9.73 -4.32 -8.40
CA GLU A 32 10.81 -3.39 -8.67
C GLU A 32 10.46 -2.04 -8.05
N HIS A 33 9.27 -1.98 -7.54
CA HIS A 33 8.74 -0.77 -6.99
C HIS A 33 8.43 -0.94 -5.52
N PHE A 34 8.96 -1.99 -4.89
CA PHE A 34 8.74 -2.21 -3.47
C PHE A 34 9.37 -1.14 -2.62
N THR A 35 10.33 -0.43 -3.18
CA THR A 35 10.94 0.71 -2.55
C THR A 35 9.86 1.74 -2.13
N ILE A 36 8.81 1.92 -2.93
CA ILE A 36 7.79 2.87 -2.58
C ILE A 36 6.87 2.34 -1.47
N TYR A 37 6.82 1.01 -1.33
CA TYR A 37 5.99 0.35 -0.31
C TYR A 37 6.47 0.71 1.07
N MET A 38 7.78 0.72 1.27
CA MET A 38 8.34 1.05 2.57
C MET A 38 8.05 2.52 2.90
N ARG A 39 7.85 3.32 1.87
CA ARG A 39 7.45 4.69 2.06
C ARG A 39 5.98 4.74 2.47
N LEU A 40 5.16 3.93 1.81
CA LEU A 40 3.72 3.87 2.06
C LEU A 40 3.45 3.49 3.53
N LEU A 41 4.25 2.55 4.06
CA LEU A 41 4.07 2.10 5.44
C LEU A 41 4.34 3.22 6.45
N ASP A 42 5.19 4.16 6.08
CA ASP A 42 5.55 5.28 6.96
C ASP A 42 4.34 6.14 7.23
N ALA A 43 3.47 6.22 6.25
CA ALA A 43 2.25 6.97 6.37
C ALA A 43 1.28 6.28 7.33
N SER A 44 1.21 4.95 7.25
CA SER A 44 0.35 4.21 8.16
C SER A 44 0.91 4.24 9.59
N ALA A 45 2.23 4.26 9.69
CA ALA A 45 2.94 4.34 10.97
C ALA A 45 2.87 5.76 11.53
N ASP A 46 2.40 6.69 10.71
CA ASP A 46 2.25 8.09 11.12
C ASP A 46 0.83 8.30 11.60
N ASP A 47 0.10 7.21 11.54
CA ASP A 47 -1.31 7.13 11.87
C ASP A 47 -2.12 8.07 11.02
N ALA A 48 -1.98 7.88 9.77
CA ALA A 48 -2.75 8.58 8.81
C ALA A 48 -3.88 7.66 8.38
N SER A 49 -5.04 8.20 8.12
CA SER A 49 -6.17 7.41 7.66
C SER A 49 -5.90 7.03 6.20
N GLU A 50 -6.59 6.01 5.69
CA GLU A 50 -6.36 5.52 4.34
C GLU A 50 -6.56 6.63 3.30
N ASP A 51 -7.60 7.43 3.49
CA ASP A 51 -7.91 8.57 2.61
C ASP A 51 -6.75 9.53 2.56
N GLU A 52 -6.20 9.81 3.73
CA GLU A 52 -5.09 10.70 3.91
C GLU A 52 -3.89 10.17 3.18
N MET A 53 -3.58 8.93 3.45
CA MET A 53 -2.40 8.32 2.91
C MET A 53 -2.48 8.20 1.43
N ALA A 54 -3.56 7.64 0.94
CA ALA A 54 -3.76 7.39 -0.48
C ALA A 54 -3.58 8.64 -1.31
N GLN A 55 -3.97 9.75 -0.76
CA GLN A 55 -3.88 11.01 -1.44
C GLN A 55 -2.43 11.49 -1.52
N LEU A 56 -1.66 11.10 -0.53
CA LEU A 56 -0.29 11.55 -0.39
C LEU A 56 0.68 10.56 -1.02
N VAL A 57 0.61 9.34 -0.56
CA VAL A 57 1.50 8.29 -0.97
C VAL A 57 1.11 7.64 -2.30
N LEU A 58 -0.17 7.36 -2.51
CA LEU A 58 -0.61 6.80 -3.78
C LEU A 58 -0.97 7.92 -4.75
N GLY A 59 -1.05 9.14 -4.23
CA GLY A 59 -1.37 10.27 -5.06
C GLY A 59 -2.77 10.20 -5.62
N ILE A 60 -3.66 9.59 -4.89
CA ILE A 60 -5.01 9.36 -5.33
C ILE A 60 -5.98 10.14 -4.50
N ASP A 61 -6.70 11.02 -5.13
CA ASP A 61 -7.72 11.81 -4.48
C ASP A 61 -8.83 10.88 -4.02
N PRO A 62 -9.08 10.81 -2.72
CA PRO A 62 -10.05 9.89 -2.16
C PRO A 62 -11.49 10.39 -2.26
N MET A 63 -11.69 11.59 -2.78
CA MET A 63 -13.03 12.04 -3.05
C MET A 63 -13.42 11.55 -4.43
N ARG A 64 -12.43 11.56 -5.30
CA ARG A 64 -12.57 11.13 -6.67
C ARG A 64 -12.66 9.60 -6.76
N GLU A 65 -11.65 8.91 -6.26
CA GLU A 65 -11.63 7.45 -6.31
C GLU A 65 -11.21 6.86 -4.95
N PRO A 66 -12.11 6.87 -3.95
CA PRO A 66 -11.79 6.37 -2.60
C PRO A 66 -11.55 4.86 -2.55
N GLU A 67 -12.32 4.12 -3.35
CA GLU A 67 -12.30 2.67 -3.37
C GLU A 67 -10.91 2.12 -3.65
N ARG A 68 -10.34 2.52 -4.77
CA ARG A 68 -9.02 2.08 -5.15
C ARG A 68 -7.97 2.67 -4.23
N ALA A 69 -8.21 3.87 -3.74
CA ALA A 69 -7.29 4.57 -2.86
C ALA A 69 -7.09 3.80 -1.57
N ARG A 70 -8.18 3.46 -0.93
CA ARG A 70 -8.13 2.78 0.35
C ARG A 70 -7.71 1.33 0.19
N MET A 71 -8.08 0.75 -0.95
CA MET A 71 -7.74 -0.61 -1.21
C MET A 71 -6.25 -0.73 -1.53
N ALA A 72 -5.71 0.25 -2.26
CA ALA A 72 -4.30 0.27 -2.57
C ALA A 72 -3.52 0.42 -1.30
N VAL A 73 -3.95 1.37 -0.48
CA VAL A 73 -3.32 1.61 0.81
C VAL A 73 -3.25 0.33 1.64
N ARG A 74 -4.39 -0.29 1.92
CA ARG A 74 -4.42 -1.50 2.72
C ARG A 74 -3.69 -2.67 2.09
N SER A 75 -3.69 -2.74 0.79
CA SER A 75 -3.03 -3.82 0.10
C SER A 75 -1.51 -3.61 0.06
N HIS A 76 -1.11 -2.41 -0.27
CA HIS A 76 0.31 -2.11 -0.38
C HIS A 76 0.98 -2.12 0.98
N LEU A 77 0.31 -1.57 2.01
CA LEU A 77 0.89 -1.56 3.35
C LEU A 77 1.00 -2.98 3.87
N ASP A 78 0.08 -3.83 3.42
CA ASP A 78 0.03 -5.22 3.85
C ASP A 78 1.31 -5.92 3.41
N ARG A 79 1.79 -5.59 2.23
CA ARG A 79 3.05 -6.17 1.80
C ARG A 79 4.20 -5.46 2.47
N ALA A 80 4.09 -4.15 2.56
CA ALA A 80 5.14 -3.28 3.06
C ALA A 80 5.54 -3.60 4.49
N ASN A 81 4.57 -3.65 5.38
CA ASN A 81 4.86 -3.86 6.79
C ASN A 81 5.30 -5.29 7.06
N TRP A 82 4.74 -6.23 6.32
CA TRP A 82 5.06 -7.65 6.46
C TRP A 82 6.48 -7.94 6.05
N MET A 83 7.01 -7.12 5.16
CA MET A 83 8.38 -7.24 4.69
C MET A 83 9.37 -6.72 5.72
N VAL A 84 8.86 -6.11 6.78
CA VAL A 84 9.71 -5.65 7.84
C VAL A 84 9.92 -6.79 8.83
N THR A 85 10.87 -7.62 8.52
CA THR A 85 11.19 -8.77 9.32
C THR A 85 12.01 -8.34 10.55
N THR A 86 12.57 -7.15 10.46
CA THR A 86 13.34 -6.55 11.52
C THR A 86 12.45 -6.35 12.78
N GLY A 87 11.19 -5.99 12.55
CA GLY A 87 10.29 -5.77 13.64
C GLY A 87 9.38 -4.61 13.37
N TYR A 88 8.10 -4.77 13.67
CA TYR A 88 7.13 -3.70 13.49
C TYR A 88 6.00 -3.80 14.50
N LYS A 89 5.45 -5.03 14.66
CA LYS A 89 4.31 -5.31 15.57
C LYS A 89 3.04 -4.59 15.10
N GLU A 90 1.97 -4.67 15.92
CA GLU A 90 0.68 -3.94 15.76
C GLU A 90 -0.15 -4.29 14.50
N LEU A 91 0.50 -4.41 13.38
CA LEU A 91 -0.15 -4.68 12.10
C LEU A 91 -0.64 -6.12 11.99
N PHE A 92 0.09 -7.05 12.57
CA PHE A 92 -0.29 -8.44 12.48
C PHE A 92 -0.95 -8.84 13.79
N ALA A 93 -2.25 -8.82 13.81
CA ALA A 93 -3.02 -9.15 14.99
C ALA A 93 -3.87 -10.38 14.72
N ARG A 94 -3.64 -11.43 15.46
CA ARG A 94 -4.37 -12.65 15.28
C ARG A 94 -4.80 -13.17 16.63
N GLY A 11 3.26 -10.53 -21.84
CA GLY A 11 2.05 -10.03 -21.20
C GLY A 11 2.02 -8.53 -21.27
N SER A 12 1.04 -7.93 -20.64
CA SER A 12 0.88 -6.50 -20.69
C SER A 12 1.62 -5.83 -19.51
N LYS A 13 1.92 -6.62 -18.45
CA LYS A 13 2.58 -6.17 -17.19
C LYS A 13 1.62 -5.35 -16.33
N ARG A 14 0.86 -4.49 -17.00
CA ARG A 14 -0.12 -3.59 -16.42
C ARG A 14 0.50 -2.30 -15.92
N LYS A 15 -0.27 -1.26 -16.03
CA LYS A 15 0.19 0.07 -15.73
C LYS A 15 -0.22 0.44 -14.32
N VAL A 16 -1.51 0.35 -14.07
CA VAL A 16 -2.05 0.64 -12.78
C VAL A 16 -2.20 -0.64 -12.00
N GLN A 17 -2.17 -0.54 -10.72
CA GLN A 17 -2.18 -1.69 -9.88
C GLN A 17 -3.36 -1.67 -8.94
N ASP A 18 -3.23 -0.93 -7.82
CA ASP A 18 -4.31 -0.79 -6.81
C ASP A 18 -4.65 -2.14 -6.16
N GLU A 19 -3.67 -3.01 -6.13
CA GLU A 19 -3.78 -4.38 -5.64
C GLU A 19 -2.41 -4.81 -5.18
N VAL A 20 -2.28 -5.95 -4.60
CA VAL A 20 -0.97 -6.42 -4.20
C VAL A 20 -0.89 -7.92 -4.54
N PRO A 21 0.23 -8.35 -5.14
CA PRO A 21 0.42 -9.75 -5.46
C PRO A 21 0.80 -10.57 -4.22
N TRP A 22 -0.16 -11.30 -3.72
CA TRP A 22 0.01 -12.06 -2.51
C TRP A 22 -0.29 -13.52 -2.77
N SER A 23 -1.22 -13.77 -3.68
CA SER A 23 -1.72 -15.08 -3.89
C SER A 23 -0.84 -15.92 -4.82
N ASP A 24 -0.54 -15.42 -5.99
CA ASP A 24 0.20 -16.23 -6.97
C ASP A 24 1.68 -16.22 -6.68
N SER A 25 2.19 -15.03 -6.48
CA SER A 25 3.58 -14.78 -6.21
C SER A 25 3.71 -13.30 -6.10
N LEU A 26 4.84 -12.81 -5.69
CA LEU A 26 5.06 -11.42 -5.74
C LEU A 26 5.48 -11.17 -7.17
N THR A 27 4.64 -10.54 -7.91
CA THR A 27 4.78 -10.53 -9.33
C THR A 27 5.61 -9.33 -9.79
N ALA A 28 6.31 -9.54 -10.89
CA ALA A 28 7.29 -8.60 -11.45
C ALA A 28 6.80 -7.16 -11.60
N TYR A 29 5.52 -6.96 -11.87
CA TYR A 29 5.00 -5.60 -12.04
C TYR A 29 5.15 -4.79 -10.74
N ASP A 30 4.63 -5.34 -9.66
CA ASP A 30 4.63 -4.69 -8.37
C ASP A 30 5.98 -4.77 -7.72
N ASN A 31 6.68 -5.81 -8.05
CA ASN A 31 8.04 -6.07 -7.54
C ASN A 31 9.03 -4.92 -7.86
N GLU A 32 8.64 -4.06 -8.80
CA GLU A 32 9.45 -2.93 -9.22
C GLU A 32 9.07 -1.69 -8.35
N HIS A 33 8.05 -1.85 -7.54
CA HIS A 33 7.51 -0.76 -6.74
C HIS A 33 7.93 -0.88 -5.28
N PHE A 34 8.66 -1.89 -4.94
CA PHE A 34 8.95 -2.17 -3.55
C PHE A 34 9.74 -1.14 -2.78
N THR A 35 10.45 -0.29 -3.46
CA THR A 35 11.13 0.80 -2.82
C THR A 35 10.08 1.81 -2.26
N ILE A 36 8.98 1.99 -3.02
CA ILE A 36 7.95 2.94 -2.63
C ILE A 36 7.08 2.39 -1.49
N TYR A 37 7.11 1.08 -1.32
CA TYR A 37 6.38 0.41 -0.24
C TYR A 37 6.81 0.89 1.13
N MET A 38 8.07 1.24 1.24
CA MET A 38 8.62 1.75 2.48
C MET A 38 8.03 3.13 2.78
N ARG A 39 7.63 3.82 1.73
CA ARG A 39 7.03 5.13 1.86
C ARG A 39 5.59 4.96 2.31
N LEU A 40 4.97 3.92 1.81
CA LEU A 40 3.59 3.60 2.12
C LEU A 40 3.45 3.22 3.59
N LEU A 41 4.40 2.42 4.08
CA LEU A 41 4.37 2.01 5.46
C LEU A 41 4.68 3.16 6.39
N ASP A 42 5.46 4.11 5.89
CA ASP A 42 5.87 5.29 6.65
C ASP A 42 4.65 6.10 7.05
N ALA A 43 3.73 6.24 6.10
CA ALA A 43 2.49 6.97 6.36
C ALA A 43 1.57 6.16 7.29
N SER A 44 1.65 4.84 7.17
CA SER A 44 0.86 3.96 7.99
C SER A 44 1.35 4.03 9.46
N ALA A 45 2.67 4.16 9.63
CA ALA A 45 3.29 4.28 10.94
C ALA A 45 2.91 5.59 11.61
N ASP A 46 2.42 6.54 10.81
CA ASP A 46 1.98 7.83 11.32
C ASP A 46 0.52 7.72 11.78
N ASP A 47 -0.06 6.54 11.56
CA ASP A 47 -1.46 6.22 11.90
C ASP A 47 -2.41 6.99 11.04
N ALA A 48 -1.95 7.29 9.86
CA ALA A 48 -2.73 8.00 8.89
C ALA A 48 -3.78 7.06 8.33
N SER A 49 -4.95 7.58 8.12
CA SER A 49 -6.01 6.81 7.54
C SER A 49 -5.74 6.57 6.06
N GLU A 50 -6.37 5.57 5.48
CA GLU A 50 -6.11 5.18 4.11
C GLU A 50 -6.40 6.28 3.11
N ASP A 51 -7.48 7.02 3.35
CA ASP A 51 -7.86 8.18 2.50
C ASP A 51 -6.75 9.21 2.50
N GLU A 52 -6.24 9.48 3.69
CA GLU A 52 -5.16 10.41 3.90
C GLU A 52 -3.91 9.94 3.20
N MET A 53 -3.56 8.70 3.45
CA MET A 53 -2.36 8.12 2.88
C MET A 53 -2.43 8.07 1.39
N ALA A 54 -3.50 7.52 0.86
CA ALA A 54 -3.69 7.37 -0.59
C ALA A 54 -3.44 8.65 -1.36
N GLN A 55 -3.86 9.74 -0.78
CA GLN A 55 -3.74 11.03 -1.39
C GLN A 55 -2.27 11.49 -1.40
N LEU A 56 -1.53 11.05 -0.42
CA LEU A 56 -0.16 11.45 -0.24
C LEU A 56 0.82 10.47 -0.89
N VAL A 57 0.72 9.22 -0.48
CA VAL A 57 1.64 8.20 -0.90
C VAL A 57 1.33 7.62 -2.27
N LEU A 58 0.07 7.56 -2.62
CA LEU A 58 -0.31 7.13 -3.97
C LEU A 58 -0.73 8.29 -4.84
N GLY A 59 -0.90 9.46 -4.22
CA GLY A 59 -1.27 10.64 -4.98
C GLY A 59 -2.68 10.57 -5.51
N ILE A 60 -3.49 9.79 -4.88
CA ILE A 60 -4.83 9.52 -5.34
C ILE A 60 -5.84 10.21 -4.47
N ASP A 61 -6.51 11.17 -5.06
CA ASP A 61 -7.53 11.95 -4.40
C ASP A 61 -8.69 11.05 -4.01
N PRO A 62 -8.88 10.84 -2.71
CA PRO A 62 -9.90 9.93 -2.20
C PRO A 62 -11.28 10.54 -2.27
N MET A 63 -11.34 11.79 -2.63
CA MET A 63 -12.62 12.45 -2.82
C MET A 63 -13.15 12.13 -4.18
N ARG A 64 -12.22 11.88 -5.06
CA ARG A 64 -12.50 11.60 -6.45
C ARG A 64 -12.66 10.11 -6.67
N GLU A 65 -11.69 9.34 -6.23
CA GLU A 65 -11.69 7.91 -6.42
C GLU A 65 -11.17 7.19 -5.16
N PRO A 66 -12.04 7.09 -4.13
CA PRO A 66 -11.66 6.55 -2.82
C PRO A 66 -11.52 5.04 -2.76
N GLU A 67 -12.29 4.32 -3.56
CA GLU A 67 -12.33 2.86 -3.45
C GLU A 67 -10.97 2.26 -3.77
N ARG A 68 -10.43 2.62 -4.91
CA ARG A 68 -9.13 2.18 -5.34
C ARG A 68 -8.06 2.66 -4.36
N ALA A 69 -8.19 3.92 -3.95
CA ALA A 69 -7.24 4.56 -3.05
C ALA A 69 -7.10 3.78 -1.76
N ARG A 70 -8.22 3.48 -1.17
CA ARG A 70 -8.24 2.80 0.10
C ARG A 70 -7.88 1.34 -0.04
N MET A 71 -8.30 0.73 -1.14
CA MET A 71 -8.08 -0.67 -1.37
C MET A 71 -6.61 -0.92 -1.67
N ALA A 72 -5.98 0.04 -2.33
CA ALA A 72 -4.60 -0.07 -2.67
C ALA A 72 -3.77 0.14 -1.45
N VAL A 73 -4.01 1.24 -0.74
CA VAL A 73 -3.22 1.60 0.43
C VAL A 73 -3.14 0.48 1.45
N ARG A 74 -4.27 -0.04 1.83
CA ARG A 74 -4.34 -1.06 2.83
C ARG A 74 -3.74 -2.37 2.36
N SER A 75 -3.82 -2.64 1.09
CA SER A 75 -3.24 -3.85 0.52
C SER A 75 -1.71 -3.70 0.31
N HIS A 76 -1.29 -2.53 -0.12
CA HIS A 76 0.12 -2.24 -0.38
C HIS A 76 0.91 -2.16 0.93
N LEU A 77 0.40 -1.40 1.92
CA LEU A 77 1.10 -1.25 3.20
C LEU A 77 1.20 -2.61 3.86
N ASP A 78 0.21 -3.43 3.57
CA ASP A 78 0.10 -4.76 4.12
C ASP A 78 1.31 -5.58 3.69
N ARG A 79 1.79 -5.40 2.48
CA ARG A 79 3.00 -6.14 2.09
C ARG A 79 4.23 -5.45 2.68
N ALA A 80 4.19 -4.13 2.67
CA ALA A 80 5.30 -3.31 3.10
C ALA A 80 5.69 -3.55 4.56
N ASN A 81 4.72 -3.49 5.45
CA ASN A 81 4.98 -3.64 6.88
C ASN A 81 5.31 -5.08 7.23
N TRP A 82 4.74 -6.00 6.49
CA TRP A 82 4.94 -7.42 6.74
C TRP A 82 6.36 -7.84 6.43
N MET A 83 6.99 -7.15 5.49
CA MET A 83 8.39 -7.42 5.15
C MET A 83 9.31 -7.01 6.27
N VAL A 84 8.82 -6.14 7.14
CA VAL A 84 9.59 -5.65 8.28
C VAL A 84 9.71 -6.75 9.34
N THR A 85 8.85 -7.75 9.22
CA THR A 85 8.82 -8.98 10.04
C THR A 85 8.52 -8.81 11.55
N THR A 86 8.93 -7.71 12.16
CA THR A 86 8.70 -7.52 13.58
C THR A 86 8.44 -6.04 13.95
N GLY A 87 9.37 -5.15 13.61
CA GLY A 87 9.30 -3.76 14.04
C GLY A 87 8.29 -2.90 13.28
N TYR A 88 7.06 -3.26 13.36
CA TYR A 88 5.98 -2.51 12.77
C TYR A 88 4.80 -2.53 13.72
N LYS A 89 4.83 -1.58 14.67
CA LYS A 89 3.83 -1.51 15.76
C LYS A 89 3.80 -2.82 16.54
N GLU A 90 4.92 -3.54 16.48
CA GLU A 90 5.11 -4.87 17.01
C GLU A 90 3.89 -5.77 16.82
N LEU A 91 3.45 -5.88 15.55
CA LEU A 91 2.34 -6.73 15.20
C LEU A 91 2.75 -8.19 15.26
N PHE A 92 4.04 -8.43 15.27
CA PHE A 92 4.56 -9.75 15.45
C PHE A 92 4.48 -10.07 16.94
N ALA A 93 3.43 -10.75 17.30
CA ALA A 93 3.18 -11.10 18.68
C ALA A 93 2.58 -12.48 18.74
N ARG A 94 2.65 -13.09 19.88
CA ARG A 94 2.06 -14.39 20.07
C ARG A 94 0.82 -14.22 20.90
N GLY A 11 -4.83 9.15 -21.04
CA GLY A 11 -5.90 8.36 -21.64
C GLY A 11 -6.54 7.46 -20.61
N SER A 12 -7.03 6.33 -21.06
CA SER A 12 -7.64 5.38 -20.17
C SER A 12 -6.55 4.54 -19.53
N LYS A 13 -6.24 4.85 -18.31
CA LYS A 13 -5.24 4.12 -17.58
C LYS A 13 -5.87 2.93 -16.90
N ARG A 14 -7.10 3.13 -16.43
CA ARG A 14 -7.86 2.17 -15.63
C ARG A 14 -7.16 1.93 -14.31
N LYS A 15 -6.21 1.04 -14.30
CA LYS A 15 -5.48 0.71 -13.11
C LYS A 15 -4.01 0.88 -13.35
N VAL A 16 -3.34 1.38 -12.36
CA VAL A 16 -1.90 1.54 -12.44
C VAL A 16 -1.26 0.33 -11.79
N GLN A 17 -1.99 -0.20 -10.84
CA GLN A 17 -1.63 -1.37 -10.09
C GLN A 17 -2.83 -1.64 -9.22
N ASP A 18 -2.97 -0.80 -8.18
CA ASP A 18 -4.14 -0.76 -7.28
C ASP A 18 -4.40 -2.12 -6.59
N GLU A 19 -3.39 -2.96 -6.53
CA GLU A 19 -3.47 -4.28 -5.92
C GLU A 19 -2.08 -4.75 -5.54
N VAL A 20 -2.02 -5.88 -4.86
CA VAL A 20 -0.75 -6.47 -4.50
C VAL A 20 -0.79 -7.96 -4.93
N PRO A 21 0.28 -8.49 -5.50
CA PRO A 21 0.36 -9.88 -5.91
C PRO A 21 0.64 -10.81 -4.70
N TRP A 22 -0.42 -11.22 -4.06
CA TRP A 22 -0.32 -11.98 -2.81
C TRP A 22 -0.66 -13.44 -3.05
N SER A 23 -1.72 -13.65 -3.78
CA SER A 23 -2.30 -14.94 -3.98
C SER A 23 -1.36 -15.94 -4.69
N ASP A 24 -0.83 -15.59 -5.86
CA ASP A 24 -0.03 -16.59 -6.57
C ASP A 24 1.46 -16.38 -6.48
N SER A 25 1.93 -15.19 -6.76
CA SER A 25 3.36 -14.91 -6.78
C SER A 25 3.58 -13.43 -6.66
N LEU A 26 4.69 -13.01 -6.07
CA LEU A 26 5.03 -11.62 -6.07
C LEU A 26 5.70 -11.39 -7.42
N THR A 27 5.14 -10.53 -8.20
CA THR A 27 5.51 -10.42 -9.58
C THR A 27 6.46 -9.27 -9.84
N ALA A 28 7.25 -9.41 -10.89
CA ALA A 28 8.31 -8.46 -11.27
C ALA A 28 7.81 -7.03 -11.42
N TYR A 29 6.60 -6.86 -11.97
CA TYR A 29 6.05 -5.53 -12.21
C TYR A 29 5.91 -4.78 -10.87
N ASP A 30 5.35 -5.48 -9.90
CA ASP A 30 5.01 -4.94 -8.62
C ASP A 30 6.25 -4.81 -7.79
N ASN A 31 7.09 -5.81 -7.91
CA ASN A 31 8.34 -5.94 -7.17
C ASN A 31 9.29 -4.75 -7.42
N GLU A 32 9.08 -4.04 -8.50
CA GLU A 32 9.93 -2.92 -8.85
C GLU A 32 9.39 -1.67 -8.17
N HIS A 33 8.14 -1.74 -7.79
CA HIS A 33 7.43 -0.64 -7.17
C HIS A 33 7.61 -0.67 -5.67
N PHE A 34 8.22 -1.74 -5.17
CA PHE A 34 8.43 -1.93 -3.73
C PHE A 34 9.16 -0.81 -3.02
N THR A 35 9.86 0.01 -3.76
CA THR A 35 10.52 1.18 -3.23
C THR A 35 9.49 2.07 -2.48
N ILE A 36 8.29 2.20 -3.04
CA ILE A 36 7.26 3.02 -2.45
C ILE A 36 6.58 2.35 -1.26
N TYR A 37 6.68 1.02 -1.18
CA TYR A 37 6.04 0.23 -0.11
C TYR A 37 6.52 0.62 1.26
N MET A 38 7.81 0.84 1.40
CA MET A 38 8.37 1.27 2.69
C MET A 38 7.83 2.66 3.06
N ARG A 39 7.51 3.44 2.04
CA ARG A 39 7.01 4.79 2.25
C ARG A 39 5.52 4.73 2.63
N LEU A 40 4.84 3.72 2.12
CA LEU A 40 3.44 3.49 2.43
C LEU A 40 3.29 3.13 3.90
N LEU A 41 4.15 2.24 4.39
CA LEU A 41 4.08 1.85 5.78
C LEU A 41 4.50 3.00 6.67
N ASP A 42 5.36 3.85 6.11
CA ASP A 42 5.81 5.07 6.76
C ASP A 42 4.60 5.96 7.05
N ALA A 43 3.76 6.10 6.04
CA ALA A 43 2.54 6.89 6.16
C ALA A 43 1.56 6.27 7.16
N SER A 44 1.45 4.95 7.17
CA SER A 44 0.58 4.31 8.13
C SER A 44 1.09 4.51 9.56
N ALA A 45 2.43 4.50 9.72
CA ALA A 45 3.09 4.72 11.01
C ALA A 45 3.06 6.20 11.38
N ASP A 46 2.62 7.02 10.45
CA ASP A 46 2.50 8.46 10.62
C ASP A 46 1.12 8.78 11.18
N ASP A 47 0.34 7.71 11.40
CA ASP A 47 -1.03 7.77 11.94
C ASP A 47 -1.98 8.41 10.92
N ALA A 48 -1.62 8.26 9.67
CA ALA A 48 -2.44 8.76 8.62
C ALA A 48 -3.49 7.72 8.30
N SER A 49 -4.69 8.14 8.02
CA SER A 49 -5.75 7.24 7.65
C SER A 49 -5.60 6.91 6.16
N GLU A 50 -6.26 5.87 5.70
CA GLU A 50 -6.13 5.40 4.31
C GLU A 50 -6.41 6.47 3.28
N ASP A 51 -7.43 7.27 3.52
CA ASP A 51 -7.79 8.36 2.59
C ASP A 51 -6.71 9.43 2.57
N GLU A 52 -6.10 9.64 3.72
CA GLU A 52 -5.01 10.58 3.86
C GLU A 52 -3.81 10.07 3.13
N MET A 53 -3.45 8.84 3.43
CA MET A 53 -2.28 8.22 2.87
C MET A 53 -2.38 8.13 1.38
N ALA A 54 -3.48 7.59 0.90
CA ALA A 54 -3.73 7.41 -0.53
C ALA A 54 -3.50 8.68 -1.33
N GLN A 55 -3.87 9.79 -0.76
CA GLN A 55 -3.74 11.07 -1.40
C GLN A 55 -2.29 11.55 -1.39
N LEU A 56 -1.56 11.13 -0.41
CA LEU A 56 -0.21 11.59 -0.18
C LEU A 56 0.80 10.67 -0.85
N VAL A 57 0.73 9.41 -0.49
CA VAL A 57 1.66 8.43 -0.96
C VAL A 57 1.31 7.94 -2.37
N LEU A 58 0.04 7.63 -2.62
CA LEU A 58 -0.36 7.18 -3.95
C LEU A 58 -0.79 8.33 -4.83
N GLY A 59 -0.94 9.51 -4.22
CA GLY A 59 -1.28 10.70 -5.00
C GLY A 59 -2.72 10.70 -5.47
N ILE A 60 -3.52 9.85 -4.90
CA ILE A 60 -4.86 9.61 -5.36
C ILE A 60 -5.86 10.37 -4.54
N ASP A 61 -6.69 11.13 -5.22
CA ASP A 61 -7.71 11.91 -4.57
C ASP A 61 -8.81 10.99 -4.08
N PRO A 62 -8.99 10.91 -2.78
CA PRO A 62 -9.96 10.01 -2.18
C PRO A 62 -11.36 10.61 -2.13
N MET A 63 -11.55 11.78 -2.67
CA MET A 63 -12.87 12.35 -2.74
C MET A 63 -13.53 11.83 -4.00
N ARG A 64 -12.72 11.70 -5.02
CA ARG A 64 -13.13 11.29 -6.32
C ARG A 64 -12.93 9.80 -6.53
N GLU A 65 -11.77 9.29 -6.14
CA GLU A 65 -11.39 7.88 -6.35
C GLU A 65 -11.15 7.15 -4.98
N PRO A 66 -12.10 7.18 -4.01
CA PRO A 66 -11.84 6.65 -2.67
C PRO A 66 -11.68 5.12 -2.60
N GLU A 67 -12.47 4.39 -3.39
CA GLU A 67 -12.45 2.93 -3.38
C GLU A 67 -11.05 2.42 -3.67
N ARG A 68 -10.51 2.83 -4.80
CA ARG A 68 -9.20 2.41 -5.22
C ARG A 68 -8.14 2.94 -4.26
N ALA A 69 -8.35 4.15 -3.75
CA ALA A 69 -7.40 4.80 -2.87
C ALA A 69 -7.19 3.99 -1.61
N ARG A 70 -8.28 3.65 -0.97
CA ARG A 70 -8.20 2.91 0.26
C ARG A 70 -7.83 1.45 0.00
N MET A 71 -8.32 0.90 -1.11
CA MET A 71 -8.10 -0.52 -1.40
C MET A 71 -6.64 -0.77 -1.73
N ALA A 72 -6.00 0.18 -2.40
CA ALA A 72 -4.63 0.03 -2.75
C ALA A 72 -3.78 0.24 -1.53
N VAL A 73 -4.09 1.29 -0.76
CA VAL A 73 -3.35 1.59 0.46
C VAL A 73 -3.29 0.39 1.38
N ARG A 74 -4.43 -0.19 1.69
CA ARG A 74 -4.49 -1.36 2.54
C ARG A 74 -3.64 -2.51 1.96
N SER A 75 -3.90 -2.84 0.72
CA SER A 75 -3.28 -3.97 0.06
C SER A 75 -1.76 -3.80 -0.06
N HIS A 76 -1.33 -2.60 -0.37
CA HIS A 76 0.08 -2.32 -0.53
C HIS A 76 0.77 -2.26 0.83
N LEU A 77 0.11 -1.65 1.83
CA LEU A 77 0.71 -1.56 3.16
C LEU A 77 0.83 -2.96 3.75
N ASP A 78 -0.09 -3.84 3.35
CA ASP A 78 -0.04 -5.23 3.79
C ASP A 78 1.31 -5.86 3.50
N ARG A 79 1.79 -5.77 2.29
CA ARG A 79 3.07 -6.42 2.00
C ARG A 79 4.22 -5.65 2.62
N ALA A 80 4.03 -4.36 2.77
CA ALA A 80 5.04 -3.51 3.33
C ALA A 80 5.23 -3.79 4.83
N ASN A 81 4.14 -3.75 5.58
CA ASN A 81 4.19 -3.96 7.03
C ASN A 81 4.44 -5.40 7.40
N TRP A 82 3.97 -6.31 6.57
CA TRP A 82 4.16 -7.75 6.81
C TRP A 82 5.63 -8.14 6.69
N MET A 83 6.35 -7.35 5.91
CA MET A 83 7.80 -7.53 5.70
C MET A 83 8.60 -7.26 7.02
N VAL A 84 7.95 -6.67 8.03
CA VAL A 84 8.64 -6.44 9.29
C VAL A 84 8.88 -7.76 10.04
N THR A 85 10.10 -8.24 9.93
CA THR A 85 10.51 -9.43 10.63
C THR A 85 10.61 -9.09 12.12
N THR A 86 10.87 -7.83 12.39
CA THR A 86 10.76 -7.29 13.68
C THR A 86 9.28 -6.96 13.86
N GLY A 87 8.56 -7.87 14.48
CA GLY A 87 7.11 -7.81 14.52
C GLY A 87 6.52 -6.79 15.46
N TYR A 88 7.36 -5.95 16.08
CA TYR A 88 6.90 -4.91 17.00
C TYR A 88 6.16 -5.55 18.18
N LYS A 89 5.44 -4.75 18.94
CA LYS A 89 4.57 -5.31 19.97
C LYS A 89 3.27 -5.65 19.28
N GLU A 90 2.94 -4.80 18.35
CA GLU A 90 1.78 -4.86 17.53
C GLU A 90 1.92 -3.66 16.61
N LEU A 91 1.34 -3.71 15.45
CA LEU A 91 1.47 -2.62 14.51
C LEU A 91 0.24 -1.73 14.54
N PHE A 92 -0.92 -2.34 14.75
CA PHE A 92 -2.15 -1.59 14.79
C PHE A 92 -2.45 -1.09 16.20
N ALA A 93 -2.69 -2.00 17.11
CA ALA A 93 -3.03 -1.65 18.49
C ALA A 93 -1.78 -1.41 19.31
N ARG A 94 -1.60 -0.23 19.74
CA ARG A 94 -0.45 0.13 20.51
C ARG A 94 -0.85 1.15 21.55
N GLY A 11 -8.57 -5.20 -18.93
CA GLY A 11 -7.89 -4.48 -17.86
C GLY A 11 -6.42 -4.62 -18.02
N SER A 12 -5.76 -3.54 -18.38
CA SER A 12 -4.36 -3.59 -18.68
C SER A 12 -3.50 -3.53 -17.42
N LYS A 13 -3.52 -4.62 -16.68
CA LYS A 13 -2.78 -4.75 -15.44
C LYS A 13 -1.33 -5.12 -15.70
N ARG A 14 -0.99 -5.14 -16.97
CA ARG A 14 0.38 -5.31 -17.41
C ARG A 14 1.09 -3.94 -17.36
N LYS A 15 0.34 -2.92 -17.02
CA LYS A 15 0.87 -1.59 -16.87
C LYS A 15 0.46 -1.00 -15.54
N VAL A 16 -0.82 -1.05 -15.22
CA VAL A 16 -1.29 -0.52 -13.95
C VAL A 16 -1.47 -1.63 -12.90
N GLN A 17 -0.81 -1.45 -11.77
CA GLN A 17 -0.84 -2.43 -10.69
C GLN A 17 -2.09 -2.21 -9.85
N ASP A 18 -2.06 -1.14 -9.04
CA ASP A 18 -3.15 -0.69 -8.11
C ASP A 18 -3.73 -1.81 -7.22
N GLU A 19 -2.98 -2.87 -7.05
CA GLU A 19 -3.34 -3.97 -6.17
C GLU A 19 -2.06 -4.71 -5.82
N VAL A 20 -2.11 -5.63 -4.90
CA VAL A 20 -0.94 -6.38 -4.51
C VAL A 20 -1.09 -7.84 -4.94
N PRO A 21 -0.05 -8.46 -5.49
CA PRO A 21 -0.06 -9.87 -5.84
C PRO A 21 0.06 -10.76 -4.58
N TRP A 22 -1.07 -11.24 -4.11
CA TRP A 22 -1.08 -12.10 -2.93
C TRP A 22 -1.77 -13.40 -3.24
N SER A 23 -2.34 -13.46 -4.42
CA SER A 23 -3.16 -14.58 -4.79
C SER A 23 -2.32 -15.74 -5.33
N ASP A 24 -1.26 -15.43 -6.06
CA ASP A 24 -0.44 -16.51 -6.59
C ASP A 24 0.93 -16.53 -5.99
N SER A 25 1.58 -15.40 -5.99
CA SER A 25 2.93 -15.21 -5.51
C SER A 25 3.28 -13.76 -5.72
N LEU A 26 4.45 -13.37 -5.26
CA LEU A 26 4.97 -12.06 -5.52
C LEU A 26 5.63 -12.17 -6.90
N THR A 27 5.63 -11.12 -7.68
CA THR A 27 6.07 -11.25 -9.05
C THR A 27 7.03 -10.14 -9.48
N ALA A 28 7.46 -10.20 -10.73
CA ALA A 28 8.43 -9.26 -11.26
C ALA A 28 7.87 -7.85 -11.43
N TYR A 29 6.56 -7.72 -11.60
CA TYR A 29 5.97 -6.42 -11.89
C TYR A 29 5.91 -5.56 -10.63
N ASP A 30 5.42 -6.17 -9.58
CA ASP A 30 5.26 -5.52 -8.30
C ASP A 30 6.58 -5.28 -7.63
N ASN A 31 7.51 -6.20 -7.86
CA ASN A 31 8.85 -6.19 -7.26
C ASN A 31 9.62 -4.91 -7.60
N GLU A 32 9.22 -4.25 -8.66
CA GLU A 32 9.92 -3.08 -9.14
C GLU A 32 9.32 -1.84 -8.46
N HIS A 33 8.28 -2.06 -7.70
CA HIS A 33 7.55 -1.00 -7.05
C HIS A 33 7.74 -1.04 -5.52
N PHE A 34 8.32 -2.11 -5.00
CA PHE A 34 8.44 -2.31 -3.55
C PHE A 34 9.14 -1.23 -2.75
N THR A 35 9.94 -0.43 -3.39
CA THR A 35 10.57 0.70 -2.73
C THR A 35 9.52 1.69 -2.19
N ILE A 36 8.42 1.87 -2.93
CA ILE A 36 7.41 2.83 -2.52
C ILE A 36 6.56 2.28 -1.36
N TYR A 37 6.59 0.97 -1.19
CA TYR A 37 5.88 0.30 -0.11
C TYR A 37 6.37 0.79 1.25
N MET A 38 7.66 1.08 1.33
CA MET A 38 8.26 1.63 2.56
C MET A 38 7.61 2.97 2.88
N ARG A 39 7.30 3.71 1.84
CA ARG A 39 6.71 5.04 1.97
C ARG A 39 5.27 4.90 2.45
N LEU A 40 4.61 3.90 1.93
CA LEU A 40 3.23 3.62 2.27
C LEU A 40 3.12 3.24 3.75
N LEU A 41 4.04 2.39 4.21
CA LEU A 41 4.01 1.98 5.59
C LEU A 41 4.45 3.12 6.50
N ASP A 42 5.29 4.00 5.97
CA ASP A 42 5.79 5.17 6.71
C ASP A 42 4.63 6.07 7.07
N ALA A 43 3.72 6.27 6.12
CA ALA A 43 2.54 7.07 6.36
C ALA A 43 1.61 6.37 7.37
N SER A 44 1.59 5.05 7.30
CA SER A 44 0.82 4.24 8.23
C SER A 44 1.39 4.37 9.65
N ALA A 45 2.71 4.55 9.74
CA ALA A 45 3.40 4.70 11.02
C ALA A 45 3.05 6.02 11.67
N ASP A 46 2.57 6.97 10.85
CA ASP A 46 2.16 8.27 11.36
C ASP A 46 0.73 8.17 11.92
N ASP A 47 0.15 6.96 11.76
CA ASP A 47 -1.20 6.62 12.24
C ASP A 47 -2.25 7.33 11.39
N ALA A 48 -1.86 7.58 10.16
CA ALA A 48 -2.71 8.21 9.19
C ALA A 48 -3.73 7.21 8.70
N SER A 49 -4.88 7.67 8.35
CA SER A 49 -5.93 6.83 7.82
C SER A 49 -5.63 6.56 6.36
N GLU A 50 -6.12 5.47 5.82
CA GLU A 50 -5.83 5.10 4.43
C GLU A 50 -6.28 6.15 3.43
N ASP A 51 -7.38 6.83 3.72
CA ASP A 51 -7.86 7.96 2.87
C ASP A 51 -6.81 9.06 2.86
N GLU A 52 -6.32 9.39 4.04
CA GLU A 52 -5.29 10.40 4.23
C GLU A 52 -4.05 10.02 3.47
N MET A 53 -3.62 8.81 3.70
CA MET A 53 -2.43 8.29 3.11
C MET A 53 -2.53 8.25 1.62
N ALA A 54 -3.58 7.66 1.11
CA ALA A 54 -3.80 7.52 -0.32
C ALA A 54 -3.70 8.84 -1.07
N GLN A 55 -4.14 9.87 -0.45
CA GLN A 55 -4.14 11.18 -1.02
C GLN A 55 -2.71 11.76 -1.07
N LEU A 56 -1.90 11.31 -0.14
CA LEU A 56 -0.54 11.80 0.01
C LEU A 56 0.46 10.90 -0.72
N VAL A 57 0.44 9.62 -0.38
CA VAL A 57 1.36 8.66 -0.93
C VAL A 57 0.94 8.17 -2.31
N LEU A 58 -0.33 7.84 -2.50
CA LEU A 58 -0.81 7.40 -3.82
C LEU A 58 -1.20 8.60 -4.66
N GLY A 59 -1.29 9.77 -4.00
CA GLY A 59 -1.63 10.99 -4.71
C GLY A 59 -3.03 10.97 -5.27
N ILE A 60 -3.89 10.22 -4.62
CA ILE A 60 -5.24 10.02 -5.09
C ILE A 60 -6.23 10.64 -4.14
N ASP A 61 -6.98 11.60 -4.62
CA ASP A 61 -7.95 12.25 -3.84
C ASP A 61 -9.16 11.36 -3.64
N PRO A 62 -9.44 10.97 -2.38
CA PRO A 62 -10.54 10.06 -2.03
C PRO A 62 -11.90 10.74 -2.15
N MET A 63 -11.87 11.99 -2.54
CA MET A 63 -13.06 12.75 -2.84
C MET A 63 -13.53 12.32 -4.20
N ARG A 64 -12.58 12.02 -5.04
CA ARG A 64 -12.82 11.64 -6.40
C ARG A 64 -12.79 10.12 -6.57
N GLU A 65 -11.71 9.51 -6.13
CA GLU A 65 -11.52 8.08 -6.32
C GLU A 65 -11.21 7.39 -4.97
N PRO A 66 -12.19 7.27 -4.06
CA PRO A 66 -11.95 6.72 -2.71
C PRO A 66 -11.64 5.23 -2.66
N GLU A 67 -12.38 4.39 -3.40
CA GLU A 67 -12.20 2.93 -3.32
C GLU A 67 -10.77 2.55 -3.67
N ARG A 68 -10.32 2.93 -4.85
CA ARG A 68 -8.97 2.62 -5.30
C ARG A 68 -7.92 3.24 -4.41
N ALA A 69 -8.22 4.40 -3.84
CA ALA A 69 -7.26 5.08 -2.99
C ALA A 69 -7.00 4.28 -1.73
N ARG A 70 -8.06 3.94 -1.03
CA ARG A 70 -7.95 3.26 0.21
C ARG A 70 -7.58 1.79 0.01
N MET A 71 -8.07 1.20 -1.07
CA MET A 71 -7.84 -0.20 -1.32
C MET A 71 -6.38 -0.44 -1.66
N ALA A 72 -5.77 0.49 -2.43
CA ALA A 72 -4.38 0.37 -2.80
C ALA A 72 -3.52 0.48 -1.57
N VAL A 73 -3.85 1.44 -0.72
CA VAL A 73 -3.14 1.63 0.53
C VAL A 73 -3.19 0.38 1.39
N ARG A 74 -4.40 -0.10 1.64
CA ARG A 74 -4.60 -1.25 2.50
C ARG A 74 -3.95 -2.51 1.94
N SER A 75 -3.96 -2.65 0.64
CA SER A 75 -3.36 -3.80 -0.01
C SER A 75 -1.84 -3.70 -0.03
N HIS A 76 -1.33 -2.54 -0.38
CA HIS A 76 0.11 -2.37 -0.50
C HIS A 76 0.80 -2.31 0.86
N LEU A 77 0.18 -1.68 1.85
CA LEU A 77 0.77 -1.62 3.20
C LEU A 77 0.84 -3.01 3.77
N ASP A 78 -0.10 -3.85 3.36
CA ASP A 78 -0.16 -5.21 3.82
C ASP A 78 1.10 -5.94 3.36
N ARG A 79 1.58 -5.65 2.17
CA ARG A 79 2.85 -6.26 1.77
C ARG A 79 4.01 -5.53 2.40
N ALA A 80 3.88 -4.21 2.47
CA ALA A 80 4.93 -3.34 2.96
C ALA A 80 5.36 -3.66 4.39
N ASN A 81 4.39 -3.73 5.28
CA ASN A 81 4.68 -3.96 6.70
C ASN A 81 5.09 -5.40 6.94
N TRP A 82 4.51 -6.30 6.17
CA TRP A 82 4.80 -7.74 6.28
C TRP A 82 6.20 -8.05 5.84
N MET A 83 6.70 -7.22 4.95
CA MET A 83 8.04 -7.35 4.42
C MET A 83 9.06 -6.81 5.43
N VAL A 84 8.56 -6.22 6.51
CA VAL A 84 9.41 -5.67 7.54
C VAL A 84 9.13 -6.35 8.86
N THR A 85 9.85 -7.41 9.15
CA THR A 85 9.65 -8.17 10.37
C THR A 85 10.06 -7.36 11.60
N THR A 86 10.93 -6.39 11.40
CA THR A 86 11.38 -5.52 12.44
C THR A 86 10.36 -4.40 12.72
N GLY A 87 9.38 -4.26 11.83
CA GLY A 87 8.41 -3.19 11.94
C GLY A 87 7.11 -3.66 12.54
N TYR A 88 7.21 -4.54 13.50
CA TYR A 88 6.06 -5.06 14.18
C TYR A 88 6.07 -4.63 15.62
N LYS A 89 5.60 -3.45 15.82
CA LYS A 89 5.53 -2.83 17.10
C LYS A 89 4.07 -2.66 17.49
N GLU A 90 3.36 -1.92 16.69
CA GLU A 90 1.95 -1.64 16.94
C GLU A 90 1.08 -2.71 16.26
N LEU A 91 1.69 -3.39 15.30
CA LEU A 91 0.99 -4.41 14.51
C LEU A 91 0.77 -5.70 15.30
N PHE A 92 1.36 -5.80 16.47
CA PHE A 92 1.19 -6.97 17.26
C PHE A 92 -0.15 -6.91 17.97
N ALA A 93 -1.10 -7.50 17.35
CA ALA A 93 -2.42 -7.62 17.85
C ALA A 93 -2.82 -9.05 17.69
N ARG A 94 -3.10 -9.69 18.77
CA ARG A 94 -3.47 -11.08 18.76
C ARG A 94 -4.89 -11.25 18.22
N GLY A 11 -7.40 8.07 -22.73
CA GLY A 11 -8.34 7.34 -21.88
C GLY A 11 -7.67 6.97 -20.58
N SER A 12 -8.45 6.80 -19.54
CA SER A 12 -7.94 6.47 -18.23
C SER A 12 -7.49 5.01 -18.18
N LYS A 13 -6.33 4.77 -17.64
CA LYS A 13 -5.86 3.42 -17.47
C LYS A 13 -5.90 3.03 -16.03
N ARG A 14 -6.38 1.86 -15.82
CA ARG A 14 -6.45 1.27 -14.53
C ARG A 14 -5.94 -0.14 -14.73
N LYS A 15 -5.52 -0.80 -13.67
CA LYS A 15 -4.90 -2.13 -13.71
C LYS A 15 -3.45 -2.02 -14.08
N VAL A 16 -2.91 -0.82 -13.89
CA VAL A 16 -1.47 -0.61 -14.05
C VAL A 16 -0.77 -1.30 -12.89
N GLN A 17 -1.55 -1.50 -11.86
CA GLN A 17 -1.23 -2.26 -10.72
C GLN A 17 -2.52 -2.37 -9.92
N ASP A 18 -2.80 -1.34 -9.14
CA ASP A 18 -4.03 -1.15 -8.32
C ASP A 18 -4.34 -2.32 -7.40
N GLU A 19 -3.35 -3.13 -7.14
CA GLU A 19 -3.45 -4.26 -6.25
C GLU A 19 -2.06 -4.62 -5.83
N VAL A 20 -1.94 -5.53 -4.91
CA VAL A 20 -0.65 -5.98 -4.51
C VAL A 20 -0.50 -7.45 -4.94
N PRO A 21 0.63 -7.83 -5.53
CA PRO A 21 0.90 -9.21 -5.90
C PRO A 21 0.95 -10.13 -4.67
N TRP A 22 -0.09 -10.91 -4.51
CA TRP A 22 -0.24 -11.79 -3.35
C TRP A 22 -1.12 -12.95 -3.77
N SER A 23 -2.18 -12.59 -4.49
CA SER A 23 -3.23 -13.45 -4.96
C SER A 23 -2.73 -14.81 -5.49
N ASP A 24 -1.80 -14.79 -6.42
CA ASP A 24 -1.29 -16.04 -6.94
C ASP A 24 0.17 -16.21 -6.59
N SER A 25 0.96 -15.21 -6.81
CA SER A 25 2.36 -15.22 -6.45
C SER A 25 2.84 -13.79 -6.33
N LEU A 26 3.93 -13.59 -5.62
CA LEU A 26 4.54 -12.30 -5.58
C LEU A 26 5.09 -12.10 -6.99
N THR A 27 4.73 -11.04 -7.63
CA THR A 27 5.02 -10.94 -9.02
C THR A 27 6.17 -9.95 -9.24
N ALA A 28 6.96 -10.22 -10.26
CA ALA A 28 8.19 -9.50 -10.56
C ALA A 28 8.00 -8.02 -10.85
N TYR A 29 6.89 -7.64 -11.49
CA TYR A 29 6.67 -6.26 -11.90
C TYR A 29 6.70 -5.30 -10.70
N ASP A 30 5.81 -5.52 -9.77
CA ASP A 30 5.68 -4.70 -8.60
C ASP A 30 6.78 -5.00 -7.57
N ASN A 31 7.45 -6.13 -7.75
CA ASN A 31 8.56 -6.50 -6.87
C ASN A 31 9.70 -5.49 -6.97
N GLU A 32 9.84 -4.89 -8.14
CA GLU A 32 10.83 -3.86 -8.39
C GLU A 32 10.36 -2.52 -7.79
N HIS A 33 9.06 -2.42 -7.59
CA HIS A 33 8.40 -1.20 -7.17
C HIS A 33 8.35 -1.13 -5.64
N PHE A 34 8.60 -2.27 -4.97
CA PHE A 34 8.54 -2.37 -3.51
C PHE A 34 9.35 -1.33 -2.76
N THR A 35 10.31 -0.75 -3.43
CA THR A 35 11.09 0.31 -2.88
C THR A 35 10.17 1.50 -2.44
N ILE A 36 9.07 1.73 -3.18
CA ILE A 36 8.15 2.83 -2.83
C ILE A 36 7.25 2.45 -1.63
N TYR A 37 7.14 1.16 -1.37
CA TYR A 37 6.29 0.62 -0.32
C TYR A 37 6.69 1.06 1.07
N MET A 38 7.97 1.26 1.27
CA MET A 38 8.46 1.70 2.57
C MET A 38 7.96 3.11 2.87
N ARG A 39 7.68 3.87 1.82
CA ARG A 39 7.18 5.23 1.97
C ARG A 39 5.70 5.19 2.30
N LEU A 40 5.02 4.17 1.80
CA LEU A 40 3.60 4.00 2.02
C LEU A 40 3.35 3.60 3.47
N LEU A 41 4.20 2.72 3.99
CA LEU A 41 4.05 2.23 5.37
C LEU A 41 4.38 3.34 6.35
N ASP A 42 5.25 4.24 5.93
CA ASP A 42 5.67 5.37 6.74
C ASP A 42 4.47 6.21 7.15
N ALA A 43 3.52 6.34 6.23
CA ALA A 43 2.31 7.09 6.46
C ALA A 43 1.36 6.34 7.43
N SER A 44 1.30 5.02 7.32
CA SER A 44 0.45 4.25 8.21
C SER A 44 1.05 4.21 9.62
N ALA A 45 2.38 4.25 9.68
CA ALA A 45 3.09 4.28 10.95
C ALA A 45 2.97 5.68 11.56
N ASP A 46 2.52 6.63 10.77
CA ASP A 46 2.33 8.01 11.20
C ASP A 46 0.93 8.16 11.78
N ASP A 47 0.17 7.06 11.68
CA ASP A 47 -1.22 6.92 12.20
C ASP A 47 -2.21 7.67 11.32
N ALA A 48 -1.79 7.94 10.10
CA ALA A 48 -2.62 8.61 9.14
C ALA A 48 -3.73 7.67 8.69
N SER A 49 -4.89 8.20 8.35
CA SER A 49 -5.97 7.37 7.87
C SER A 49 -5.77 7.07 6.39
N GLU A 50 -6.44 6.04 5.90
CA GLU A 50 -6.28 5.56 4.53
C GLU A 50 -6.55 6.62 3.49
N ASP A 51 -7.60 7.40 3.70
CA ASP A 51 -7.99 8.46 2.77
C ASP A 51 -6.95 9.56 2.73
N GLU A 52 -6.34 9.80 3.88
CA GLU A 52 -5.27 10.75 4.02
C GLU A 52 -4.05 10.27 3.30
N MET A 53 -3.68 9.04 3.60
CA MET A 53 -2.49 8.44 3.07
C MET A 53 -2.58 8.32 1.59
N ALA A 54 -3.66 7.75 1.12
CA ALA A 54 -3.92 7.52 -0.29
C ALA A 54 -3.73 8.75 -1.12
N GLN A 55 -4.12 9.86 -0.58
CA GLN A 55 -4.04 11.11 -1.27
C GLN A 55 -2.60 11.62 -1.32
N LEU A 56 -1.83 11.22 -0.35
CA LEU A 56 -0.46 11.69 -0.22
C LEU A 56 0.52 10.72 -0.88
N VAL A 57 0.48 9.48 -0.43
CA VAL A 57 1.39 8.45 -0.88
C VAL A 57 0.98 7.82 -2.21
N LEU A 58 -0.30 7.53 -2.38
CA LEU A 58 -0.77 6.96 -3.64
C LEU A 58 -1.19 8.05 -4.60
N GLY A 59 -1.30 9.28 -4.09
CA GLY A 59 -1.69 10.39 -4.94
C GLY A 59 -3.14 10.30 -5.38
N ILE A 60 -3.93 9.60 -4.63
CA ILE A 60 -5.29 9.32 -5.01
C ILE A 60 -6.25 10.10 -4.18
N ASP A 61 -7.02 10.91 -4.84
CA ASP A 61 -7.97 11.76 -4.20
C ASP A 61 -9.20 10.97 -3.81
N PRO A 62 -9.49 10.88 -2.50
CA PRO A 62 -10.66 10.14 -2.00
C PRO A 62 -11.94 10.95 -2.20
N MET A 63 -11.76 12.10 -2.81
CA MET A 63 -12.83 12.97 -3.21
C MET A 63 -13.35 12.49 -4.53
N ARG A 64 -12.46 11.90 -5.29
CA ARG A 64 -12.77 11.37 -6.58
C ARG A 64 -13.24 9.93 -6.46
N GLU A 65 -12.43 9.07 -5.90
CA GLU A 65 -12.83 7.69 -5.68
C GLU A 65 -12.11 7.15 -4.45
N PRO A 66 -12.75 7.23 -3.27
CA PRO A 66 -12.15 6.76 -2.01
C PRO A 66 -11.96 5.25 -1.99
N GLU A 67 -12.71 4.54 -2.81
CA GLU A 67 -12.64 3.10 -2.91
C GLU A 67 -11.25 2.66 -3.33
N ARG A 68 -10.77 3.17 -4.45
CA ARG A 68 -9.44 2.81 -4.92
C ARG A 68 -8.37 3.36 -4.01
N ALA A 69 -8.68 4.47 -3.36
CA ALA A 69 -7.77 5.08 -2.42
C ALA A 69 -7.48 4.12 -1.26
N ARG A 70 -8.53 3.62 -0.66
CA ARG A 70 -8.40 2.73 0.47
C ARG A 70 -7.92 1.34 0.04
N MET A 71 -8.38 0.88 -1.14
CA MET A 71 -8.02 -0.46 -1.63
C MET A 71 -6.53 -0.53 -1.89
N ALA A 72 -5.95 0.55 -2.42
CA ALA A 72 -4.56 0.57 -2.73
C ALA A 72 -3.77 0.68 -1.45
N VAL A 73 -4.17 1.58 -0.57
CA VAL A 73 -3.49 1.77 0.71
C VAL A 73 -3.42 0.48 1.52
N ARG A 74 -4.58 -0.13 1.77
CA ARG A 74 -4.62 -1.35 2.57
C ARG A 74 -3.83 -2.49 1.95
N SER A 75 -3.88 -2.60 0.65
CA SER A 75 -3.20 -3.67 -0.05
C SER A 75 -1.68 -3.42 -0.13
N HIS A 76 -1.31 -2.20 -0.45
CA HIS A 76 0.10 -1.87 -0.60
C HIS A 76 0.80 -1.88 0.75
N LEU A 77 0.16 -1.34 1.78
CA LEU A 77 0.76 -1.32 3.11
C LEU A 77 0.93 -2.74 3.61
N ASP A 78 0.04 -3.61 3.17
CA ASP A 78 0.03 -4.99 3.59
C ASP A 78 1.34 -5.66 3.17
N ARG A 79 1.87 -5.36 1.99
CA ARG A 79 3.17 -5.94 1.64
C ARG A 79 4.28 -5.17 2.32
N ALA A 80 4.10 -3.86 2.41
CA ALA A 80 5.10 -2.95 2.91
C ALA A 80 5.45 -3.24 4.37
N ASN A 81 4.45 -3.32 5.20
CA ASN A 81 4.67 -3.52 6.63
C ASN A 81 5.12 -4.95 6.90
N TRP A 82 4.68 -5.86 6.08
CA TRP A 82 5.06 -7.25 6.20
C TRP A 82 6.53 -7.46 5.89
N MET A 83 7.08 -6.60 5.06
CA MET A 83 8.48 -6.66 4.71
C MET A 83 9.35 -6.18 5.89
N VAL A 84 8.83 -5.23 6.65
CA VAL A 84 9.58 -4.68 7.74
C VAL A 84 9.31 -5.36 9.08
N THR A 85 10.34 -5.86 9.68
CA THR A 85 10.27 -6.40 11.01
C THR A 85 11.10 -5.54 11.95
N THR A 86 11.76 -4.57 11.36
CA THR A 86 12.60 -3.66 12.05
C THR A 86 11.76 -2.51 12.63
N GLY A 87 11.47 -2.58 13.92
CA GLY A 87 10.70 -1.51 14.57
C GLY A 87 9.23 -1.56 14.18
N TYR A 88 8.48 -2.40 14.84
CA TYR A 88 7.09 -2.58 14.49
C TYR A 88 6.22 -2.36 15.74
N LYS A 89 4.96 -2.03 15.53
CA LYS A 89 4.00 -1.88 16.61
C LYS A 89 3.53 -3.27 17.05
N GLU A 90 2.88 -3.37 18.18
CA GLU A 90 2.44 -4.67 18.63
C GLU A 90 1.21 -5.14 17.87
N LEU A 91 1.34 -6.30 17.27
CA LEU A 91 0.27 -6.94 16.50
C LEU A 91 -0.44 -7.97 17.36
N PHE A 92 -0.16 -7.91 18.63
CA PHE A 92 -0.71 -8.83 19.57
C PHE A 92 -1.90 -8.18 20.23
N ALA A 93 -3.02 -8.84 20.17
CA ALA A 93 -4.22 -8.29 20.72
C ALA A 93 -4.47 -8.87 22.10
N ARG A 94 -4.20 -8.06 23.09
CA ARG A 94 -4.38 -8.44 24.47
C ARG A 94 -5.18 -7.39 25.20
N GLY A 11 1.56 -7.32 -21.86
CA GLY A 11 1.11 -6.24 -20.98
C GLY A 11 2.26 -5.57 -20.29
N SER A 12 3.15 -5.00 -21.06
CA SER A 12 4.29 -4.33 -20.53
C SER A 12 4.40 -2.92 -21.09
N LYS A 13 3.91 -1.98 -20.32
CA LYS A 13 3.93 -0.58 -20.64
C LYS A 13 3.64 0.15 -19.35
N ARG A 14 2.41 0.00 -18.93
CA ARG A 14 1.91 0.53 -17.70
C ARG A 14 0.50 0.04 -17.52
N LYS A 15 0.32 -0.81 -16.57
CA LYS A 15 -0.98 -1.31 -16.27
C LYS A 15 -1.44 -0.67 -14.98
N VAL A 16 -2.73 -0.53 -14.81
CA VAL A 16 -3.22 -0.04 -13.55
C VAL A 16 -3.07 -1.13 -12.52
N GLN A 17 -2.61 -0.77 -11.39
CA GLN A 17 -2.33 -1.74 -10.38
C GLN A 17 -3.40 -1.66 -9.29
N ASP A 18 -3.20 -0.72 -8.36
CA ASP A 18 -4.13 -0.43 -7.25
C ASP A 18 -4.37 -1.68 -6.35
N GLU A 19 -3.43 -2.61 -6.38
CA GLU A 19 -3.52 -3.84 -5.62
C GLU A 19 -2.13 -4.39 -5.38
N VAL A 20 -2.03 -5.43 -4.59
CA VAL A 20 -0.75 -6.03 -4.28
C VAL A 20 -0.84 -7.52 -4.67
N PRO A 21 0.22 -8.09 -5.24
CA PRO A 21 0.24 -9.49 -5.62
C PRO A 21 0.26 -10.48 -4.42
N TRP A 22 -0.92 -10.75 -3.90
CA TRP A 22 -1.16 -11.77 -2.87
C TRP A 22 -2.17 -12.74 -3.48
N SER A 23 -2.53 -12.43 -4.69
CA SER A 23 -3.56 -13.10 -5.43
C SER A 23 -3.08 -14.41 -6.05
N ASP A 24 -2.00 -14.35 -6.80
CA ASP A 24 -1.51 -15.56 -7.45
C ASP A 24 -0.18 -15.95 -6.88
N SER A 25 0.70 -14.97 -6.79
CA SER A 25 2.03 -15.12 -6.25
C SER A 25 2.58 -13.71 -6.12
N LEU A 26 3.76 -13.58 -5.56
CA LEU A 26 4.42 -12.31 -5.49
C LEU A 26 5.10 -12.13 -6.85
N THR A 27 5.06 -10.95 -7.41
CA THR A 27 5.46 -10.79 -8.77
C THR A 27 6.58 -9.77 -8.90
N ALA A 28 7.30 -9.87 -9.99
CA ALA A 28 8.45 -9.04 -10.27
C ALA A 28 8.11 -7.55 -10.39
N TYR A 29 6.91 -7.21 -10.88
CA TYR A 29 6.57 -5.81 -11.07
C TYR A 29 6.49 -5.09 -9.73
N ASP A 30 5.83 -5.69 -8.75
CA ASP A 30 5.80 -5.12 -7.43
C ASP A 30 7.07 -5.34 -6.70
N ASN A 31 7.78 -6.39 -7.04
CA ASN A 31 9.06 -6.68 -6.41
C ASN A 31 10.03 -5.49 -6.62
N GLU A 32 10.01 -4.90 -7.82
CA GLU A 32 10.82 -3.69 -8.12
C GLU A 32 10.22 -2.45 -7.45
N HIS A 33 8.94 -2.53 -7.19
CA HIS A 33 8.11 -1.42 -6.71
C HIS A 33 8.19 -1.34 -5.17
N PHE A 34 8.60 -2.42 -4.53
CA PHE A 34 8.61 -2.51 -3.07
C PHE A 34 9.43 -1.44 -2.37
N THR A 35 10.34 -0.84 -3.08
CA THR A 35 11.08 0.26 -2.56
C THR A 35 10.10 1.41 -2.18
N ILE A 36 9.06 1.63 -3.00
CA ILE A 36 8.13 2.72 -2.74
C ILE A 36 7.17 2.35 -1.62
N TYR A 37 7.05 1.05 -1.39
CA TYR A 37 6.21 0.49 -0.34
C TYR A 37 6.65 0.93 1.03
N MET A 38 7.95 1.10 1.19
CA MET A 38 8.50 1.55 2.46
C MET A 38 8.04 2.97 2.78
N ARG A 39 7.76 3.73 1.73
CA ARG A 39 7.26 5.07 1.90
C ARG A 39 5.78 5.06 2.25
N LEU A 40 5.07 4.09 1.70
CA LEU A 40 3.65 3.95 1.93
C LEU A 40 3.38 3.56 3.39
N LEU A 41 4.25 2.72 3.93
CA LEU A 41 4.11 2.27 5.31
C LEU A 41 4.43 3.40 6.28
N ASP A 42 5.29 4.31 5.84
CA ASP A 42 5.72 5.46 6.64
C ASP A 42 4.51 6.29 7.06
N ALA A 43 3.57 6.45 6.14
CA ALA A 43 2.35 7.19 6.41
C ALA A 43 1.42 6.39 7.32
N SER A 44 1.46 5.07 7.20
CA SER A 44 0.65 4.18 8.01
C SER A 44 1.13 4.28 9.47
N ALA A 45 2.44 4.37 9.64
CA ALA A 45 3.07 4.48 10.95
C ALA A 45 2.88 5.88 11.55
N ASP A 46 2.27 6.76 10.78
CA ASP A 46 2.01 8.12 11.23
C ASP A 46 0.60 8.18 11.80
N ASP A 47 -0.06 7.02 11.76
CA ASP A 47 -1.44 6.82 12.20
C ASP A 47 -2.35 7.68 11.34
N ALA A 48 -2.20 7.49 10.07
CA ALA A 48 -3.00 8.16 9.09
C ALA A 48 -4.01 7.18 8.57
N SER A 49 -5.15 7.66 8.14
CA SER A 49 -6.14 6.78 7.59
C SER A 49 -5.82 6.52 6.13
N GLU A 50 -6.36 5.45 5.60
CA GLU A 50 -6.11 5.03 4.23
C GLU A 50 -6.44 6.09 3.20
N ASP A 51 -7.50 6.83 3.45
CA ASP A 51 -7.93 7.92 2.54
C ASP A 51 -6.92 9.06 2.56
N GLU A 52 -6.41 9.37 3.74
CA GLU A 52 -5.40 10.37 3.91
C GLU A 52 -4.14 9.95 3.20
N MET A 53 -3.71 8.75 3.51
CA MET A 53 -2.48 8.20 2.97
C MET A 53 -2.54 8.10 1.48
N ALA A 54 -3.58 7.51 0.96
CA ALA A 54 -3.78 7.33 -0.47
C ALA A 54 -3.61 8.61 -1.24
N GLN A 55 -4.07 9.68 -0.65
CA GLN A 55 -4.01 10.99 -1.25
C GLN A 55 -2.56 11.51 -1.27
N LEU A 56 -1.81 11.10 -0.30
CA LEU A 56 -0.48 11.62 -0.09
C LEU A 56 0.58 10.73 -0.74
N VAL A 57 0.57 9.47 -0.37
CA VAL A 57 1.56 8.53 -0.83
C VAL A 57 1.26 8.03 -2.24
N LEU A 58 -0.01 7.78 -2.55
CA LEU A 58 -0.36 7.37 -3.90
C LEU A 58 -0.84 8.54 -4.74
N GLY A 59 -1.08 9.67 -4.09
CA GLY A 59 -1.50 10.84 -4.82
C GLY A 59 -2.93 10.72 -5.34
N ILE A 60 -3.68 9.87 -4.70
CA ILE A 60 -5.01 9.56 -5.15
C ILE A 60 -6.02 10.17 -4.22
N ASP A 61 -6.71 11.15 -4.73
CA ASP A 61 -7.74 11.84 -3.99
C ASP A 61 -8.91 10.92 -3.71
N PRO A 62 -9.19 10.64 -2.43
CA PRO A 62 -10.26 9.73 -2.04
C PRO A 62 -11.64 10.37 -2.07
N MET A 63 -11.73 11.61 -2.48
CA MET A 63 -13.02 12.24 -2.60
C MET A 63 -13.59 11.90 -3.97
N ARG A 64 -12.69 11.75 -4.91
CA ARG A 64 -13.00 11.41 -6.30
C ARG A 64 -12.68 9.95 -6.64
N GLU A 65 -11.57 9.45 -6.13
CA GLU A 65 -11.09 8.08 -6.41
C GLU A 65 -10.96 7.24 -5.09
N PRO A 66 -12.01 7.16 -4.23
CA PRO A 66 -11.87 6.59 -2.88
C PRO A 66 -11.66 5.08 -2.83
N GLU A 67 -12.41 4.34 -3.64
CA GLU A 67 -12.39 2.89 -3.61
C GLU A 67 -11.00 2.38 -3.92
N ARG A 68 -10.47 2.83 -5.03
CA ARG A 68 -9.14 2.46 -5.45
C ARG A 68 -8.09 2.99 -4.46
N ALA A 69 -8.33 4.20 -3.93
CA ALA A 69 -7.40 4.83 -3.00
C ALA A 69 -7.20 3.98 -1.77
N ARG A 70 -8.31 3.61 -1.14
CA ARG A 70 -8.23 2.85 0.07
C ARG A 70 -7.83 1.42 -0.20
N MET A 71 -8.28 0.88 -1.33
CA MET A 71 -8.00 -0.51 -1.65
C MET A 71 -6.53 -0.69 -1.93
N ALA A 72 -5.91 0.31 -2.55
CA ALA A 72 -4.53 0.23 -2.87
C ALA A 72 -3.72 0.36 -1.62
N VAL A 73 -3.99 1.37 -0.82
CA VAL A 73 -3.26 1.59 0.43
C VAL A 73 -3.35 0.39 1.36
N ARG A 74 -4.55 -0.10 1.57
CA ARG A 74 -4.81 -1.23 2.45
C ARG A 74 -4.08 -2.50 1.96
N SER A 75 -3.92 -2.60 0.66
CA SER A 75 -3.24 -3.72 0.05
C SER A 75 -1.70 -3.50 0.04
N HIS A 76 -1.28 -2.32 -0.37
CA HIS A 76 0.13 -2.00 -0.51
C HIS A 76 0.84 -1.96 0.84
N LEU A 77 0.20 -1.38 1.87
CA LEU A 77 0.81 -1.30 3.19
C LEU A 77 0.99 -2.71 3.74
N ASP A 78 0.10 -3.59 3.34
CA ASP A 78 0.10 -4.95 3.82
C ASP A 78 1.37 -5.65 3.39
N ARG A 79 1.83 -5.44 2.17
CA ARG A 79 3.14 -6.03 1.83
C ARG A 79 4.26 -5.19 2.40
N ALA A 80 4.06 -3.89 2.44
CA ALA A 80 5.08 -2.95 2.88
C ALA A 80 5.55 -3.21 4.30
N ASN A 81 4.61 -3.30 5.22
CA ASN A 81 4.96 -3.49 6.63
C ASN A 81 5.45 -4.89 6.90
N TRP A 82 4.96 -5.82 6.12
CA TRP A 82 5.33 -7.23 6.23
C TRP A 82 6.73 -7.43 5.68
N MET A 83 7.12 -6.56 4.75
CA MET A 83 8.46 -6.52 4.18
C MET A 83 9.43 -6.20 5.30
N VAL A 84 9.05 -5.28 6.16
CA VAL A 84 9.86 -4.92 7.29
C VAL A 84 9.51 -5.87 8.42
N THR A 85 10.13 -7.05 8.41
CA THR A 85 9.89 -8.15 9.36
C THR A 85 8.45 -8.70 9.27
N THR A 86 8.31 -9.90 8.71
CA THR A 86 7.01 -10.52 8.58
C THR A 86 6.41 -10.76 9.99
N GLY A 87 5.43 -9.96 10.32
CA GLY A 87 4.83 -10.01 11.63
C GLY A 87 5.05 -8.72 12.37
N TYR A 88 5.06 -7.62 11.61
CA TYR A 88 5.24 -6.28 12.13
C TYR A 88 4.11 -5.99 13.11
N LYS A 89 2.88 -6.22 12.61
CA LYS A 89 1.60 -6.16 13.34
C LYS A 89 1.26 -4.79 13.97
N GLU A 90 2.14 -4.29 14.78
CA GLU A 90 1.91 -3.10 15.55
C GLU A 90 2.06 -1.80 14.75
N LEU A 91 1.08 -1.56 13.94
CA LEU A 91 0.87 -0.28 13.30
C LEU A 91 -0.18 0.45 14.09
N PHE A 92 -1.00 -0.37 14.67
CA PHE A 92 -2.10 0.01 15.44
C PHE A 92 -2.12 -0.85 16.67
N ALA A 93 -2.64 -0.35 17.74
CA ALA A 93 -2.76 -1.12 18.95
C ALA A 93 -4.11 -1.80 18.95
N ARG A 94 -4.12 -3.01 18.52
CA ARG A 94 -5.34 -3.76 18.39
C ARG A 94 -4.94 -5.22 18.37
#